data_1ZIS
#
_entry.id   1ZIS
#
_cell.length_a   153.690
_cell.length_b   153.690
_cell.length_c   296.300
_cell.angle_alpha   90.00
_cell.angle_beta   90.00
_cell.angle_gamma   120.00
#
_symmetry.space_group_name_H-M   'P 63 2 2'
#
loop_
_entity.id
_entity.type
_entity.pdbx_description
1 polymer '6,7-dimethyl-8-ribityllumazine synthase'
2 non-polymer 'PHOSPHATE ION'
3 non-polymer 5-NITRO-6-RIBITYL-AMINO-2,4(1H,3H)-PYRIMIDINEDIONE
#
_entity_poly.entity_id   1
_entity_poly.type   'polypeptide(L)'
_entity_poly.pdbx_seq_one_letter_code
;MNIIQGNLVGTGLKIGIVVGRFNDFITSKLLSGAEDALLRHGVDTNDIDVAWVPGAFEIPFAAKKMAETKKYDAIITLGT
VIRGATTHYDYVCNEAAKGIAQAANTTGVPVIFGIVTTENIEQAIERAGTKAGNKGVDCAVSAIEMANLNRSFE
;
_entity_poly.pdbx_strand_id   A,B,C,D,E,F,G,H,I,J
#
loop_
_chem_comp.id
_chem_comp.type
_chem_comp.name
_chem_comp.formula
INI non-polymer 5-NITRO-6-RIBITYL-AMINO-2,4(1H,3H)-PYRIMIDINEDIONE 'C9 H14 N4 O8'
PO4 non-polymer 'PHOSPHATE ION' 'O4 P -3'
#
# COMPACT_ATOMS: atom_id res chain seq x y z
N MET A 1 -63.97 -35.65 26.86
CA MET A 1 -62.60 -35.93 26.35
C MET A 1 -62.66 -36.09 24.83
N ASN A 2 -61.50 -36.11 24.20
CA ASN A 2 -61.43 -36.25 22.75
C ASN A 2 -60.76 -37.56 22.38
N ILE A 3 -61.48 -38.41 21.67
CA ILE A 3 -60.97 -39.71 21.27
C ILE A 3 -60.22 -39.76 19.95
N ILE A 4 -59.11 -40.48 19.95
CA ILE A 4 -58.25 -40.67 18.79
C ILE A 4 -58.15 -42.18 18.60
N GLN A 5 -58.65 -42.69 17.49
CA GLN A 5 -58.60 -44.13 17.25
C GLN A 5 -57.95 -44.45 15.93
N GLY A 6 -58.15 -45.69 15.50
CA GLY A 6 -57.64 -46.19 14.24
C GLY A 6 -58.68 -47.20 13.83
N ASN A 7 -59.26 -47.04 12.65
CA ASN A 7 -60.28 -47.99 12.19
C ASN A 7 -59.60 -49.16 11.49
N LEU A 8 -60.37 -50.19 11.18
CA LEU A 8 -59.80 -51.37 10.53
C LEU A 8 -59.91 -51.41 9.00
N VAL A 9 -59.84 -50.24 8.37
CA VAL A 9 -59.92 -50.21 6.90
C VAL A 9 -58.51 -50.24 6.34
N GLY A 10 -58.14 -51.37 5.77
CA GLY A 10 -56.80 -51.51 5.25
C GLY A 10 -56.55 -50.97 3.85
N THR A 11 -57.63 -50.55 3.18
CA THR A 11 -57.49 -50.04 1.82
C THR A 11 -56.44 -48.95 1.69
N GLY A 12 -55.54 -49.14 0.73
CA GLY A 12 -54.50 -48.16 0.48
C GLY A 12 -53.25 -48.27 1.33
N LEU A 13 -53.28 -49.15 2.32
CA LEU A 13 -52.12 -49.33 3.19
C LEU A 13 -51.05 -50.19 2.56
N LYS A 14 -49.80 -49.90 2.91
CA LYS A 14 -48.66 -50.64 2.43
C LYS A 14 -48.03 -51.30 3.66
N ILE A 15 -48.06 -52.62 3.68
CA ILE A 15 -47.56 -53.38 4.82
C ILE A 15 -46.31 -54.20 4.56
N GLY A 16 -45.39 -54.14 5.52
CA GLY A 16 -44.16 -54.91 5.44
C GLY A 16 -44.21 -56.00 6.51
N ILE A 17 -43.78 -57.20 6.17
CA ILE A 17 -43.77 -58.31 7.12
C ILE A 17 -42.43 -59.01 7.19
N VAL A 18 -41.97 -59.26 8.41
CA VAL A 18 -40.70 -59.96 8.63
C VAL A 18 -41.03 -61.28 9.37
N VAL A 19 -40.70 -62.40 8.74
CA VAL A 19 -40.99 -63.71 9.32
C VAL A 19 -39.71 -64.52 9.54
N GLY A 20 -39.64 -65.22 10.68
CA GLY A 20 -38.47 -66.04 10.96
C GLY A 20 -38.63 -67.43 10.39
N ARG A 21 -37.57 -67.98 9.79
CA ARG A 21 -37.63 -69.31 9.19
C ARG A 21 -37.69 -70.34 10.30
N PHE A 22 -37.03 -70.04 11.41
CA PHE A 22 -37.00 -70.95 12.54
C PHE A 22 -38.43 -71.26 12.98
N ASN A 23 -38.72 -72.55 13.14
CA ASN A 23 -40.07 -73.00 13.53
C ASN A 23 -41.11 -72.61 12.46
N ASP A 24 -40.69 -72.60 11.20
CA ASP A 24 -41.56 -72.25 10.09
C ASP A 24 -42.85 -73.08 10.03
N PHE A 25 -42.82 -74.24 10.67
CA PHE A 25 -43.99 -75.11 10.71
C PHE A 25 -45.12 -74.28 11.29
N ILE A 26 -44.75 -73.41 12.22
CA ILE A 26 -45.70 -72.53 12.87
C ILE A 26 -45.75 -71.16 12.20
N THR A 27 -44.60 -70.50 12.10
CA THR A 27 -44.54 -69.16 11.51
C THR A 27 -45.18 -69.03 10.14
N SER A 28 -45.08 -70.07 9.31
CA SER A 28 -45.70 -69.99 8.00
C SER A 28 -47.23 -69.83 8.13
N LYS A 29 -47.83 -70.51 9.11
CA LYS A 29 -49.26 -70.41 9.33
C LYS A 29 -49.57 -69.04 9.90
N LEU A 30 -48.59 -68.45 10.56
CA LEU A 30 -48.78 -67.11 11.11
C LEU A 30 -48.81 -66.12 9.95
N LEU A 31 -47.90 -66.33 9.00
CA LEU A 31 -47.77 -65.49 7.84
C LEU A 31 -49.01 -65.53 6.98
N SER A 32 -49.46 -66.74 6.66
CA SER A 32 -50.65 -66.88 5.82
C SER A 32 -51.86 -66.29 6.55
N GLY A 33 -51.86 -66.37 7.87
CA GLY A 33 -52.96 -65.82 8.62
C GLY A 33 -52.97 -64.33 8.46
N ALA A 34 -51.82 -63.72 8.60
CA ALA A 34 -51.70 -62.27 8.47
C ALA A 34 -52.07 -61.82 7.06
N GLU A 35 -51.60 -62.56 6.07
CA GLU A 35 -51.90 -62.21 4.69
C GLU A 35 -53.40 -62.17 4.44
N ASP A 36 -54.07 -63.27 4.73
CA ASP A 36 -55.51 -63.33 4.52
C ASP A 36 -56.22 -62.22 5.28
N ALA A 37 -55.81 -62.01 6.53
CA ALA A 37 -56.42 -60.98 7.36
C ALA A 37 -56.29 -59.62 6.68
N LEU A 38 -55.08 -59.31 6.21
CA LEU A 38 -54.81 -58.05 5.54
C LEU A 38 -55.68 -57.90 4.30
N LEU A 39 -55.70 -58.91 3.44
CA LEU A 39 -56.50 -58.87 2.23
C LEU A 39 -57.96 -58.64 2.54
N ARG A 40 -58.53 -59.46 3.41
CA ARG A 40 -59.93 -59.32 3.74
C ARG A 40 -60.29 -57.99 4.40
N HIS A 41 -59.27 -57.21 4.73
CA HIS A 41 -59.50 -55.89 5.35
C HIS A 41 -59.28 -54.78 4.32
N GLY A 42 -59.02 -55.14 3.08
CA GLY A 42 -58.84 -54.15 2.05
C GLY A 42 -57.43 -53.88 1.52
N VAL A 43 -56.42 -54.51 2.11
CA VAL A 43 -55.05 -54.32 1.68
C VAL A 43 -54.81 -55.09 0.39
N ASP A 44 -54.12 -54.46 -0.56
CA ASP A 44 -53.85 -55.14 -1.82
C ASP A 44 -52.64 -56.03 -1.68
N THR A 45 -52.80 -57.28 -2.11
CA THR A 45 -51.73 -58.25 -2.02
C THR A 45 -50.39 -57.73 -2.52
N ASN A 46 -50.41 -56.86 -3.52
CA ASN A 46 -49.16 -56.33 -4.05
C ASN A 46 -48.56 -55.27 -3.16
N ASP A 47 -49.37 -54.74 -2.24
CA ASP A 47 -48.89 -53.72 -1.30
C ASP A 47 -48.30 -54.39 -0.07
N ILE A 48 -48.05 -55.69 -0.15
CA ILE A 48 -47.48 -56.45 0.97
C ILE A 48 -46.12 -57.08 0.65
N ASP A 49 -45.08 -56.63 1.35
CA ASP A 49 -43.74 -57.19 1.15
C ASP A 49 -43.35 -58.05 2.34
N VAL A 50 -42.92 -59.27 2.05
CA VAL A 50 -42.53 -60.20 3.10
C VAL A 50 -41.05 -60.51 3.03
N ALA A 51 -40.35 -60.34 4.15
CA ALA A 51 -38.91 -60.64 4.19
C ALA A 51 -38.64 -61.76 5.21
N TRP A 52 -37.95 -62.79 4.77
CA TRP A 52 -37.61 -63.94 5.62
C TRP A 52 -36.20 -63.81 6.20
N VAL A 53 -36.09 -64.10 7.50
CA VAL A 53 -34.79 -64.07 8.17
C VAL A 53 -34.63 -65.41 8.90
N PRO A 54 -33.39 -65.81 9.21
CA PRO A 54 -33.14 -67.07 9.91
C PRO A 54 -34.02 -67.27 11.15
N GLY A 55 -33.75 -66.51 12.19
CA GLY A 55 -34.53 -66.63 13.41
C GLY A 55 -35.04 -65.31 13.94
N ALA A 56 -35.72 -65.36 15.07
CA ALA A 56 -36.28 -64.17 15.69
C ALA A 56 -35.25 -63.13 16.08
N PHE A 57 -34.01 -63.55 16.33
CA PHE A 57 -32.98 -62.59 16.72
C PHE A 57 -32.75 -61.64 15.55
N GLU A 58 -32.93 -62.14 14.33
CA GLU A 58 -32.75 -61.38 13.11
C GLU A 58 -33.92 -60.48 12.79
N ILE A 59 -35.10 -60.83 13.29
CA ILE A 59 -36.30 -60.06 13.01
C ILE A 59 -36.15 -58.56 13.21
N PRO A 60 -35.62 -58.12 14.35
CA PRO A 60 -35.45 -56.69 14.60
C PRO A 60 -34.61 -56.01 13.52
N PHE A 61 -33.51 -56.64 13.13
CA PHE A 61 -32.62 -56.11 12.11
C PHE A 61 -33.36 -55.83 10.80
N ALA A 62 -34.12 -56.81 10.34
CA ALA A 62 -34.87 -56.64 9.09
C ALA A 62 -36.03 -55.66 9.26
N ALA A 63 -36.71 -55.73 10.40
CA ALA A 63 -37.85 -54.84 10.64
C ALA A 63 -37.44 -53.39 10.60
N LYS A 64 -36.31 -53.07 11.23
CA LYS A 64 -35.83 -51.70 11.24
C LYS A 64 -35.48 -51.23 9.86
N LYS A 65 -34.75 -52.05 9.10
CA LYS A 65 -34.36 -51.68 7.75
C LYS A 65 -35.57 -51.47 6.85
N MET A 66 -36.55 -52.35 6.96
CA MET A 66 -37.75 -52.19 6.13
C MET A 66 -38.51 -50.92 6.51
N ALA A 67 -38.62 -50.67 7.81
CA ALA A 67 -39.32 -49.49 8.27
C ALA A 67 -38.61 -48.22 7.83
N GLU A 68 -37.28 -48.27 7.81
CA GLU A 68 -36.50 -47.11 7.41
C GLU A 68 -36.69 -46.68 5.98
N THR A 69 -37.08 -47.61 5.11
CA THR A 69 -37.30 -47.26 3.73
C THR A 69 -38.51 -46.33 3.65
N LYS A 70 -39.20 -46.17 4.77
CA LYS A 70 -40.39 -45.32 4.84
C LYS A 70 -41.41 -45.68 3.77
N LYS A 71 -41.22 -46.86 3.20
CA LYS A 71 -42.11 -47.38 2.16
C LYS A 71 -43.36 -48.04 2.74
N TYR A 72 -43.40 -48.22 4.06
CA TYR A 72 -44.52 -48.90 4.69
C TYR A 72 -45.28 -48.13 5.75
N ASP A 73 -46.58 -48.41 5.89
CA ASP A 73 -47.44 -47.75 6.87
C ASP A 73 -47.31 -48.42 8.22
N ALA A 74 -46.99 -49.70 8.18
CA ALA A 74 -46.82 -50.49 9.39
C ALA A 74 -46.02 -51.72 9.02
N ILE A 75 -45.39 -52.32 10.04
CA ILE A 75 -44.61 -53.52 9.84
C ILE A 75 -45.01 -54.60 10.83
N ILE A 76 -45.26 -55.79 10.30
CA ILE A 76 -45.67 -56.91 11.12
C ILE A 76 -44.50 -57.88 11.27
N THR A 77 -44.15 -58.20 12.51
CA THR A 77 -43.08 -59.14 12.78
C THR A 77 -43.73 -60.47 13.18
N LEU A 78 -43.34 -61.54 12.52
CA LEU A 78 -43.88 -62.86 12.79
C LEU A 78 -42.80 -63.88 13.13
N GLY A 79 -42.89 -64.47 14.32
CA GLY A 79 -41.91 -65.45 14.72
C GLY A 79 -42.44 -66.42 15.76
N THR A 80 -41.68 -67.47 16.01
CA THR A 80 -42.07 -68.47 16.99
C THR A 80 -40.82 -68.99 17.68
N VAL A 81 -40.69 -68.66 18.95
CA VAL A 81 -39.57 -69.13 19.73
C VAL A 81 -40.18 -70.10 20.74
N ILE A 82 -39.75 -71.36 20.67
CA ILE A 82 -40.26 -72.35 21.60
C ILE A 82 -39.13 -72.67 22.54
N ARG A 83 -39.41 -72.65 23.85
CA ARG A 83 -38.40 -72.91 24.85
C ARG A 83 -37.74 -74.26 24.71
N GLY A 84 -36.47 -74.31 25.07
CA GLY A 84 -35.71 -75.54 24.98
C GLY A 84 -35.12 -75.92 26.32
N ALA A 85 -33.94 -76.52 26.28
CA ALA A 85 -33.28 -76.97 27.51
C ALA A 85 -32.40 -75.92 28.17
N THR A 86 -32.03 -74.90 27.42
CA THR A 86 -31.15 -73.86 27.94
C THR A 86 -31.87 -72.53 28.06
N THR A 87 -31.15 -71.49 28.48
CA THR A 87 -31.75 -70.18 28.60
C THR A 87 -31.68 -69.43 27.26
N HIS A 88 -31.21 -70.11 26.22
CA HIS A 88 -31.14 -69.50 24.89
C HIS A 88 -32.46 -68.77 24.58
N TYR A 89 -33.57 -69.47 24.82
CA TYR A 89 -34.91 -68.96 24.62
C TYR A 89 -35.03 -67.54 25.14
N ASP A 90 -34.56 -67.34 26.37
CA ASP A 90 -34.62 -66.03 27.01
C ASP A 90 -34.00 -64.90 26.19
N TYR A 91 -32.75 -65.07 25.78
CA TYR A 91 -32.07 -64.04 25.03
C TYR A 91 -32.73 -63.78 23.68
N VAL A 92 -33.08 -64.84 22.97
CA VAL A 92 -33.73 -64.67 21.67
C VAL A 92 -35.02 -63.87 21.83
N CYS A 93 -35.84 -64.24 22.79
CA CYS A 93 -37.10 -63.56 23.03
C CYS A 93 -36.92 -62.12 23.47
N ASN A 94 -36.03 -61.90 24.42
CA ASN A 94 -35.77 -60.55 24.89
C ASN A 94 -35.24 -59.66 23.79
N GLU A 95 -34.14 -60.06 23.17
CA GLU A 95 -33.59 -59.24 22.12
C GLU A 95 -34.59 -58.97 21.01
N ALA A 96 -35.38 -59.97 20.65
CA ALA A 96 -36.37 -59.80 19.60
C ALA A 96 -37.37 -58.73 19.98
N ALA A 97 -38.00 -58.92 21.12
CA ALA A 97 -39.00 -57.97 21.59
C ALA A 97 -38.40 -56.58 21.82
N LYS A 98 -37.16 -56.55 22.29
CA LYS A 98 -36.43 -55.31 22.59
C LYS A 98 -36.21 -54.55 21.29
N GLY A 99 -35.69 -55.27 20.30
CA GLY A 99 -35.42 -54.66 19.01
C GLY A 99 -36.65 -54.30 18.20
N ILE A 100 -37.68 -55.14 18.26
CA ILE A 100 -38.90 -54.87 17.51
C ILE A 100 -39.53 -53.60 18.05
N ALA A 101 -39.33 -53.36 19.33
CA ALA A 101 -39.90 -52.19 19.96
C ALA A 101 -39.11 -50.95 19.59
N GLN A 102 -37.80 -51.05 19.64
CA GLN A 102 -36.96 -49.90 19.33
C GLN A 102 -37.00 -49.59 17.84
N ALA A 103 -37.34 -50.56 17.02
CA ALA A 103 -37.40 -50.33 15.58
C ALA A 103 -38.50 -49.30 15.33
N ALA A 104 -39.67 -49.56 15.88
CA ALA A 104 -40.80 -48.64 15.72
C ALA A 104 -40.46 -47.29 16.32
N ASN A 105 -39.79 -47.33 17.47
CA ASN A 105 -39.42 -46.12 18.18
C ASN A 105 -38.57 -45.19 17.32
N THR A 106 -37.41 -45.69 16.91
CA THR A 106 -36.47 -44.91 16.11
C THR A 106 -36.93 -44.64 14.69
N THR A 107 -37.87 -45.45 14.21
CA THR A 107 -38.36 -45.31 12.84
C THR A 107 -39.64 -44.50 12.71
N GLY A 108 -40.42 -44.42 13.78
CA GLY A 108 -41.68 -43.68 13.73
C GLY A 108 -42.79 -44.49 13.08
N VAL A 109 -42.41 -45.59 12.43
CA VAL A 109 -43.38 -46.48 11.77
C VAL A 109 -43.83 -47.53 12.77
N PRO A 110 -45.13 -47.82 12.83
CA PRO A 110 -45.58 -48.84 13.78
C PRO A 110 -45.01 -50.21 13.44
N VAL A 111 -44.45 -50.89 14.43
CA VAL A 111 -43.92 -52.24 14.20
C VAL A 111 -44.63 -53.17 15.17
N ILE A 112 -45.54 -53.97 14.63
CA ILE A 112 -46.34 -54.91 15.42
C ILE A 112 -45.57 -56.14 15.88
N PHE A 113 -45.64 -56.40 17.19
CA PHE A 113 -44.97 -57.54 17.83
C PHE A 113 -45.80 -58.81 17.72
N GLY A 114 -45.46 -59.64 16.74
CA GLY A 114 -46.17 -60.88 16.51
C GLY A 114 -45.30 -62.12 16.69
N ILE A 115 -44.45 -62.09 17.72
CA ILE A 115 -43.61 -63.23 17.98
C ILE A 115 -44.22 -64.08 19.09
N VAL A 116 -44.57 -65.30 18.69
CA VAL A 116 -45.15 -66.28 19.58
C VAL A 116 -44.02 -66.92 20.39
N THR A 117 -44.12 -66.80 21.70
CA THR A 117 -43.12 -67.35 22.60
C THR A 117 -43.79 -68.36 23.53
N THR A 118 -43.60 -69.64 23.25
CA THR A 118 -44.23 -70.68 24.05
C THR A 118 -43.28 -71.65 24.77
N GLU A 119 -43.86 -72.46 25.65
CA GLU A 119 -43.10 -73.44 26.41
C GLU A 119 -42.96 -74.73 25.61
N ASN A 120 -43.90 -74.96 24.70
CA ASN A 120 -43.90 -76.17 23.89
C ASN A 120 -44.59 -75.98 22.56
N ILE A 121 -44.48 -77.00 21.71
CA ILE A 121 -45.11 -76.99 20.40
C ILE A 121 -46.62 -76.83 20.47
N GLU A 122 -47.24 -77.46 21.47
CA GLU A 122 -48.68 -77.37 21.58
C GLU A 122 -49.19 -75.95 21.74
N GLN A 123 -48.54 -75.19 22.61
CA GLN A 123 -48.96 -73.81 22.82
C GLN A 123 -48.72 -72.97 21.56
N ALA A 124 -47.75 -73.39 20.77
CA ALA A 124 -47.45 -72.67 19.55
C ALA A 124 -48.58 -72.88 18.56
N ILE A 125 -48.97 -74.15 18.35
CA ILE A 125 -50.05 -74.51 17.43
C ILE A 125 -51.33 -73.85 17.93
N GLU A 126 -51.43 -73.74 19.24
CA GLU A 126 -52.58 -73.16 19.94
C GLU A 126 -52.82 -71.72 19.49
N ARG A 127 -51.73 -71.00 19.26
CA ARG A 127 -51.76 -69.59 18.88
C ARG A 127 -51.47 -69.30 17.41
N ALA A 128 -51.40 -70.35 16.59
CA ALA A 128 -51.13 -70.18 15.18
C ALA A 128 -52.29 -70.65 14.33
N GLY A 129 -53.50 -70.49 14.84
CA GLY A 129 -54.68 -70.91 14.10
C GLY A 129 -55.45 -72.05 14.71
N THR A 130 -55.56 -72.07 16.03
CA THR A 130 -56.30 -73.11 16.72
C THR A 130 -57.10 -72.51 17.86
N LYS A 131 -57.02 -73.14 19.02
CA LYS A 131 -57.75 -72.73 20.21
C LYS A 131 -57.68 -71.23 20.49
N ALA A 132 -56.47 -70.69 20.50
CA ALA A 132 -56.28 -69.28 20.80
C ALA A 132 -56.32 -68.34 19.59
N GLY A 133 -56.76 -68.85 18.45
CA GLY A 133 -56.81 -68.00 17.27
C GLY A 133 -55.48 -68.04 16.55
N ASN A 134 -55.23 -67.04 15.72
CA ASN A 134 -53.99 -66.97 14.96
C ASN A 134 -53.30 -65.64 15.28
N LYS A 135 -52.19 -65.67 15.99
CA LYS A 135 -51.53 -64.42 16.33
C LYS A 135 -51.21 -63.58 15.09
N GLY A 136 -51.05 -64.25 13.95
CA GLY A 136 -50.74 -63.54 12.72
C GLY A 136 -51.91 -62.65 12.29
N VAL A 137 -53.12 -63.18 12.43
CA VAL A 137 -54.32 -62.43 12.09
C VAL A 137 -54.46 -61.27 13.05
N ASP A 138 -54.20 -61.52 14.33
CA ASP A 138 -54.33 -60.47 15.31
C ASP A 138 -53.33 -59.36 15.03
N CYS A 139 -52.17 -59.74 14.53
CA CYS A 139 -51.13 -58.75 14.23
C CYS A 139 -51.47 -57.96 13.00
N ALA A 140 -52.05 -58.63 12.01
CA ALA A 140 -52.44 -57.93 10.80
C ALA A 140 -53.42 -56.84 11.19
N VAL A 141 -54.44 -57.20 11.96
CA VAL A 141 -55.43 -56.24 12.39
C VAL A 141 -54.79 -55.09 13.17
N SER A 142 -53.89 -55.42 14.09
CA SER A 142 -53.21 -54.38 14.86
C SER A 142 -52.38 -53.46 13.96
N ALA A 143 -51.78 -54.05 12.93
CA ALA A 143 -50.95 -53.30 12.00
C ALA A 143 -51.82 -52.25 11.33
N ILE A 144 -52.97 -52.70 10.82
CA ILE A 144 -53.90 -51.79 10.16
C ILE A 144 -54.29 -50.68 11.15
N GLU A 145 -54.75 -51.06 12.34
CA GLU A 145 -55.17 -50.06 13.32
C GLU A 145 -54.06 -49.03 13.56
N MET A 146 -52.86 -49.50 13.89
CA MET A 146 -51.74 -48.61 14.15
C MET A 146 -51.40 -47.72 12.98
N ALA A 147 -51.54 -48.24 11.76
CA ALA A 147 -51.25 -47.44 10.58
C ALA A 147 -52.23 -46.27 10.53
N ASN A 148 -53.52 -46.59 10.64
CA ASN A 148 -54.55 -45.57 10.59
C ASN A 148 -54.41 -44.58 11.74
N LEU A 149 -54.20 -45.09 12.95
CA LEU A 149 -54.02 -44.21 14.09
C LEU A 149 -52.81 -43.30 13.90
N ASN A 150 -51.80 -43.82 13.21
CA ASN A 150 -50.56 -43.07 12.99
C ASN A 150 -50.75 -41.86 12.09
N ARG A 151 -51.85 -41.81 11.37
CA ARG A 151 -52.11 -40.66 10.51
C ARG A 151 -52.38 -39.47 11.41
N SER A 152 -53.06 -39.74 12.53
CA SER A 152 -53.41 -38.71 13.49
C SER A 152 -52.20 -38.11 14.19
N PHE A 153 -51.01 -38.65 13.91
CA PHE A 153 -49.77 -38.15 14.51
C PHE A 153 -48.83 -37.66 13.44
N GLU A 154 -48.90 -36.37 13.13
CA GLU A 154 -48.03 -35.80 12.12
C GLU A 154 -48.39 -36.54 10.82
N MET B 1 -33.40 -27.48 54.53
CA MET B 1 -33.44 -27.89 53.11
C MET B 1 -34.56 -27.13 52.39
N ASN B 2 -34.57 -27.19 51.06
CA ASN B 2 -35.57 -26.51 50.24
C ASN B 2 -36.43 -27.52 49.51
N ILE B 3 -37.73 -27.51 49.81
CA ILE B 3 -38.65 -28.44 49.20
C ILE B 3 -39.28 -28.00 47.90
N ILE B 4 -39.35 -28.95 46.97
CA ILE B 4 -39.94 -28.73 45.65
C ILE B 4 -41.05 -29.78 45.51
N GLN B 5 -42.30 -29.33 45.41
CA GLN B 5 -43.41 -30.26 45.29
C GLN B 5 -44.24 -30.01 44.06
N GLY B 6 -45.41 -30.63 44.06
CA GLY B 6 -46.37 -30.48 42.98
C GLY B 6 -47.70 -30.63 43.68
N ASN B 7 -48.57 -29.63 43.58
CA ASN B 7 -49.86 -29.70 44.26
C ASN B 7 -50.86 -30.43 43.36
N LEU B 8 -52.03 -30.75 43.90
CA LEU B 8 -53.03 -31.47 43.14
C LEU B 8 -54.08 -30.60 42.47
N VAL B 9 -53.71 -29.42 42.03
CA VAL B 9 -54.67 -28.54 41.35
C VAL B 9 -54.54 -28.75 39.85
N GLY B 10 -55.54 -29.40 39.27
CA GLY B 10 -55.51 -29.69 37.86
C GLY B 10 -55.97 -28.59 36.92
N THR B 11 -56.50 -27.52 37.50
CA THR B 11 -56.99 -26.41 36.69
C THR B 11 -55.98 -25.88 35.67
N GLY B 12 -56.40 -25.83 34.41
CA GLY B 12 -55.53 -25.32 33.37
C GLY B 12 -54.60 -26.33 32.73
N LEU B 13 -54.55 -27.55 33.27
CA LEU B 13 -53.67 -28.57 32.72
C LEU B 13 -54.26 -29.25 31.50
N LYS B 14 -53.40 -29.68 30.60
CA LYS B 14 -53.81 -30.38 29.40
C LYS B 14 -53.22 -31.78 29.50
N ILE B 15 -54.10 -32.78 29.59
CA ILE B 15 -53.68 -34.16 29.75
C ILE B 15 -53.94 -35.08 28.56
N GLY B 16 -52.95 -35.91 28.26
CA GLY B 16 -53.08 -36.86 27.18
C GLY B 16 -53.11 -38.26 27.80
N ILE B 17 -53.99 -39.12 27.29
CA ILE B 17 -54.10 -40.48 27.82
C ILE B 17 -54.04 -41.53 26.71
N VAL B 18 -53.25 -42.58 26.94
CA VAL B 18 -53.11 -43.68 25.99
C VAL B 18 -53.61 -44.95 26.68
N VAL B 19 -54.66 -45.55 26.13
CA VAL B 19 -55.26 -46.75 26.71
C VAL B 19 -55.18 -47.93 25.76
N GLY B 20 -54.93 -49.11 26.31
CA GLY B 20 -54.87 -50.30 25.47
C GLY B 20 -56.26 -50.95 25.34
N ARG B 21 -56.59 -51.41 24.14
CA ARG B 21 -57.88 -52.04 23.92
C ARG B 21 -57.86 -53.41 24.59
N PHE B 22 -56.70 -54.05 24.56
CA PHE B 22 -56.55 -55.38 25.15
C PHE B 22 -57.01 -55.33 26.60
N ASN B 23 -57.87 -56.27 26.97
CA ASN B 23 -58.41 -56.34 28.35
C ASN B 23 -59.20 -55.10 28.69
N ASP B 24 -59.88 -54.53 27.70
CA ASP B 24 -60.66 -53.32 27.87
C ASP B 24 -61.71 -53.45 28.97
N PHE B 25 -62.07 -54.70 29.30
CA PHE B 25 -63.04 -54.95 30.36
C PHE B 25 -62.53 -54.24 31.60
N ILE B 26 -61.22 -54.23 31.74
CA ILE B 26 -60.54 -53.60 32.87
C ILE B 26 -60.08 -52.19 32.51
N THR B 27 -59.29 -52.05 31.44
CA THR B 27 -58.77 -50.74 31.05
C THR B 27 -59.81 -49.64 30.91
N SER B 28 -61.00 -49.98 30.44
CA SER B 28 -62.03 -48.96 30.31
C SER B 28 -62.39 -48.38 31.67
N LYS B 29 -62.39 -49.23 32.71
CA LYS B 29 -62.71 -48.76 34.06
C LYS B 29 -61.54 -47.95 34.58
N LEU B 30 -60.36 -48.23 34.04
CA LEU B 30 -59.17 -47.47 34.43
C LEU B 30 -59.28 -46.08 33.83
N LEU B 31 -59.69 -46.05 32.57
CA LEU B 31 -59.85 -44.81 31.83
C LEU B 31 -60.89 -43.90 32.47
N SER B 32 -62.07 -44.44 32.73
CA SER B 32 -63.14 -43.66 33.35
C SER B 32 -62.72 -43.18 34.74
N GLY B 33 -61.92 -43.99 35.42
CA GLY B 33 -61.47 -43.61 36.73
C GLY B 33 -60.56 -42.41 36.63
N ALA B 34 -59.66 -42.44 35.65
CA ALA B 34 -58.74 -41.34 35.44
C ALA B 34 -59.48 -40.07 35.05
N GLU B 35 -60.44 -40.22 34.13
CA GLU B 35 -61.23 -39.08 33.69
C GLU B 35 -61.90 -38.39 34.88
N ASP B 36 -62.69 -39.14 35.63
CA ASP B 36 -63.38 -38.55 36.76
C ASP B 36 -62.39 -37.90 37.73
N ALA B 37 -61.28 -38.59 37.98
CA ALA B 37 -60.28 -38.07 38.90
C ALA B 37 -59.77 -36.73 38.41
N LEU B 38 -59.45 -36.66 37.12
CA LEU B 38 -58.95 -35.43 36.52
C LEU B 38 -59.98 -34.29 36.62
N LEU B 39 -61.21 -34.57 36.23
CA LEU B 39 -62.26 -33.55 36.30
C LEU B 39 -62.44 -33.03 37.71
N ARG B 40 -62.61 -33.92 38.67
CA ARG B 40 -62.81 -33.50 40.04
C ARG B 40 -61.61 -32.78 40.63
N HIS B 41 -60.51 -32.74 39.89
CA HIS B 41 -59.33 -32.04 40.36
C HIS B 41 -59.15 -30.71 39.63
N GLY B 42 -60.12 -30.37 38.78
CA GLY B 42 -60.06 -29.10 38.07
C GLY B 42 -59.71 -29.13 36.60
N VAL B 43 -59.42 -30.31 36.06
CA VAL B 43 -59.06 -30.41 34.65
C VAL B 43 -60.32 -30.31 33.81
N ASP B 44 -60.27 -29.57 32.70
CA ASP B 44 -61.45 -29.47 31.85
C ASP B 44 -61.53 -30.65 30.91
N THR B 45 -62.68 -31.29 30.88
CA THR B 45 -62.90 -32.44 30.03
C THR B 45 -62.39 -32.25 28.61
N ASN B 46 -62.45 -31.03 28.09
CA ASN B 46 -62.00 -30.79 26.72
C ASN B 46 -60.50 -30.72 26.62
N ASP B 47 -59.83 -30.51 27.75
CA ASP B 47 -58.37 -30.48 27.78
C ASP B 47 -57.78 -31.89 27.92
N ILE B 48 -58.61 -32.91 27.71
CA ILE B 48 -58.20 -34.31 27.82
C ILE B 48 -58.34 -35.07 26.52
N ASP B 49 -57.22 -35.53 25.96
CA ASP B 49 -57.24 -36.30 24.72
C ASP B 49 -56.91 -37.74 25.03
N VAL B 50 -57.74 -38.65 24.54
CA VAL B 50 -57.54 -40.07 24.77
C VAL B 50 -57.25 -40.80 23.46
N ALA B 51 -56.16 -41.56 23.42
CA ALA B 51 -55.81 -42.31 22.23
C ALA B 51 -55.80 -43.81 22.53
N TRP B 52 -56.54 -44.59 21.75
CA TRP B 52 -56.61 -46.02 21.94
C TRP B 52 -55.64 -46.78 21.03
N VAL B 53 -54.95 -47.77 21.58
CA VAL B 53 -54.02 -48.59 20.81
C VAL B 53 -54.38 -50.06 21.10
N PRO B 54 -54.02 -50.98 20.19
CA PRO B 54 -54.32 -52.40 20.37
C PRO B 54 -53.95 -52.93 21.76
N GLY B 55 -52.65 -53.04 22.02
CA GLY B 55 -52.19 -53.55 23.30
C GLY B 55 -51.16 -52.68 23.97
N ALA B 56 -50.69 -53.12 25.13
CA ALA B 56 -49.70 -52.39 25.91
C ALA B 56 -48.37 -52.21 25.21
N PHE B 57 -48.06 -53.09 24.26
CA PHE B 57 -46.81 -52.98 23.54
C PHE B 57 -46.84 -51.70 22.72
N GLU B 58 -48.05 -51.33 22.27
CA GLU B 58 -48.27 -50.13 21.47
C GLU B 58 -48.30 -48.85 22.31
N ILE B 59 -48.66 -48.96 23.58
CA ILE B 59 -48.74 -47.78 24.43
C ILE B 59 -47.56 -46.85 24.35
N PRO B 60 -46.32 -47.37 24.46
CA PRO B 60 -45.14 -46.49 24.39
C PRO B 60 -45.09 -45.67 23.09
N PHE B 61 -45.37 -46.32 21.98
CA PHE B 61 -45.34 -45.67 20.68
C PHE B 61 -46.27 -44.46 20.64
N ALA B 62 -47.50 -44.65 21.08
CA ALA B 62 -48.48 -43.58 21.10
C ALA B 62 -48.16 -42.53 22.16
N ALA B 63 -47.71 -42.97 23.33
CA ALA B 63 -47.38 -42.04 24.40
C ALA B 63 -46.26 -41.08 24.00
N LYS B 64 -45.26 -41.60 23.29
CA LYS B 64 -44.14 -40.76 22.87
C LYS B 64 -44.61 -39.74 21.84
N LYS B 65 -45.36 -40.20 20.85
CA LYS B 65 -45.86 -39.28 19.83
C LYS B 65 -46.75 -38.19 20.41
N MET B 66 -47.63 -38.55 21.33
CA MET B 66 -48.50 -37.56 21.92
C MET B 66 -47.67 -36.56 22.71
N ALA B 67 -46.70 -37.05 23.47
CA ALA B 67 -45.86 -36.18 24.30
C ALA B 67 -45.03 -35.23 23.43
N GLU B 68 -44.62 -35.72 22.26
CA GLU B 68 -43.81 -34.95 21.34
C GLU B 68 -44.51 -33.74 20.78
N THR B 69 -45.84 -33.80 20.70
CA THR B 69 -46.62 -32.68 20.19
C THR B 69 -46.49 -31.49 21.16
N LYS B 70 -45.88 -31.75 22.32
CA LYS B 70 -45.70 -30.73 23.35
C LYS B 70 -47.02 -30.04 23.71
N LYS B 71 -48.11 -30.65 23.28
CA LYS B 71 -49.45 -30.13 23.53
C LYS B 71 -49.97 -30.51 24.93
N TYR B 72 -49.24 -31.37 25.64
CA TYR B 72 -49.69 -31.83 26.95
C TYR B 72 -48.74 -31.61 28.11
N ASP B 73 -49.31 -31.40 29.30
CA ASP B 73 -48.54 -31.16 30.52
C ASP B 73 -48.05 -32.47 31.12
N ALA B 74 -48.82 -33.53 30.88
CA ALA B 74 -48.50 -34.86 31.36
C ALA B 74 -49.28 -35.85 30.52
N ILE B 75 -48.79 -37.09 30.50
CA ILE B 75 -49.45 -38.15 29.76
C ILE B 75 -49.67 -39.35 30.65
N ILE B 76 -50.89 -39.86 30.63
CA ILE B 76 -51.26 -41.01 31.43
C ILE B 76 -51.37 -42.24 30.52
N THR B 77 -50.65 -43.29 30.87
CA THR B 77 -50.72 -44.55 30.10
C THR B 77 -51.56 -45.53 30.92
N LEU B 78 -52.56 -46.11 30.28
CA LEU B 78 -53.46 -47.04 30.94
C LEU B 78 -53.51 -48.37 30.21
N GLY B 79 -53.21 -49.45 30.93
CA GLY B 79 -53.26 -50.75 30.31
C GLY B 79 -53.43 -51.86 31.32
N THR B 80 -53.69 -53.05 30.82
CA THR B 80 -53.85 -54.21 31.68
C THR B 80 -53.29 -55.44 30.98
N VAL B 81 -52.19 -55.95 31.51
CA VAL B 81 -51.59 -57.15 30.97
C VAL B 81 -51.79 -58.21 32.04
N ILE B 82 -52.51 -59.27 31.68
CA ILE B 82 -52.76 -60.34 32.62
C ILE B 82 -51.96 -61.53 32.14
N ARG B 83 -51.18 -62.13 33.03
CA ARG B 83 -50.35 -63.26 32.68
C ARG B 83 -51.12 -64.44 32.09
N GLY B 84 -50.49 -65.11 31.14
CA GLY B 84 -51.08 -66.27 30.50
C GLY B 84 -50.25 -67.53 30.69
N ALA B 85 -50.24 -68.39 29.68
CA ALA B 85 -49.51 -69.64 29.76
C ALA B 85 -48.07 -69.54 29.29
N THR B 86 -47.73 -68.49 28.55
CA THR B 86 -46.37 -68.33 28.05
C THR B 86 -45.67 -67.13 28.68
N THR B 87 -44.45 -66.85 28.22
CA THR B 87 -43.71 -65.73 28.77
C THR B 87 -44.06 -64.46 28.03
N HIS B 88 -45.00 -64.54 27.10
CA HIS B 88 -45.44 -63.36 26.33
C HIS B 88 -45.65 -62.17 27.29
N TYR B 89 -46.36 -62.44 28.39
CA TYR B 89 -46.62 -61.46 29.43
C TYR B 89 -45.37 -60.64 29.74
N ASP B 90 -44.26 -61.34 29.97
CA ASP B 90 -43.00 -60.71 30.31
C ASP B 90 -42.55 -59.66 29.32
N TYR B 91 -42.49 -60.00 28.04
CA TYR B 91 -42.05 -59.06 27.04
C TYR B 91 -42.97 -57.85 26.91
N VAL B 92 -44.27 -58.11 26.88
CA VAL B 92 -45.24 -57.03 26.77
C VAL B 92 -45.07 -56.06 27.94
N CYS B 93 -45.03 -56.58 29.15
CA CYS B 93 -44.86 -55.73 30.31
C CYS B 93 -43.53 -54.99 30.33
N ASN B 94 -42.44 -55.68 30.02
CA ASN B 94 -41.14 -55.04 30.02
C ASN B 94 -41.05 -53.94 28.98
N GLU B 95 -41.36 -54.27 27.73
CA GLU B 95 -41.28 -53.27 26.69
C GLU B 95 -42.20 -52.08 26.97
N ALA B 96 -43.40 -52.34 27.48
CA ALA B 96 -44.32 -51.27 27.82
C ALA B 96 -43.69 -50.33 28.85
N ALA B 97 -43.33 -50.89 30.01
CA ALA B 97 -42.72 -50.12 31.07
C ALA B 97 -41.43 -49.41 30.62
N LYS B 98 -40.64 -50.10 29.80
CA LYS B 98 -39.37 -49.61 29.27
C LYS B 98 -39.64 -48.38 28.40
N GLY B 99 -40.58 -48.53 27.47
CA GLY B 99 -40.94 -47.46 26.56
C GLY B 99 -41.66 -46.30 27.19
N ILE B 100 -42.57 -46.58 28.11
CA ILE B 100 -43.29 -45.53 28.79
C ILE B 100 -42.31 -44.66 29.58
N ALA B 101 -41.25 -45.28 30.05
CA ALA B 101 -40.26 -44.55 30.83
C ALA B 101 -39.38 -43.71 29.92
N GLN B 102 -38.95 -44.29 28.81
CA GLN B 102 -38.09 -43.55 27.89
C GLN B 102 -38.85 -42.45 27.14
N ALA B 103 -40.17 -42.61 27.03
CA ALA B 103 -40.97 -41.59 26.35
C ALA B 103 -40.84 -40.29 27.15
N ALA B 104 -41.09 -40.37 28.44
CA ALA B 104 -40.99 -39.21 29.33
C ALA B 104 -39.58 -38.66 29.32
N ASN B 105 -38.61 -39.57 29.31
CA ASN B 105 -37.20 -39.19 29.31
C ASN B 105 -36.83 -38.34 28.11
N THR B 106 -37.02 -38.90 26.93
CA THR B 106 -36.68 -38.21 25.69
C THR B 106 -37.58 -37.04 25.36
N THR B 107 -38.78 -37.03 25.94
CA THR B 107 -39.75 -35.99 25.65
C THR B 107 -39.76 -34.84 26.66
N GLY B 108 -39.30 -35.10 27.88
CA GLY B 108 -39.29 -34.06 28.90
C GLY B 108 -40.65 -33.91 29.58
N VAL B 109 -41.66 -34.50 28.97
CA VAL B 109 -43.02 -34.45 29.48
C VAL B 109 -43.24 -35.64 30.41
N PRO B 110 -43.86 -35.42 31.57
CA PRO B 110 -44.09 -36.54 32.49
C PRO B 110 -45.03 -37.57 31.87
N VAL B 111 -44.65 -38.84 31.91
CA VAL B 111 -45.50 -39.90 31.37
C VAL B 111 -45.73 -40.89 32.50
N ILE B 112 -46.95 -40.85 33.04
CA ILE B 112 -47.35 -41.70 34.15
C ILE B 112 -47.58 -43.17 33.77
N PHE B 113 -46.93 -44.06 34.50
CA PHE B 113 -47.03 -45.50 34.27
C PHE B 113 -48.26 -46.07 34.96
N GLY B 114 -49.32 -46.28 34.18
CA GLY B 114 -50.54 -46.82 34.73
C GLY B 114 -50.94 -48.16 34.13
N ILE B 115 -49.94 -49.01 33.92
CA ILE B 115 -50.23 -50.30 33.37
C ILE B 115 -50.31 -51.35 34.47
N VAL B 116 -51.50 -51.92 34.60
CA VAL B 116 -51.80 -52.94 35.59
C VAL B 116 -51.29 -54.26 35.06
N THR B 117 -50.40 -54.89 35.82
CA THR B 117 -49.82 -56.16 35.41
C THR B 117 -50.12 -57.18 36.50
N THR B 118 -51.06 -58.07 36.23
CA THR B 118 -51.47 -59.05 37.22
C THR B 118 -51.32 -60.50 36.78
N GLU B 119 -51.52 -61.40 37.74
CA GLU B 119 -51.40 -62.84 37.51
C GLU B 119 -52.72 -63.40 37.03
N ASN B 120 -53.81 -62.73 37.42
CA ASN B 120 -55.15 -63.16 37.04
C ASN B 120 -56.15 -62.01 36.96
N ILE B 121 -57.33 -62.33 36.43
CA ILE B 121 -58.40 -61.37 36.29
C ILE B 121 -58.77 -60.75 37.64
N GLU B 122 -58.78 -61.55 38.70
CA GLU B 122 -59.18 -61.02 39.99
C GLU B 122 -58.31 -59.89 40.48
N GLN B 123 -56.99 -60.02 40.33
CA GLN B 123 -56.08 -58.98 40.76
C GLN B 123 -56.25 -57.75 39.88
N ALA B 124 -56.72 -57.96 38.66
CA ALA B 124 -56.92 -56.84 37.74
C ALA B 124 -58.13 -56.05 38.23
N ILE B 125 -59.24 -56.74 38.48
CA ILE B 125 -60.46 -56.09 38.98
C ILE B 125 -60.17 -55.42 40.32
N GLU B 126 -59.29 -56.04 41.07
CA GLU B 126 -58.87 -55.59 42.38
C GLU B 126 -58.28 -54.18 42.31
N ARG B 127 -57.55 -53.90 41.23
CA ARG B 127 -56.86 -52.64 41.03
C ARG B 127 -57.52 -51.70 40.04
N ALA B 128 -58.73 -52.04 39.59
CA ALA B 128 -59.42 -51.20 38.63
C ALA B 128 -60.71 -50.66 39.21
N GLY B 129 -60.69 -50.40 40.51
CA GLY B 129 -61.88 -49.86 41.15
C GLY B 129 -62.52 -50.78 42.18
N THR B 130 -61.72 -51.50 42.94
CA THR B 130 -62.25 -52.41 43.95
C THR B 130 -61.41 -52.31 45.20
N LYS B 131 -61.02 -53.46 45.74
CA LYS B 131 -60.23 -53.55 46.96
C LYS B 131 -59.03 -52.62 47.00
N ALA B 132 -58.22 -52.65 45.96
CA ALA B 132 -57.01 -51.84 45.89
C ALA B 132 -57.19 -50.45 45.28
N GLY B 133 -58.42 -50.02 45.09
CA GLY B 133 -58.64 -48.72 44.50
C GLY B 133 -58.67 -48.83 42.98
N ASN B 134 -58.44 -47.71 42.31
CA ASN B 134 -58.45 -47.68 40.86
C ASN B 134 -57.12 -47.11 40.41
N LYS B 135 -56.28 -47.92 39.80
CA LYS B 135 -54.98 -47.42 39.37
C LYS B 135 -55.12 -46.22 38.45
N GLY B 136 -56.23 -46.15 37.72
CA GLY B 136 -56.46 -45.03 36.83
C GLY B 136 -56.58 -43.72 37.60
N VAL B 137 -57.26 -43.78 38.73
CA VAL B 137 -57.42 -42.59 39.56
C VAL B 137 -56.08 -42.20 40.13
N ASP B 138 -55.30 -43.19 40.56
CA ASP B 138 -54.01 -42.91 41.13
C ASP B 138 -53.09 -42.28 40.10
N CYS B 139 -53.22 -42.71 38.86
CA CYS B 139 -52.39 -42.18 37.80
C CYS B 139 -52.80 -40.77 37.43
N ALA B 140 -54.09 -40.49 37.47
CA ALA B 140 -54.57 -39.16 37.15
C ALA B 140 -53.94 -38.20 38.15
N VAL B 141 -54.07 -38.53 39.43
CA VAL B 141 -53.50 -37.70 40.48
C VAL B 141 -52.00 -37.52 40.28
N SER B 142 -51.29 -38.60 39.97
CA SER B 142 -49.84 -38.51 39.75
C SER B 142 -49.53 -37.62 38.55
N ALA B 143 -50.37 -37.71 37.51
CA ALA B 143 -50.17 -36.91 36.32
C ALA B 143 -50.24 -35.46 36.69
N ILE B 144 -51.27 -35.09 37.44
CA ILE B 144 -51.42 -33.72 37.88
C ILE B 144 -50.20 -33.29 38.70
N GLU B 145 -49.83 -34.09 39.70
CA GLU B 145 -48.67 -33.75 40.52
C GLU B 145 -47.43 -33.51 39.66
N MET B 146 -47.11 -34.47 38.80
CA MET B 146 -45.94 -34.34 37.95
C MET B 146 -45.99 -33.13 37.02
N ALA B 147 -47.18 -32.79 36.53
CA ALA B 147 -47.32 -31.64 35.65
C ALA B 147 -46.94 -30.39 36.42
N ASN B 148 -47.52 -30.23 37.60
CA ASN B 148 -47.24 -29.08 38.44
C ASN B 148 -45.77 -29.05 38.87
N LEU B 149 -45.24 -30.18 39.32
CA LEU B 149 -43.85 -30.22 39.73
C LEU B 149 -42.93 -29.86 38.57
N ASN B 150 -43.36 -30.24 37.37
CA ASN B 150 -42.57 -30.00 36.17
C ASN B 150 -42.42 -28.54 35.82
N ARG B 151 -43.23 -27.69 36.42
CA ARG B 151 -43.12 -26.27 36.15
C ARG B 151 -41.84 -25.79 36.81
N SER B 152 -41.54 -26.37 37.96
CA SER B 152 -40.35 -26.02 38.73
C SER B 152 -39.06 -26.40 38.02
N PHE B 153 -39.17 -27.09 36.89
CA PHE B 153 -38.00 -27.48 36.11
C PHE B 153 -38.03 -26.86 34.74
N GLU B 154 -37.39 -25.71 34.61
CA GLU B 154 -37.36 -25.02 33.32
C GLU B 154 -38.83 -24.71 33.00
N MET C 1 1.06 -47.90 42.20
CA MET C 1 -0.17 -47.37 41.53
C MET C 1 -0.55 -46.01 42.11
N ASN C 2 -1.44 -45.31 41.43
CA ASN C 2 -1.88 -43.99 41.85
C ASN C 2 -3.33 -44.00 42.26
N ILE C 3 -3.60 -43.69 43.52
CA ILE C 3 -4.95 -43.70 44.05
C ILE C 3 -5.74 -42.42 43.89
N ILE C 4 -7.00 -42.57 43.51
CA ILE C 4 -7.92 -41.45 43.31
C ILE C 4 -9.11 -41.77 44.22
N GLN C 5 -9.34 -40.92 45.22
CA GLN C 5 -10.45 -41.13 46.16
C GLN C 5 -11.39 -39.97 46.24
N GLY C 6 -12.23 -40.01 47.25
CA GLY C 6 -13.18 -38.95 47.52
C GLY C 6 -13.28 -38.99 49.03
N ASN C 7 -13.00 -37.87 49.70
CA ASN C 7 -13.08 -37.82 51.16
C ASN C 7 -14.52 -37.50 51.57
N LEU C 8 -14.80 -37.60 52.86
CA LEU C 8 -16.14 -37.35 53.35
C LEU C 8 -16.37 -35.95 53.89
N VAL C 9 -15.72 -34.95 53.30
CA VAL C 9 -15.93 -33.57 53.74
C VAL C 9 -17.01 -32.93 52.86
N GLY C 10 -18.17 -32.71 53.45
CA GLY C 10 -19.28 -32.14 52.71
C GLY C 10 -19.32 -30.65 52.58
N THR C 11 -18.45 -29.97 53.32
CA THR C 11 -18.40 -28.51 53.28
C THR C 11 -18.34 -27.94 51.86
N GLY C 12 -19.26 -27.02 51.58
CA GLY C 12 -19.31 -26.38 50.28
C GLY C 12 -20.07 -27.12 49.19
N LEU C 13 -20.50 -28.35 49.47
CA LEU C 13 -21.22 -29.11 48.47
C LEU C 13 -22.69 -28.71 48.38
N LYS C 14 -23.23 -28.84 47.18
CA LYS C 14 -24.64 -28.55 46.94
C LYS C 14 -25.29 -29.87 46.53
N ILE C 15 -26.20 -30.34 47.38
CA ILE C 15 -26.88 -31.61 47.16
C ILE C 15 -28.35 -31.54 46.80
N GLY C 16 -28.75 -32.34 45.83
CA GLY C 16 -30.15 -32.40 45.42
C GLY C 16 -30.68 -33.76 45.82
N ILE C 17 -31.91 -33.81 46.33
CA ILE C 17 -32.52 -35.07 46.74
C ILE C 17 -33.91 -35.26 46.13
N VAL C 18 -34.16 -36.47 45.63
CA VAL C 18 -35.45 -36.79 45.04
C VAL C 18 -36.04 -37.94 45.88
N VAL C 19 -37.17 -37.69 46.51
CA VAL C 19 -37.82 -38.69 47.37
C VAL C 19 -39.21 -39.06 46.86
N GLY C 20 -39.55 -40.35 46.93
CA GLY C 20 -40.86 -40.81 46.50
C GLY C 20 -41.88 -40.72 47.63
N ARG C 21 -43.08 -40.25 47.32
CA ARG C 21 -44.11 -40.13 48.35
C ARG C 21 -44.58 -41.53 48.72
N PHE C 22 -44.62 -42.41 47.73
CA PHE C 22 -45.06 -43.78 47.96
C PHE C 22 -44.23 -44.39 49.09
N ASN C 23 -44.92 -44.99 50.07
CA ASN C 23 -44.29 -45.62 51.22
C ASN C 23 -43.53 -44.60 52.05
N ASP C 24 -44.04 -43.37 52.06
CA ASP C 24 -43.41 -42.28 52.81
C ASP C 24 -43.18 -42.61 54.28
N PHE C 25 -43.90 -43.60 54.80
CA PHE C 25 -43.74 -44.02 56.18
C PHE C 25 -42.27 -44.37 56.37
N ILE C 26 -41.71 -44.92 55.30
CA ILE C 26 -40.32 -45.33 55.28
C ILE C 26 -39.43 -44.23 54.66
N THR C 27 -39.74 -43.83 53.42
CA THR C 27 -38.93 -42.83 52.72
C THR C 27 -38.68 -41.55 53.50
N SER C 28 -39.63 -41.13 54.32
CA SER C 28 -39.43 -39.91 55.09
C SER C 28 -38.28 -40.11 56.09
N LYS C 29 -38.16 -41.32 56.65
CA LYS C 29 -37.08 -41.59 57.60
C LYS C 29 -35.78 -41.71 56.83
N LEU C 30 -35.89 -42.06 55.55
CA LEU C 30 -34.70 -42.15 54.70
C LEU C 30 -34.22 -40.73 54.45
N LEU C 31 -35.16 -39.85 54.14
CA LEU C 31 -34.86 -38.45 53.87
C LEU C 31 -34.22 -37.77 55.06
N SER C 32 -34.83 -37.90 56.21
CA SER C 32 -34.31 -37.27 57.41
C SER C 32 -32.94 -37.83 57.73
N GLY C 33 -32.74 -39.12 57.45
CA GLY C 33 -31.46 -39.74 57.72
C GLY C 33 -30.39 -39.10 56.85
N ALA C 34 -30.73 -38.90 55.59
CA ALA C 34 -29.80 -38.30 54.64
C ALA C 34 -29.49 -36.87 55.03
N GLU C 35 -30.52 -36.12 55.40
CA GLU C 35 -30.33 -34.74 55.80
C GLU C 35 -29.34 -34.64 56.95
N ASP C 36 -29.62 -35.34 58.05
CA ASP C 36 -28.74 -35.29 59.20
C ASP C 36 -27.34 -35.69 58.84
N ALA C 37 -27.22 -36.77 58.07
CA ALA C 37 -25.90 -37.25 57.65
C ALA C 37 -25.15 -36.16 56.90
N LEU C 38 -25.83 -35.51 55.95
CA LEU C 38 -25.22 -34.44 55.17
C LEU C 38 -24.77 -33.29 56.05
N LEU C 39 -25.66 -32.84 56.94
CA LEU C 39 -25.33 -31.74 57.83
C LEU C 39 -24.12 -32.05 58.70
N ARG C 40 -24.15 -33.20 59.36
CA ARG C 40 -23.04 -33.57 60.24
C ARG C 40 -21.72 -33.79 59.50
N HIS C 41 -21.78 -33.76 58.18
CA HIS C 41 -20.58 -33.92 57.34
C HIS C 41 -20.13 -32.58 56.77
N GLY C 42 -20.80 -31.51 57.16
CA GLY C 42 -20.41 -30.20 56.71
C GLY C 42 -21.25 -29.53 55.66
N VAL C 43 -22.28 -30.21 55.16
CA VAL C 43 -23.14 -29.61 54.15
C VAL C 43 -24.08 -28.62 54.79
N ASP C 44 -24.31 -27.47 54.14
CA ASP C 44 -25.21 -26.47 54.71
C ASP C 44 -26.65 -26.78 54.33
N THR C 45 -27.50 -26.82 55.34
CA THR C 45 -28.90 -27.12 55.13
C THR C 45 -29.52 -26.38 53.95
N ASN C 46 -29.07 -25.15 53.71
CA ASN C 46 -29.63 -24.38 52.61
C ASN C 46 -29.10 -24.83 51.28
N ASP C 47 -27.99 -25.57 51.29
CA ASP C 47 -27.41 -26.07 50.05
C ASP C 47 -28.04 -27.41 49.66
N ILE C 48 -29.16 -27.74 50.31
CA ILE C 48 -29.86 -29.00 50.04
C ILE C 48 -31.27 -28.78 49.50
N ASP C 49 -31.53 -29.22 48.27
CA ASP C 49 -32.86 -29.09 47.69
C ASP C 49 -33.50 -30.46 47.62
N VAL C 50 -34.73 -30.56 48.11
CA VAL C 50 -35.45 -31.82 48.10
C VAL C 50 -36.69 -31.72 47.22
N ALA C 51 -36.82 -32.66 46.27
CA ALA C 51 -37.98 -32.69 45.39
C ALA C 51 -38.78 -34.00 45.59
N TRP C 52 -40.08 -33.86 45.85
CA TRP C 52 -40.95 -35.00 46.05
C TRP C 52 -41.68 -35.41 44.78
N VAL C 53 -41.73 -36.72 44.51
CA VAL C 53 -42.45 -37.23 43.34
C VAL C 53 -43.37 -38.34 43.83
N PRO C 54 -44.44 -38.64 43.09
CA PRO C 54 -45.38 -39.69 43.50
C PRO C 54 -44.72 -41.00 43.90
N GLY C 55 -44.15 -41.71 42.93
CA GLY C 55 -43.49 -42.97 43.20
C GLY C 55 -42.10 -43.08 42.64
N ALA C 56 -41.45 -44.23 42.84
CA ALA C 56 -40.09 -44.46 42.39
C ALA C 56 -39.95 -44.40 40.88
N PHE C 57 -41.04 -44.67 40.16
CA PHE C 57 -40.99 -44.64 38.71
C PHE C 57 -40.68 -43.21 38.28
N GLU C 58 -41.14 -42.24 39.06
CA GLU C 58 -40.94 -40.83 38.79
C GLU C 58 -39.56 -40.33 39.19
N ILE C 59 -38.94 -41.00 40.16
CA ILE C 59 -37.64 -40.56 40.63
C ILE C 59 -36.63 -40.26 39.54
N PRO C 60 -36.47 -41.14 38.56
CA PRO C 60 -35.51 -40.89 37.49
C PRO C 60 -35.76 -39.58 36.77
N PHE C 61 -37.03 -39.34 36.43
CA PHE C 61 -37.42 -38.11 35.72
C PHE C 61 -36.99 -36.87 36.48
N ALA C 62 -37.27 -36.81 37.77
CA ALA C 62 -36.90 -35.67 38.57
C ALA C 62 -35.40 -35.60 38.77
N ALA C 63 -34.77 -36.73 39.02
CA ALA C 63 -33.33 -36.76 39.25
C ALA C 63 -32.56 -36.23 38.05
N LYS C 64 -32.99 -36.60 36.84
CA LYS C 64 -32.30 -36.14 35.66
C LYS C 64 -32.46 -34.63 35.50
N LYS C 65 -33.68 -34.14 35.66
CA LYS C 65 -33.92 -32.72 35.53
C LYS C 65 -33.14 -31.90 36.55
N MET C 66 -33.09 -32.38 37.79
CA MET C 66 -32.34 -31.64 38.81
C MET C 66 -30.86 -31.65 38.47
N ALA C 67 -30.37 -32.79 38.04
CA ALA C 67 -28.96 -32.91 37.71
C ALA C 67 -28.60 -32.00 36.53
N GLU C 68 -29.52 -31.88 35.57
CA GLU C 68 -29.30 -31.08 34.39
C GLU C 68 -29.12 -29.60 34.68
N THR C 69 -29.70 -29.12 35.77
CA THR C 69 -29.56 -27.71 36.11
C THR C 69 -28.11 -27.44 36.45
N LYS C 70 -27.31 -28.49 36.55
CA LYS C 70 -25.88 -28.38 36.89
C LYS C 70 -25.67 -27.59 38.17
N LYS C 71 -26.74 -27.41 38.93
CA LYS C 71 -26.72 -26.69 40.18
C LYS C 71 -26.24 -27.56 41.34
N TYR C 72 -26.11 -28.86 41.11
CA TYR C 72 -25.72 -29.78 42.19
C TYR C 72 -24.45 -30.61 41.97
N ASP C 73 -23.76 -30.90 43.07
CA ASP C 73 -22.52 -31.69 43.03
C ASP C 73 -22.83 -33.18 42.97
N ALA C 74 -23.98 -33.54 43.52
CA ALA C 74 -24.42 -34.91 43.54
C ALA C 74 -25.91 -34.90 43.81
N ILE C 75 -26.57 -35.99 43.44
CA ILE C 75 -28.00 -36.13 43.66
C ILE C 75 -28.28 -37.44 44.34
N ILE C 76 -29.09 -37.37 45.39
CA ILE C 76 -29.47 -38.54 46.15
C ILE C 76 -30.92 -38.92 45.84
N THR C 77 -31.13 -40.17 45.41
CA THR C 77 -32.50 -40.63 45.12
C THR C 77 -32.93 -41.51 46.29
N LEU C 78 -34.11 -41.22 46.84
CA LEU C 78 -34.62 -41.96 47.98
C LEU C 78 -36.00 -42.51 47.71
N GLY C 79 -36.14 -43.82 47.85
CA GLY C 79 -37.43 -44.43 47.60
C GLY C 79 -37.57 -45.76 48.32
N THR C 80 -38.78 -46.29 48.30
CA THR C 80 -39.05 -47.56 48.94
C THR C 80 -40.11 -48.28 48.15
N VAL C 81 -39.71 -49.35 47.49
CA VAL C 81 -40.65 -50.15 46.74
C VAL C 81 -40.75 -51.47 47.50
N ILE C 82 -41.95 -51.79 47.98
CA ILE C 82 -42.14 -53.04 48.71
C ILE C 82 -42.96 -53.95 47.80
N ARG C 83 -42.49 -55.19 47.61
CA ARG C 83 -43.18 -56.13 46.74
C ARG C 83 -44.63 -56.42 47.14
N GLY C 84 -45.46 -56.59 46.12
CA GLY C 84 -46.86 -56.87 46.34
C GLY C 84 -47.25 -58.22 45.77
N ALA C 85 -48.49 -58.31 45.28
CA ALA C 85 -49.02 -59.54 44.73
C ALA C 85 -48.75 -59.73 43.26
N THR C 86 -48.37 -58.67 42.56
CA THR C 86 -48.12 -58.76 41.13
C THR C 86 -46.65 -58.47 40.81
N THR C 87 -46.31 -58.48 39.53
CA THR C 87 -44.93 -58.19 39.14
C THR C 87 -44.72 -56.68 39.00
N HIS C 88 -45.72 -55.89 39.37
CA HIS C 88 -45.60 -54.44 39.30
C HIS C 88 -44.25 -54.00 39.91
N TYR C 89 -43.96 -54.55 41.09
CA TYR C 89 -42.73 -54.30 41.82
C TYR C 89 -41.51 -54.33 40.90
N ASP C 90 -41.44 -55.38 40.08
CA ASP C 90 -40.34 -55.57 39.15
C ASP C 90 -40.12 -54.39 38.22
N TYR C 91 -41.15 -53.97 37.51
CA TYR C 91 -41.01 -52.85 36.58
C TYR C 91 -40.65 -51.55 37.29
N VAL C 92 -41.31 -51.25 38.41
CA VAL C 92 -41.00 -50.03 39.13
C VAL C 92 -39.54 -50.02 39.55
N CYS C 93 -39.08 -51.11 40.14
CA CYS C 93 -37.70 -51.21 40.57
C CYS C 93 -36.71 -51.13 39.43
N ASN C 94 -36.97 -51.89 38.37
CA ASN C 94 -36.07 -51.86 37.23
C ASN C 94 -35.98 -50.49 36.59
N GLU C 95 -37.12 -49.93 36.21
CA GLU C 95 -37.11 -48.63 35.58
C GLU C 95 -36.47 -47.59 36.47
N ALA C 96 -36.74 -47.65 37.77
CA ALA C 96 -36.15 -46.69 38.69
C ALA C 96 -34.64 -46.78 38.65
N ALA C 97 -34.11 -47.97 38.93
CA ALA C 97 -32.66 -48.19 38.95
C ALA C 97 -32.03 -47.92 37.58
N LYS C 98 -32.76 -48.25 36.53
CA LYS C 98 -32.31 -48.06 35.15
C LYS C 98 -32.15 -46.56 34.89
N GLY C 99 -33.19 -45.80 35.20
CA GLY C 99 -33.18 -44.36 34.99
C GLY C 99 -32.26 -43.62 35.91
N ILE C 100 -32.19 -44.02 37.16
CA ILE C 100 -31.33 -43.34 38.10
C ILE C 100 -29.87 -43.47 37.64
N ALA C 101 -29.58 -44.58 36.99
CA ALA C 101 -28.24 -44.83 36.52
C ALA C 101 -27.95 -44.01 35.28
N GLN C 102 -28.89 -43.98 34.35
CA GLN C 102 -28.69 -43.24 33.12
C GLN C 102 -28.73 -41.73 33.36
N ALA C 103 -29.35 -41.30 34.45
CA ALA C 103 -29.42 -39.87 34.77
C ALA C 103 -28.01 -39.39 35.01
N ALA C 104 -27.30 -40.08 35.90
CA ALA C 104 -25.92 -39.72 36.21
C ALA C 104 -25.05 -39.84 34.96
N ASN C 105 -25.31 -40.88 34.17
CA ASN C 105 -24.55 -41.11 32.94
C ASN C 105 -24.61 -39.93 31.98
N THR C 106 -25.82 -39.62 31.52
CA THR C 106 -26.04 -38.53 30.58
C THR C 106 -25.82 -37.14 31.16
N THR C 107 -25.87 -37.02 32.47
CA THR C 107 -25.72 -35.74 33.14
C THR C 107 -24.29 -35.46 33.61
N GLY C 108 -23.51 -36.49 33.88
CA GLY C 108 -22.15 -36.29 34.35
C GLY C 108 -22.11 -36.06 35.85
N VAL C 109 -23.29 -35.81 36.42
CA VAL C 109 -23.41 -35.56 37.86
C VAL C 109 -23.67 -36.88 38.57
N PRO C 110 -22.98 -37.13 39.68
CA PRO C 110 -23.22 -38.40 40.40
C PRO C 110 -24.66 -38.47 40.89
N VAL C 111 -25.33 -39.58 40.62
CA VAL C 111 -26.70 -39.77 41.12
C VAL C 111 -26.71 -41.04 41.94
N ILE C 112 -26.76 -40.88 43.25
CA ILE C 112 -26.75 -41.99 44.19
C ILE C 112 -28.08 -42.77 44.24
N PHE C 113 -27.97 -44.09 44.10
CA PHE C 113 -29.10 -45.00 44.13
C PHE C 113 -29.47 -45.36 45.57
N GLY C 114 -30.50 -44.72 46.08
CA GLY C 114 -30.94 -44.97 47.43
C GLY C 114 -32.37 -45.49 47.49
N ILE C 115 -32.71 -46.37 46.57
CA ILE C 115 -34.05 -46.93 46.56
C ILE C 115 -34.06 -48.29 47.24
N VAL C 116 -34.78 -48.34 48.35
CA VAL C 116 -34.94 -49.53 49.14
C VAL C 116 -35.98 -50.42 48.48
N THR C 117 -35.57 -51.62 48.10
CA THR C 117 -36.47 -52.56 47.46
C THR C 117 -36.57 -53.82 48.31
N THR C 118 -37.67 -53.97 49.02
CA THR C 118 -37.84 -55.12 49.91
C THR C 118 -39.02 -56.04 49.60
N GLU C 119 -39.06 -57.16 50.31
CA GLU C 119 -40.13 -58.14 50.13
C GLU C 119 -41.30 -57.80 51.03
N ASN C 120 -40.99 -57.13 52.14
CA ASN C 120 -42.01 -56.76 53.12
C ASN C 120 -41.66 -55.50 53.89
N ILE C 121 -42.64 -55.04 54.67
CA ILE C 121 -42.48 -53.84 55.46
C ILE C 121 -41.34 -53.97 56.46
N GLU C 122 -41.15 -55.16 57.00
CA GLU C 122 -40.11 -55.35 58.00
C GLU C 122 -38.72 -55.08 57.47
N GLN C 123 -38.44 -55.60 56.28
CA GLN C 123 -37.14 -55.39 55.67
C GLN C 123 -36.93 -53.92 55.33
N ALA C 124 -38.04 -53.22 55.09
CA ALA C 124 -37.98 -51.80 54.78
C ALA C 124 -37.56 -51.04 56.04
N ILE C 125 -38.26 -51.29 57.14
CA ILE C 125 -37.96 -50.64 58.42
C ILE C 125 -36.53 -50.99 58.82
N GLU C 126 -36.14 -52.21 58.49
CA GLU C 126 -34.82 -52.75 58.78
C GLU C 126 -33.70 -51.87 58.19
N ARG C 127 -33.97 -51.35 56.99
CA ARG C 127 -33.00 -50.54 56.28
C ARG C 127 -33.26 -49.04 56.32
N ALA C 128 -34.23 -48.62 57.12
CA ALA C 128 -34.54 -47.20 57.21
C ALA C 128 -34.28 -46.65 58.59
N GLY C 129 -33.26 -47.19 59.25
CA GLY C 129 -32.91 -46.71 60.56
C GLY C 129 -33.05 -47.71 61.67
N THR C 130 -32.77 -48.98 61.38
CA THR C 130 -32.89 -50.02 62.40
C THR C 130 -31.71 -50.96 62.31
N LYS C 131 -31.99 -52.25 62.30
CA LYS C 131 -30.98 -53.30 62.24
C LYS C 131 -29.89 -53.07 61.19
N ALA C 132 -30.31 -52.80 59.95
CA ALA C 132 -29.36 -52.61 58.86
C ALA C 132 -28.90 -51.17 58.65
N GLY C 133 -29.19 -50.30 59.62
CA GLY C 133 -28.79 -48.91 59.44
C GLY C 133 -29.86 -48.14 58.68
N ASN C 134 -29.46 -47.01 58.11
CA ASN C 134 -30.39 -46.16 57.37
C ASN C 134 -29.81 -45.97 55.98
N LYS C 135 -30.43 -46.55 54.97
CA LYS C 135 -29.92 -46.41 53.63
C LYS C 135 -29.77 -44.93 53.22
N GLY C 136 -30.60 -44.06 53.80
CA GLY C 136 -30.52 -42.65 53.51
C GLY C 136 -29.19 -42.07 53.96
N VAL C 137 -28.75 -42.47 55.14
CA VAL C 137 -27.48 -42.02 55.66
C VAL C 137 -26.33 -42.53 54.80
N ASP C 138 -26.44 -43.79 54.39
CA ASP C 138 -25.41 -44.38 53.56
C ASP C 138 -25.35 -43.65 52.23
N CYS C 139 -26.51 -43.23 51.73
CA CYS C 139 -26.54 -42.54 50.46
C CYS C 139 -25.98 -41.15 50.56
N ALA C 140 -26.25 -40.50 51.67
CA ALA C 140 -25.73 -39.16 51.88
C ALA C 140 -24.21 -39.25 51.81
N VAL C 141 -23.64 -40.16 52.58
CA VAL C 141 -22.19 -40.33 52.59
C VAL C 141 -21.66 -40.63 51.19
N SER C 142 -22.32 -41.52 50.46
CA SER C 142 -21.87 -41.85 49.11
C SER C 142 -21.95 -40.63 48.20
N ALA C 143 -22.99 -39.82 48.39
CA ALA C 143 -23.18 -38.61 47.59
C ALA C 143 -21.97 -37.69 47.79
N ILE C 144 -21.62 -37.48 49.05
CA ILE C 144 -20.47 -36.66 49.36
C ILE C 144 -19.22 -37.24 48.72
N GLU C 145 -18.97 -38.53 48.93
CA GLU C 145 -17.78 -39.15 48.35
C GLU C 145 -17.73 -38.95 46.83
N MET C 146 -18.82 -39.31 46.14
CA MET C 146 -18.88 -39.16 44.70
C MET C 146 -18.69 -37.73 44.22
N ALA C 147 -19.21 -36.77 44.98
CA ALA C 147 -19.07 -35.36 44.61
C ALA C 147 -17.58 -35.00 44.65
N ASN C 148 -16.91 -35.34 45.75
CA ASN C 148 -15.50 -35.05 45.90
C ASN C 148 -14.67 -35.80 44.86
N LEU C 149 -14.94 -37.08 44.68
CA LEU C 149 -14.20 -37.86 43.69
C LEU C 149 -14.39 -37.27 42.30
N ASN C 150 -15.57 -36.71 42.06
CA ASN C 150 -15.91 -36.15 40.76
C ASN C 150 -15.09 -34.92 40.39
N ARG C 151 -14.44 -34.32 41.38
CA ARG C 151 -13.62 -33.15 41.09
C ARG C 151 -12.41 -33.62 40.30
N SER C 152 -11.93 -34.82 40.65
CA SER C 152 -10.75 -35.42 40.01
C SER C 152 -11.00 -35.77 38.55
N PHE C 153 -12.24 -35.61 38.09
CA PHE C 153 -12.59 -35.91 36.71
C PHE C 153 -13.08 -34.66 36.01
N GLU C 154 -12.16 -33.96 35.36
CA GLU C 154 -12.54 -32.75 34.66
C GLU C 154 -13.07 -31.80 35.74
N MET D 1 -8.34 -68.91 7.08
CA MET D 1 -8.92 -67.71 7.74
C MET D 1 -7.78 -66.88 8.31
N ASN D 2 -8.09 -65.63 8.68
CA ASN D 2 -7.08 -64.74 9.22
C ASN D 2 -7.36 -64.45 10.69
N ILE D 3 -6.41 -64.79 11.54
CA ILE D 3 -6.55 -64.59 12.97
C ILE D 3 -6.09 -63.25 13.50
N ILE D 4 -6.88 -62.70 14.41
CA ILE D 4 -6.62 -61.43 15.05
C ILE D 4 -6.64 -61.73 16.55
N GLN D 5 -5.52 -61.55 17.23
CA GLN D 5 -5.44 -61.83 18.66
C GLN D 5 -4.94 -60.64 19.44
N GLY D 6 -4.61 -60.94 20.69
CA GLY D 6 -4.05 -59.96 21.61
C GLY D 6 -3.13 -60.79 22.48
N ASN D 7 -1.84 -60.45 22.52
CA ASN D 7 -0.88 -61.20 23.33
C ASN D 7 -0.93 -60.65 24.76
N LEU D 8 -0.23 -61.34 25.66
CA LEU D 8 -0.22 -60.91 27.05
C LEU D 8 1.00 -60.09 27.47
N VAL D 9 1.50 -59.24 26.57
CA VAL D 9 2.62 -58.39 26.92
C VAL D 9 2.09 -57.04 27.37
N GLY D 10 2.22 -56.77 28.67
CA GLY D 10 1.70 -55.53 29.21
C GLY D 10 2.60 -54.32 29.11
N THR D 11 3.84 -54.54 28.70
CA THR D 11 4.80 -53.45 28.59
C THR D 11 4.29 -52.26 27.80
N GLY D 12 4.38 -51.08 28.41
CA GLY D 12 3.93 -49.87 27.75
C GLY D 12 2.46 -49.52 27.87
N LEU D 13 1.67 -50.43 28.43
CA LEU D 13 0.25 -50.20 28.57
C LEU D 13 -0.07 -49.31 29.75
N LYS D 14 -1.14 -48.54 29.61
CA LYS D 14 -1.58 -47.67 30.68
C LYS D 14 -2.96 -48.18 31.12
N ILE D 15 -3.04 -48.67 32.35
CA ILE D 15 -4.27 -49.24 32.87
C ILE D 15 -5.01 -48.44 33.96
N GLY D 16 -6.33 -48.37 33.82
CA GLY D 16 -7.13 -47.69 34.80
C GLY D 16 -7.97 -48.72 35.53
N ILE D 17 -8.09 -48.59 36.84
CA ILE D 17 -8.89 -49.53 37.64
C ILE D 17 -9.91 -48.82 38.55
N VAL D 18 -11.13 -49.32 38.55
CA VAL D 18 -12.18 -48.77 39.39
C VAL D 18 -12.61 -49.86 40.38
N VAL D 19 -12.43 -49.60 41.66
CA VAL D 19 -12.77 -50.58 42.69
C VAL D 19 -13.85 -50.09 43.63
N GLY D 20 -14.79 -50.95 43.99
CA GLY D 20 -15.84 -50.55 44.91
C GLY D 20 -15.42 -50.76 46.34
N ARG D 21 -15.72 -49.81 47.23
CA ARG D 21 -15.34 -49.92 48.62
C ARG D 21 -16.19 -50.99 49.28
N PHE D 22 -17.45 -51.08 48.86
CA PHE D 22 -18.36 -52.06 49.42
C PHE D 22 -17.75 -53.46 49.30
N ASN D 23 -17.76 -54.19 50.42
CA ASN D 23 -17.19 -55.53 50.49
C ASN D 23 -15.69 -55.49 50.21
N ASP D 24 -15.03 -54.41 50.64
CA ASP D 24 -13.59 -54.23 50.42
C ASP D 24 -12.76 -55.38 50.97
N PHE D 25 -13.34 -56.15 51.89
CA PHE D 25 -12.65 -57.30 52.48
C PHE D 25 -12.25 -58.21 51.34
N ILE D 26 -13.10 -58.24 50.33
CA ILE D 26 -12.90 -59.04 49.15
C ILE D 26 -12.27 -58.21 48.02
N THR D 27 -12.91 -57.09 47.66
CA THR D 27 -12.41 -56.26 46.56
C THR D 27 -10.96 -55.83 46.67
N SER D 28 -10.49 -55.61 47.89
CA SER D 28 -9.11 -55.21 48.05
C SER D 28 -8.19 -56.34 47.57
N LYS D 29 -8.56 -57.59 47.84
CA LYS D 29 -7.75 -58.71 47.41
C LYS D 29 -7.86 -58.83 45.89
N LEU D 30 -8.98 -58.36 45.36
CA LEU D 30 -9.16 -58.39 43.92
C LEU D 30 -8.21 -57.39 43.29
N LEU D 31 -8.13 -56.21 43.91
CA LEU D 31 -7.30 -55.14 43.44
C LEU D 31 -5.84 -55.52 43.48
N SER D 32 -5.40 -56.04 44.61
CA SER D 32 -4.01 -56.42 44.73
C SER D 32 -3.67 -57.52 43.73
N GLY D 33 -4.64 -58.39 43.48
CA GLY D 33 -4.41 -59.47 42.55
C GLY D 33 -4.18 -58.91 41.17
N ALA D 34 -4.99 -57.94 40.78
CA ALA D 34 -4.90 -57.31 39.48
C ALA D 34 -3.57 -56.57 39.35
N GLU D 35 -3.19 -55.86 40.41
CA GLU D 35 -1.95 -55.12 40.40
C GLU D 35 -0.78 -56.05 40.12
N ASP D 36 -0.60 -57.04 40.98
CA ASP D 36 0.49 -57.98 40.81
C ASP D 36 0.48 -58.58 39.42
N ALA D 37 -0.70 -58.99 38.95
CA ALA D 37 -0.82 -59.61 37.64
C ALA D 37 -0.32 -58.66 36.57
N LEU D 38 -0.73 -57.39 36.66
CA LEU D 38 -0.32 -56.39 35.68
C LEU D 38 1.19 -56.19 35.70
N LEU D 39 1.75 -56.03 36.88
CA LEU D 39 3.19 -55.82 37.00
C LEU D 39 3.95 -56.99 36.41
N ARG D 40 3.63 -58.19 36.85
CA ARG D 40 4.33 -59.38 36.36
C ARG D 40 4.16 -59.64 34.86
N HIS D 41 3.31 -58.83 34.22
CA HIS D 41 3.09 -58.93 32.78
C HIS D 41 3.77 -57.78 32.05
N GLY D 42 4.52 -56.97 32.79
CA GLY D 42 5.23 -55.88 32.16
C GLY D 42 4.68 -54.47 32.31
N VAL D 43 3.54 -54.32 32.96
CA VAL D 43 2.96 -53.00 33.14
C VAL D 43 3.70 -52.27 34.24
N ASP D 44 3.98 -50.98 34.03
CA ASP D 44 4.67 -50.22 35.07
C ASP D 44 3.71 -49.73 36.13
N THR D 45 4.03 -50.00 37.38
CA THR D 45 3.20 -49.59 38.49
C THR D 45 2.70 -48.16 38.38
N ASN D 46 3.52 -47.27 37.81
CA ASN D 46 3.12 -45.88 37.69
C ASN D 46 2.13 -45.65 36.57
N ASP D 47 2.03 -46.62 35.66
CA ASP D 47 1.09 -46.51 34.57
C ASP D 47 -0.28 -47.05 34.97
N ILE D 48 -0.48 -47.24 36.27
CA ILE D 48 -1.73 -47.78 36.79
C ILE D 48 -2.43 -46.80 37.72
N ASP D 49 -3.63 -46.35 37.33
CA ASP D 49 -4.40 -45.44 38.18
C ASP D 49 -5.61 -46.18 38.75
N VAL D 50 -5.77 -46.09 40.05
CA VAL D 50 -6.87 -46.76 40.73
C VAL D 50 -7.84 -45.75 41.32
N ALA D 51 -9.12 -45.88 41.00
CA ALA D 51 -10.13 -44.97 41.55
C ALA D 51 -11.14 -45.75 42.38
N TRP D 52 -11.36 -45.31 43.61
CA TRP D 52 -12.30 -45.95 44.52
C TRP D 52 -13.67 -45.28 44.52
N VAL D 53 -14.73 -46.09 44.47
CA VAL D 53 -16.10 -45.57 44.51
C VAL D 53 -16.85 -46.34 45.60
N PRO D 54 -17.92 -45.74 46.17
CA PRO D 54 -18.69 -46.40 47.23
C PRO D 54 -19.05 -47.87 46.91
N GLY D 55 -19.93 -48.05 45.93
CA GLY D 55 -20.36 -49.40 45.58
C GLY D 55 -20.31 -49.67 44.10
N ALA D 56 -20.71 -50.87 43.72
CA ALA D 56 -20.71 -51.31 42.33
C ALA D 56 -21.59 -50.45 41.43
N PHE D 57 -22.63 -49.87 42.00
CA PHE D 57 -23.54 -49.05 41.20
C PHE D 57 -22.75 -47.85 40.65
N GLU D 58 -21.77 -47.41 41.42
CA GLU D 58 -20.93 -46.27 41.05
C GLU D 58 -19.83 -46.64 40.05
N ILE D 59 -19.42 -47.90 40.04
CA ILE D 59 -18.37 -48.30 39.16
C ILE D 59 -18.52 -47.83 37.71
N PRO D 60 -19.69 -48.04 37.09
CA PRO D 60 -19.89 -47.60 35.70
C PRO D 60 -19.58 -46.12 35.52
N PHE D 61 -20.09 -45.30 36.42
CA PHE D 61 -19.89 -43.85 36.36
C PHE D 61 -18.40 -43.50 36.29
N ALA D 62 -17.62 -44.06 37.21
CA ALA D 62 -16.20 -43.79 37.25
C ALA D 62 -15.48 -44.42 36.06
N ALA D 63 -15.87 -45.64 35.69
CA ALA D 63 -15.22 -46.31 34.58
C ALA D 63 -15.38 -45.53 33.29
N LYS D 64 -16.58 -44.99 33.06
CA LYS D 64 -16.79 -44.22 31.84
C LYS D 64 -15.94 -42.95 31.82
N LYS D 65 -15.94 -42.22 32.93
CA LYS D 65 -15.16 -40.99 33.00
C LYS D 65 -13.67 -41.25 32.82
N MET D 66 -13.15 -42.28 33.44
CA MET D 66 -11.73 -42.60 33.29
C MET D 66 -11.43 -42.97 31.83
N ALA D 67 -12.30 -43.77 31.24
CA ALA D 67 -12.10 -44.18 29.87
C ALA D 67 -12.13 -42.99 28.92
N GLU D 68 -13.02 -42.04 29.22
CA GLU D 68 -13.17 -40.86 28.39
C GLU D 68 -11.94 -39.99 28.32
N THR D 69 -11.12 -40.01 29.36
CA THR D 69 -9.91 -39.22 29.36
C THR D 69 -8.97 -39.74 28.26
N LYS D 70 -9.32 -40.87 27.66
CA LYS D 70 -8.50 -41.48 26.61
C LYS D 70 -7.05 -41.68 27.04
N LYS D 71 -6.82 -41.55 28.35
CA LYS D 71 -5.52 -41.73 28.95
C LYS D 71 -5.19 -43.21 29.20
N TYR D 72 -6.15 -44.11 29.00
CA TYR D 72 -5.92 -45.53 29.26
C TYR D 72 -6.16 -46.49 28.08
N ASP D 73 -5.40 -47.58 28.05
CA ASP D 73 -5.50 -48.60 27.00
C ASP D 73 -6.63 -49.56 27.30
N ALA D 74 -6.93 -49.71 28.59
CA ALA D 74 -7.98 -50.59 29.05
C ALA D 74 -8.33 -50.21 30.47
N ILE D 75 -9.55 -50.56 30.88
CA ILE D 75 -9.99 -50.25 32.23
C ILE D 75 -10.52 -51.49 32.90
N ILE D 76 -10.06 -51.73 34.11
CA ILE D 76 -10.48 -52.90 34.88
C ILE D 76 -11.46 -52.47 35.98
N THR D 77 -12.65 -53.06 36.00
CA THR D 77 -13.62 -52.75 37.04
C THR D 77 -13.60 -53.89 38.04
N LEU D 78 -13.45 -53.56 39.32
CA LEU D 78 -13.39 -54.57 40.37
C LEU D 78 -14.44 -54.32 41.45
N GLY D 79 -15.30 -55.31 41.66
CA GLY D 79 -16.32 -55.16 42.68
C GLY D 79 -16.77 -56.48 43.25
N THR D 80 -17.58 -56.42 44.28
CA THR D 80 -18.09 -57.64 44.89
C THR D 80 -19.46 -57.36 45.45
N VAL D 81 -20.47 -57.92 44.79
CA VAL D 81 -21.82 -57.76 45.26
C VAL D 81 -22.23 -59.12 45.80
N ILE D 82 -22.57 -59.18 47.07
CA ILE D 82 -22.99 -60.44 47.66
C ILE D 82 -24.48 -60.32 47.94
N ARG D 83 -25.26 -61.30 47.48
CA ARG D 83 -26.69 -61.27 47.68
C ARG D 83 -27.13 -61.16 49.13
N GLY D 84 -28.24 -60.45 49.35
CA GLY D 84 -28.75 -60.29 50.70
C GLY D 84 -30.17 -60.80 50.80
N ALA D 85 -30.98 -60.14 51.61
CA ALA D 85 -32.36 -60.56 51.82
C ALA D 85 -33.35 -60.01 50.83
N THR D 86 -32.99 -58.93 50.14
CA THR D 86 -33.89 -58.29 49.18
C THR D 86 -33.38 -58.43 47.75
N THR D 87 -34.12 -57.85 46.80
CA THR D 87 -33.70 -57.92 45.41
C THR D 87 -32.70 -56.82 45.07
N HIS D 88 -32.28 -56.06 46.09
CA HIS D 88 -31.31 -54.98 45.88
C HIS D 88 -30.15 -55.49 45.01
N TYR D 89 -29.63 -56.66 45.39
CA TYR D 89 -28.55 -57.35 44.70
C TYR D 89 -28.73 -57.29 43.19
N ASP D 90 -29.93 -57.67 42.75
CA ASP D 90 -30.29 -57.69 41.34
C ASP D 90 -30.03 -56.38 40.61
N TYR D 91 -30.56 -55.28 41.12
CA TYR D 91 -30.39 -53.97 40.49
C TYR D 91 -28.93 -53.52 40.50
N VAL D 92 -28.25 -53.68 41.62
CA VAL D 92 -26.85 -53.28 41.69
C VAL D 92 -26.04 -54.05 40.65
N CYS D 93 -26.23 -55.37 40.59
CA CYS D 93 -25.51 -56.20 39.62
C CYS D 93 -25.86 -55.86 38.18
N ASN D 94 -27.15 -55.76 37.89
CA ASN D 94 -27.56 -55.44 36.54
C ASN D 94 -27.04 -54.09 36.09
N GLU D 95 -27.32 -53.04 36.86
CA GLU D 95 -26.86 -51.72 36.46
C GLU D 95 -25.36 -51.68 36.30
N ALA D 96 -24.64 -52.34 37.19
CA ALA D 96 -23.19 -52.37 37.12
C ALA D 96 -22.74 -52.98 35.81
N ALA D 97 -23.18 -54.20 35.57
CA ALA D 97 -22.81 -54.91 34.36
C ALA D 97 -23.29 -54.16 33.11
N LYS D 98 -24.45 -53.56 33.20
CA LYS D 98 -25.05 -52.81 32.11
C LYS D 98 -24.17 -51.61 31.76
N GLY D 99 -23.82 -50.86 32.80
CA GLY D 99 -23.00 -49.68 32.63
C GLY D 99 -21.55 -49.94 32.26
N ILE D 100 -20.96 -50.97 32.85
CA ILE D 100 -19.58 -51.30 32.55
C ILE D 100 -19.48 -51.69 31.09
N ALA D 101 -20.55 -52.27 30.57
CA ALA D 101 -20.54 -52.68 29.17
C ALA D 101 -20.71 -51.48 28.26
N GLN D 102 -21.64 -50.59 28.59
CA GLN D 102 -21.86 -49.44 27.74
C GLN D 102 -20.72 -48.43 27.83
N ALA D 103 -19.96 -48.49 28.92
CA ALA D 103 -18.84 -47.57 29.07
C ALA D 103 -17.85 -47.86 27.95
N ALA D 104 -17.48 -49.13 27.83
CA ALA D 104 -16.54 -49.54 26.80
C ALA D 104 -17.12 -49.26 25.41
N ASN D 105 -18.41 -49.50 25.27
CA ASN D 105 -19.09 -49.28 24.01
C ASN D 105 -18.99 -47.85 23.52
N THR D 106 -19.47 -46.92 24.33
CA THR D 106 -19.46 -45.50 24.00
C THR D 106 -18.08 -44.87 24.01
N THR D 107 -17.18 -45.47 24.77
CA THR D 107 -15.82 -44.96 24.89
C THR D 107 -14.81 -45.53 23.88
N GLY D 108 -15.04 -46.73 23.37
CA GLY D 108 -14.11 -47.34 22.44
C GLY D 108 -12.95 -48.01 23.18
N VAL D 109 -12.83 -47.73 24.46
CA VAL D 109 -11.77 -48.29 25.29
C VAL D 109 -12.28 -49.56 25.94
N PRO D 110 -11.47 -50.62 25.95
CA PRO D 110 -11.93 -51.86 26.57
C PRO D 110 -12.17 -51.68 28.08
N VAL D 111 -13.32 -52.12 28.57
CA VAL D 111 -13.59 -52.02 30.00
C VAL D 111 -13.91 -53.43 30.48
N ILE D 112 -12.96 -54.02 31.18
CA ILE D 112 -13.08 -55.39 31.70
C ILE D 112 -14.03 -55.53 32.89
N PHE D 113 -14.97 -56.47 32.77
CA PHE D 113 -15.98 -56.72 33.81
C PHE D 113 -15.42 -57.64 34.88
N GLY D 114 -15.04 -57.07 36.00
CA GLY D 114 -14.48 -57.86 37.07
C GLY D 114 -15.27 -57.76 38.34
N ILE D 115 -16.59 -57.75 38.21
CA ILE D 115 -17.41 -57.67 39.39
C ILE D 115 -17.87 -59.05 39.79
N VAL D 116 -17.45 -59.45 40.98
CA VAL D 116 -17.79 -60.74 41.56
C VAL D 116 -19.17 -60.65 42.16
N THR D 117 -20.07 -61.48 41.65
CA THR D 117 -21.44 -61.48 42.14
C THR D 117 -21.75 -62.84 42.73
N THR D 118 -21.76 -62.95 44.06
CA THR D 118 -22.03 -64.24 44.69
C THR D 118 -23.28 -64.32 45.58
N GLU D 119 -23.56 -65.53 46.05
CA GLU D 119 -24.72 -65.78 46.90
C GLU D 119 -24.33 -65.61 48.34
N ASN D 120 -23.04 -65.82 48.62
CA ASN D 120 -22.53 -65.71 49.98
C ASN D 120 -21.06 -65.33 50.02
N ILE D 121 -20.58 -65.04 51.22
CA ILE D 121 -19.19 -64.65 51.46
C ILE D 121 -18.22 -65.73 50.98
N GLU D 122 -18.59 -66.99 51.18
CA GLU D 122 -17.70 -68.07 50.79
C GLU D 122 -17.39 -68.08 49.32
N GLN D 123 -18.41 -67.91 48.49
CA GLN D 123 -18.18 -67.92 47.06
C GLN D 123 -17.35 -66.71 46.65
N ALA D 124 -17.44 -65.65 47.46
CA ALA D 124 -16.70 -64.43 47.18
C ALA D 124 -15.22 -64.74 47.42
N ILE D 125 -14.92 -65.27 48.60
CA ILE D 125 -13.53 -65.61 48.95
C ILE D 125 -12.99 -66.62 47.95
N GLU D 126 -13.88 -67.49 47.49
CA GLU D 126 -13.59 -68.54 46.53
C GLU D 126 -13.00 -67.96 45.24
N ARG D 127 -13.52 -66.80 44.84
CA ARG D 127 -13.11 -66.14 43.60
C ARG D 127 -12.17 -64.95 43.77
N ALA D 128 -11.71 -64.73 44.99
CA ALA D 128 -10.83 -63.60 45.25
C ALA D 128 -9.47 -64.06 45.70
N GLY D 129 -9.02 -65.20 45.18
CA GLY D 129 -7.72 -65.70 45.54
C GLY D 129 -7.71 -67.01 46.29
N THR D 130 -8.63 -67.91 45.95
CA THR D 130 -8.71 -69.21 46.60
C THR D 130 -9.00 -70.30 45.57
N LYS D 131 -9.93 -71.17 45.89
CA LYS D 131 -10.31 -72.28 45.03
C LYS D 131 -10.45 -71.92 43.55
N ALA D 132 -11.25 -70.90 43.26
CA ALA D 132 -11.49 -70.49 41.89
C ALA D 132 -10.50 -69.47 41.32
N GLY D 133 -9.38 -69.23 42.02
CA GLY D 133 -8.43 -68.26 41.55
C GLY D 133 -8.77 -66.86 42.04
N ASN D 134 -8.26 -65.86 41.35
CA ASN D 134 -8.52 -64.47 41.73
C ASN D 134 -9.10 -63.76 40.53
N LYS D 135 -10.37 -63.39 40.58
CA LYS D 135 -10.99 -62.74 39.44
C LYS D 135 -10.22 -61.47 39.04
N GLY D 136 -9.55 -60.84 40.01
CA GLY D 136 -8.78 -59.64 39.72
C GLY D 136 -7.63 -59.96 38.77
N VAL D 137 -6.98 -61.09 39.01
CA VAL D 137 -5.87 -61.51 38.18
C VAL D 137 -6.37 -61.82 36.77
N ASP D 138 -7.50 -62.50 36.70
CA ASP D 138 -8.07 -62.85 35.43
C ASP D 138 -8.45 -61.60 34.65
N CYS D 139 -8.90 -60.58 35.37
CA CYS D 139 -9.30 -59.34 34.71
C CYS D 139 -8.09 -58.57 34.23
N ALA D 140 -7.02 -58.62 35.00
CA ALA D 140 -5.81 -57.92 34.62
C ALA D 140 -5.36 -58.48 33.28
N VAL D 141 -5.28 -59.80 33.21
CA VAL D 141 -4.86 -60.48 32.00
C VAL D 141 -5.78 -60.13 30.84
N SER D 142 -7.08 -60.12 31.08
CA SER D 142 -8.03 -59.78 30.02
C SER D 142 -7.85 -58.35 29.56
N ALA D 143 -7.58 -57.47 30.51
CA ALA D 143 -7.36 -56.07 30.20
C ALA D 143 -6.19 -55.94 29.22
N ILE D 144 -5.09 -56.62 29.55
CA ILE D 144 -3.92 -56.58 28.70
C ILE D 144 -4.29 -57.12 27.32
N GLU D 145 -4.91 -58.29 27.28
CA GLU D 145 -5.29 -58.87 25.98
C GLU D 145 -6.14 -57.89 25.16
N MET D 146 -7.21 -57.38 25.76
CA MET D 146 -8.09 -56.46 25.06
C MET D 146 -7.37 -55.20 24.59
N ALA D 147 -6.42 -54.72 25.39
CA ALA D 147 -5.66 -53.51 25.02
C ALA D 147 -4.88 -53.80 23.75
N ASN D 148 -4.15 -54.92 23.75
CA ASN D 148 -3.36 -55.29 22.60
C ASN D 148 -4.23 -55.58 21.40
N LEU D 149 -5.31 -56.32 21.61
CA LEU D 149 -6.22 -56.62 20.52
C LEU D 149 -6.81 -55.36 19.94
N ASN D 150 -7.02 -54.37 20.80
CA ASN D 150 -7.59 -53.11 20.38
C ASN D 150 -6.72 -52.29 19.44
N ARG D 151 -5.43 -52.64 19.35
CA ARG D 151 -4.55 -51.92 18.46
C ARG D 151 -4.95 -52.27 17.05
N SER D 152 -5.36 -53.52 16.87
CA SER D 152 -5.77 -54.06 15.56
C SER D 152 -7.04 -53.41 15.03
N PHE D 153 -7.67 -52.58 15.85
CA PHE D 153 -8.89 -51.90 15.46
C PHE D 153 -8.70 -50.40 15.46
N GLU D 154 -8.34 -49.85 14.31
CA GLU D 154 -8.12 -48.42 14.22
C GLU D 154 -6.98 -48.11 15.19
N MET E 1 -48.50 -61.50 -2.28
CA MET E 1 -47.46 -60.78 -1.52
C MET E 1 -46.11 -60.90 -2.26
N ASN E 2 -45.14 -60.09 -1.84
CA ASN E 2 -43.82 -60.11 -2.47
C ASN E 2 -42.77 -60.61 -1.47
N ILE E 3 -42.13 -61.72 -1.80
CA ILE E 3 -41.14 -62.32 -0.93
C ILE E 3 -39.71 -61.82 -1.11
N ILE E 4 -39.05 -61.61 0.01
CA ILE E 4 -37.67 -61.13 0.05
C ILE E 4 -36.92 -62.16 0.88
N GLN E 5 -35.97 -62.85 0.26
CA GLN E 5 -35.20 -63.88 0.96
C GLN E 5 -33.71 -63.65 0.89
N GLY E 6 -32.98 -64.70 1.25
CA GLY E 6 -31.53 -64.68 1.23
C GLY E 6 -31.19 -66.12 0.93
N ASN E 7 -30.47 -66.36 -0.16
CA ASN E 7 -30.10 -67.74 -0.50
C ASN E 7 -28.85 -68.14 0.26
N LEU E 8 -28.49 -69.41 0.15
CA LEU E 8 -27.31 -69.88 0.86
C LEU E 8 -26.04 -69.97 0.03
N VAL E 9 -25.86 -69.04 -0.91
CA VAL E 9 -24.65 -69.05 -1.73
C VAL E 9 -23.63 -68.09 -1.09
N GLY E 10 -22.58 -68.66 -0.52
CA GLY E 10 -21.59 -67.84 0.15
C GLY E 10 -20.53 -67.23 -0.73
N THR E 11 -20.46 -67.65 -1.98
CA THR E 11 -19.46 -67.15 -2.91
C THR E 11 -19.35 -65.63 -2.92
N GLY E 12 -18.13 -65.14 -2.74
CA GLY E 12 -17.91 -63.69 -2.75
C GLY E 12 -18.12 -62.96 -1.44
N LEU E 13 -18.68 -63.64 -0.45
CA LEU E 13 -18.93 -63.03 0.84
C LEU E 13 -17.67 -62.91 1.71
N LYS E 14 -17.63 -61.86 2.51
CA LYS E 14 -16.51 -61.63 3.42
C LYS E 14 -17.10 -61.72 4.82
N ILE E 15 -16.65 -62.74 5.57
CA ILE E 15 -17.17 -62.99 6.90
C ILE E 15 -16.19 -62.75 8.05
N GLY E 16 -16.70 -62.14 9.11
CA GLY E 16 -15.88 -61.87 10.27
C GLY E 16 -16.44 -62.71 11.41
N ILE E 17 -15.55 -63.28 12.20
CA ILE E 17 -15.96 -64.12 13.33
C ILE E 17 -15.27 -63.70 14.64
N VAL E 18 -16.04 -63.64 15.70
CA VAL E 18 -15.51 -63.30 17.02
C VAL E 18 -15.79 -64.50 17.93
N VAL E 19 -14.73 -65.11 18.46
CA VAL E 19 -14.85 -66.26 19.32
C VAL E 19 -14.30 -65.99 20.72
N GLY E 20 -15.00 -66.49 21.76
CA GLY E 20 -14.52 -66.32 23.12
C GLY E 20 -13.55 -67.45 23.49
N ARG E 21 -12.46 -67.11 24.19
CA ARG E 21 -11.49 -68.12 24.58
C ARG E 21 -12.09 -68.95 25.69
N PHE E 22 -12.90 -68.32 26.52
CA PHE E 22 -13.52 -69.00 27.65
C PHE E 22 -14.30 -70.21 27.13
N ASN E 23 -14.08 -71.37 27.76
CA ASN E 23 -14.73 -72.60 27.35
C ASN E 23 -14.35 -73.01 25.93
N ASP E 24 -13.12 -72.69 25.53
CA ASP E 24 -12.61 -72.99 24.19
C ASP E 24 -12.72 -74.46 23.83
N PHE E 25 -12.87 -75.31 24.84
CA PHE E 25 -13.01 -76.75 24.61
C PHE E 25 -14.21 -76.92 23.71
N ILE E 26 -15.20 -76.06 23.92
CA ILE E 26 -16.43 -76.05 23.15
C ILE E 26 -16.35 -75.06 21.99
N THR E 27 -16.10 -73.78 22.29
CA THR E 27 -16.05 -72.75 21.26
C THR E 27 -15.16 -73.05 20.06
N SER E 28 -14.06 -73.76 20.28
CA SER E 28 -13.18 -74.08 19.18
C SER E 28 -13.91 -75.00 18.20
N LYS E 29 -14.73 -75.91 18.72
CA LYS E 29 -15.48 -76.80 17.86
C LYS E 29 -16.58 -76.02 17.16
N LEU E 30 -17.01 -74.93 17.77
CA LEU E 30 -18.04 -74.07 17.19
C LEU E 30 -17.40 -73.34 16.03
N LEU E 31 -16.19 -72.84 16.25
CA LEU E 31 -15.44 -72.11 15.24
C LEU E 31 -15.14 -72.97 14.03
N SER E 32 -14.60 -74.16 14.25
CA SER E 32 -14.27 -75.03 13.15
C SER E 32 -15.54 -75.42 12.40
N GLY E 33 -16.64 -75.55 13.12
CA GLY E 33 -17.88 -75.91 12.47
C GLY E 33 -18.31 -74.80 11.52
N ALA E 34 -18.22 -73.57 12.00
CA ALA E 34 -18.59 -72.43 11.20
C ALA E 34 -17.69 -72.32 9.98
N GLU E 35 -16.39 -72.51 10.18
CA GLU E 35 -15.43 -72.42 9.07
C GLU E 35 -15.79 -73.41 7.96
N ASP E 36 -15.92 -74.67 8.33
CA ASP E 36 -16.24 -75.68 7.34
C ASP E 36 -17.55 -75.35 6.67
N ALA E 37 -18.54 -74.94 7.44
CA ALA E 37 -19.84 -74.62 6.88
C ALA E 37 -19.70 -73.51 5.85
N LEU E 38 -18.97 -72.46 6.20
CA LEU E 38 -18.77 -71.35 5.29
C LEU E 38 -18.07 -71.82 4.03
N LEU E 39 -16.98 -72.55 4.17
CA LEU E 39 -16.24 -72.99 3.00
C LEU E 39 -17.11 -73.80 2.08
N ARG E 40 -17.79 -74.81 2.62
CA ARG E 40 -18.63 -75.66 1.80
C ARG E 40 -19.82 -74.95 1.17
N HIS E 41 -20.02 -73.69 1.54
CA HIS E 41 -21.09 -72.89 0.97
C HIS E 41 -20.55 -71.89 -0.04
N GLY E 42 -19.26 -71.97 -0.33
CA GLY E 42 -18.67 -71.07 -1.30
C GLY E 42 -17.81 -69.91 -0.81
N VAL E 43 -17.72 -69.74 0.50
CA VAL E 43 -16.90 -68.65 1.04
C VAL E 43 -15.44 -69.03 0.95
N ASP E 44 -14.59 -68.07 0.55
CA ASP E 44 -13.17 -68.36 0.47
C ASP E 44 -12.50 -68.20 1.82
N THR E 45 -11.75 -69.22 2.20
CA THR E 45 -11.06 -69.22 3.47
C THR E 45 -10.33 -67.91 3.78
N ASN E 46 -9.79 -67.26 2.75
CA ASN E 46 -9.09 -66.02 2.99
C ASN E 46 -10.04 -64.86 3.22
N ASP E 47 -11.31 -65.05 2.89
CA ASP E 47 -12.30 -64.00 3.10
C ASP E 47 -12.90 -64.12 4.51
N ILE E 48 -12.25 -64.90 5.36
CA ILE E 48 -12.72 -65.11 6.73
C ILE E 48 -11.71 -64.63 7.78
N ASP E 49 -12.08 -63.63 8.56
CA ASP E 49 -11.20 -63.13 9.61
C ASP E 49 -11.79 -63.54 10.96
N VAL E 50 -10.96 -64.14 11.79
CA VAL E 50 -11.37 -64.58 13.12
C VAL E 50 -10.65 -63.79 14.20
N ALA E 51 -11.41 -63.25 15.15
CA ALA E 51 -10.81 -62.50 16.24
C ALA E 51 -11.17 -63.16 17.57
N TRP E 52 -10.15 -63.43 18.39
CA TRP E 52 -10.35 -64.04 19.68
C TRP E 52 -10.39 -63.04 20.82
N VAL E 53 -11.36 -63.21 21.73
CA VAL E 53 -11.46 -62.33 22.91
C VAL E 53 -11.56 -63.22 24.14
N PRO E 54 -11.18 -62.71 25.31
CA PRO E 54 -11.23 -63.48 26.56
C PRO E 54 -12.55 -64.23 26.76
N GLY E 55 -13.62 -63.49 27.06
CA GLY E 55 -14.90 -64.13 27.27
C GLY E 55 -16.02 -63.52 26.45
N ALA E 56 -17.24 -64.04 26.63
CA ALA E 56 -18.42 -63.59 25.90
C ALA E 56 -18.77 -62.14 26.17
N PHE E 57 -18.36 -61.62 27.33
CA PHE E 57 -18.65 -60.23 27.66
C PHE E 57 -17.92 -59.34 26.66
N GLU E 58 -16.75 -59.80 26.19
CA GLU E 58 -15.93 -59.07 25.24
C GLU E 58 -16.43 -59.20 23.81
N ILE E 59 -17.14 -60.28 23.52
CA ILE E 59 -17.60 -60.48 22.16
C ILE E 59 -18.26 -59.27 21.51
N PRO E 60 -19.22 -58.63 22.18
CA PRO E 60 -19.89 -57.47 21.61
C PRO E 60 -18.91 -56.39 21.20
N PHE E 61 -17.96 -56.09 22.08
CA PHE E 61 -16.94 -55.07 21.81
C PHE E 61 -16.19 -55.34 20.49
N ALA E 62 -15.71 -56.57 20.31
CA ALA E 62 -14.98 -56.92 19.11
C ALA E 62 -15.90 -56.99 17.90
N ALA E 63 -17.11 -57.51 18.07
CA ALA E 63 -18.05 -57.64 16.96
C ALA E 63 -18.42 -56.28 16.38
N LYS E 64 -18.64 -55.30 17.25
CA LYS E 64 -18.98 -53.98 16.79
C LYS E 64 -17.82 -53.36 16.02
N LYS E 65 -16.63 -53.41 16.57
CA LYS E 65 -15.47 -52.84 15.89
C LYS E 65 -15.21 -53.51 14.56
N MET E 66 -15.34 -54.83 14.48
CA MET E 66 -15.12 -55.50 13.22
C MET E 66 -16.18 -55.07 12.20
N ALA E 67 -17.42 -55.03 12.66
CA ALA E 67 -18.51 -54.64 11.78
C ALA E 67 -18.33 -53.21 11.25
N GLU E 68 -17.81 -52.33 12.11
CA GLU E 68 -17.62 -50.94 11.77
C GLU E 68 -16.61 -50.73 10.66
N THR E 69 -15.68 -51.66 10.51
CA THR E 69 -14.69 -51.53 9.45
C THR E 69 -15.40 -51.64 8.10
N LYS E 70 -16.67 -52.02 8.13
CA LYS E 70 -17.47 -52.20 6.92
C LYS E 70 -16.80 -53.13 5.92
N LYS E 71 -15.82 -53.86 6.41
CA LYS E 71 -15.07 -54.81 5.60
C LYS E 71 -15.78 -56.16 5.48
N TYR E 72 -16.85 -56.35 6.25
CA TYR E 72 -17.56 -57.63 6.24
C TYR E 72 -19.04 -57.57 5.88
N ASP E 73 -19.53 -58.66 5.26
CA ASP E 73 -20.93 -58.79 4.84
C ASP E 73 -21.80 -59.24 6.00
N ALA E 74 -21.18 -59.97 6.92
CA ALA E 74 -21.86 -60.46 8.10
C ALA E 74 -20.80 -60.83 9.13
N ILE E 75 -21.22 -60.87 10.39
CA ILE E 75 -20.32 -61.22 11.46
C ILE E 75 -20.94 -62.31 12.32
N ILE E 76 -20.14 -63.33 12.59
CA ILE E 76 -20.57 -64.47 13.39
C ILE E 76 -19.93 -64.39 14.78
N THR E 77 -20.75 -64.41 15.82
CA THR E 77 -20.24 -64.39 17.18
C THR E 77 -20.36 -65.81 17.74
N LEU E 78 -19.25 -66.33 18.27
CA LEU E 78 -19.21 -67.70 18.82
C LEU E 78 -18.71 -67.72 20.25
N GLY E 79 -19.54 -68.24 21.14
CA GLY E 79 -19.16 -68.31 22.53
C GLY E 79 -19.90 -69.40 23.26
N THR E 80 -19.44 -69.69 24.48
CA THR E 80 -20.07 -70.70 25.30
C THR E 80 -20.03 -70.28 26.75
N VAL E 81 -21.18 -69.97 27.28
CA VAL E 81 -21.28 -69.58 28.67
C VAL E 81 -22.00 -70.72 29.36
N ILE E 82 -21.33 -71.37 30.30
CA ILE E 82 -21.96 -72.46 31.02
C ILE E 82 -22.25 -71.97 32.42
N ARG E 83 -23.46 -72.15 32.90
CA ARG E 83 -23.85 -71.69 34.23
C ARG E 83 -23.01 -72.24 35.35
N GLY E 84 -22.78 -71.42 36.36
CA GLY E 84 -22.00 -71.81 37.51
C GLY E 84 -22.78 -71.73 38.80
N ALA E 85 -22.11 -71.37 39.88
CA ALA E 85 -22.73 -71.28 41.19
C ALA E 85 -23.38 -69.94 41.49
N THR E 86 -22.96 -68.93 40.75
CA THR E 86 -23.48 -67.59 40.98
C THR E 86 -24.31 -67.08 39.82
N THR E 87 -24.78 -65.84 39.91
CA THR E 87 -25.59 -65.27 38.84
C THR E 87 -24.70 -64.66 37.77
N HIS E 88 -23.39 -64.81 37.94
CA HIS E 88 -22.45 -64.29 36.97
C HIS E 88 -22.94 -64.63 35.56
N TYR E 89 -23.27 -65.89 35.37
CA TYR E 89 -23.79 -66.41 34.11
C TYR E 89 -24.80 -65.44 33.47
N ASP E 90 -25.75 -65.01 34.29
CA ASP E 90 -26.80 -64.11 33.84
C ASP E 90 -26.27 -62.85 33.18
N TYR E 91 -25.41 -62.12 33.88
CA TYR E 91 -24.88 -60.88 33.33
C TYR E 91 -24.07 -61.09 32.06
N VAL E 92 -23.21 -62.11 32.07
CA VAL E 92 -22.40 -62.38 30.89
C VAL E 92 -23.29 -62.67 29.69
N CYS E 93 -24.29 -63.52 29.88
CA CYS E 93 -25.18 -63.85 28.78
C CYS E 93 -26.01 -62.68 28.32
N ASN E 94 -26.60 -61.95 29.26
CA ASN E 94 -27.41 -60.78 28.91
C ASN E 94 -26.60 -59.73 28.17
N GLU E 95 -25.52 -59.28 28.77
CA GLU E 95 -24.70 -58.27 28.11
C GLU E 95 -24.22 -58.73 26.76
N ALA E 96 -23.83 -59.99 26.64
CA ALA E 96 -23.38 -60.52 25.37
C ALA E 96 -24.46 -60.40 24.32
N ALA E 97 -25.61 -61.00 24.60
CA ALA E 97 -26.72 -60.99 23.68
C ALA E 97 -27.21 -59.56 23.39
N LYS E 98 -27.17 -58.72 24.42
CA LYS E 98 -27.60 -57.33 24.32
C LYS E 98 -26.69 -56.59 23.34
N GLY E 99 -25.38 -56.76 23.55
CA GLY E 99 -24.39 -56.10 22.72
C GLY E 99 -24.29 -56.64 21.32
N ILE E 100 -24.37 -57.95 21.18
CA ILE E 100 -24.30 -58.55 19.86
C ILE E 100 -25.46 -58.05 19.01
N ALA E 101 -26.58 -57.78 19.67
CA ALA E 101 -27.75 -57.30 18.98
C ALA E 101 -27.60 -55.84 18.58
N GLN E 102 -27.11 -55.02 19.50
CA GLN E 102 -26.95 -53.61 19.21
C GLN E 102 -25.80 -53.35 18.23
N ALA E 103 -24.87 -54.30 18.15
CA ALA E 103 -23.74 -54.14 17.23
C ALA E 103 -24.29 -54.10 15.82
N ALA E 104 -25.11 -55.09 15.48
CA ALA E 104 -25.72 -55.16 14.16
C ALA E 104 -26.62 -53.97 13.91
N ASN E 105 -27.33 -53.58 14.97
CA ASN E 105 -28.24 -52.46 14.89
C ASN E 105 -27.54 -51.17 14.47
N THR E 106 -26.58 -50.75 15.29
CA THR E 106 -25.84 -49.52 15.04
C THR E 106 -24.89 -49.60 13.86
N THR E 107 -24.54 -50.81 13.46
CA THR E 107 -23.59 -51.02 12.36
C THR E 107 -24.23 -51.26 11.01
N GLY E 108 -25.47 -51.75 10.99
CA GLY E 108 -26.13 -52.03 9.72
C GLY E 108 -25.69 -53.36 9.14
N VAL E 109 -24.63 -53.93 9.70
CA VAL E 109 -24.10 -55.20 9.27
C VAL E 109 -24.73 -56.32 10.10
N PRO E 110 -25.17 -57.41 9.46
CA PRO E 110 -25.77 -58.51 10.24
C PRO E 110 -24.77 -59.13 11.22
N VAL E 111 -25.16 -59.27 12.48
CA VAL E 111 -24.28 -59.90 13.45
C VAL E 111 -25.04 -61.09 14.03
N ILE E 112 -24.63 -62.29 13.62
CA ILE E 112 -25.27 -63.53 14.03
C ILE E 112 -24.92 -63.92 15.46
N PHE E 113 -25.96 -64.19 16.26
CA PHE E 113 -25.83 -64.58 17.65
C PHE E 113 -25.57 -66.07 17.78
N GLY E 114 -24.31 -66.42 18.01
CA GLY E 114 -23.93 -67.81 18.12
C GLY E 114 -23.33 -68.15 19.47
N ILE E 115 -23.90 -67.59 20.52
CA ILE E 115 -23.41 -67.88 21.83
C ILE E 115 -24.25 -68.95 22.49
N VAL E 116 -23.60 -70.07 22.77
CA VAL E 116 -24.20 -71.21 23.41
C VAL E 116 -24.26 -70.96 24.92
N THR E 117 -25.47 -70.95 25.47
CA THR E 117 -25.66 -70.71 26.89
C THR E 117 -26.33 -71.92 27.51
N THR E 118 -25.56 -72.74 28.23
CA THR E 118 -26.11 -73.95 28.82
C THR E 118 -26.03 -74.05 30.34
N GLU E 119 -26.67 -75.08 30.88
CA GLU E 119 -26.70 -75.30 32.31
C GLU E 119 -25.50 -76.15 32.71
N ASN E 120 -24.99 -76.91 31.77
CA ASN E 120 -23.87 -77.79 32.04
C ASN E 120 -23.04 -78.09 30.79
N ILE E 121 -21.91 -78.75 31.01
CA ILE E 121 -21.01 -79.12 29.94
C ILE E 121 -21.69 -80.01 28.93
N GLU E 122 -22.54 -80.91 29.39
CA GLU E 122 -23.20 -81.83 28.47
C GLU E 122 -24.05 -81.13 27.41
N GLN E 123 -24.83 -80.14 27.83
CA GLN E 123 -25.67 -79.41 26.91
C GLN E 123 -24.82 -78.60 25.97
N ALA E 124 -23.61 -78.27 26.40
CA ALA E 124 -22.71 -77.50 25.57
C ALA E 124 -22.22 -78.40 24.47
N ILE E 125 -21.71 -79.58 24.85
CA ILE E 125 -21.21 -80.55 23.86
C ILE E 125 -22.35 -80.96 22.91
N GLU E 126 -23.54 -81.00 23.45
CA GLU E 126 -24.77 -81.34 22.73
C GLU E 126 -24.99 -80.42 21.54
N ARG E 127 -24.65 -79.15 21.73
CA ARG E 127 -24.85 -78.13 20.71
C ARG E 127 -23.59 -77.69 19.97
N ALA E 128 -22.49 -78.39 20.20
CA ALA E 128 -21.24 -78.04 19.55
C ALA E 128 -20.76 -79.16 18.63
N GLY E 129 -21.70 -79.86 18.01
CA GLY E 129 -21.35 -80.93 17.10
C GLY E 129 -21.74 -82.33 17.54
N THR E 130 -22.90 -82.47 18.20
CA THR E 130 -23.38 -83.75 18.66
C THR E 130 -24.87 -83.87 18.41
N LYS E 131 -25.61 -84.32 19.41
CA LYS E 131 -27.06 -84.51 19.33
C LYS E 131 -27.81 -83.36 18.67
N ALA E 132 -27.59 -82.14 19.15
CA ALA E 132 -28.27 -80.97 18.62
C ALA E 132 -27.60 -80.26 17.46
N GLY E 133 -26.59 -80.91 16.87
CA GLY E 133 -25.91 -80.30 15.75
C GLY E 133 -24.79 -79.40 16.25
N ASN E 134 -24.34 -78.49 15.39
CA ASN E 134 -23.26 -77.57 15.74
C ASN E 134 -23.77 -76.15 15.56
N LYS E 135 -23.98 -75.43 16.67
CA LYS E 135 -24.48 -74.07 16.58
C LYS E 135 -23.61 -73.22 15.67
N GLY E 136 -22.33 -73.56 15.57
CA GLY E 136 -21.41 -72.80 14.72
C GLY E 136 -21.82 -72.93 13.28
N VAL E 137 -22.16 -74.15 12.88
CA VAL E 137 -22.58 -74.40 11.51
C VAL E 137 -23.90 -73.65 11.23
N ASP E 138 -24.81 -73.70 12.19
CA ASP E 138 -26.07 -73.02 12.02
C ASP E 138 -25.84 -71.53 11.89
N CYS E 139 -24.86 -71.01 12.61
CA CYS E 139 -24.59 -69.58 12.55
C CYS E 139 -23.95 -69.19 11.26
N ALA E 140 -23.09 -70.06 10.74
CA ALA E 140 -22.45 -69.77 9.47
C ALA E 140 -23.55 -69.63 8.42
N VAL E 141 -24.43 -70.61 8.37
CA VAL E 141 -25.51 -70.58 7.40
C VAL E 141 -26.35 -69.32 7.57
N SER E 142 -26.67 -68.96 8.81
CA SER E 142 -27.47 -67.77 9.05
C SER E 142 -26.73 -66.52 8.58
N ALA E 143 -25.42 -66.51 8.79
CA ALA E 143 -24.59 -65.39 8.39
C ALA E 143 -24.73 -65.19 6.90
N ILE E 144 -24.54 -66.28 6.16
CA ILE E 144 -24.65 -66.21 4.72
C ILE E 144 -26.03 -65.68 4.32
N GLU E 145 -27.09 -66.27 4.87
CA GLU E 145 -28.44 -65.85 4.55
C GLU E 145 -28.61 -64.35 4.78
N MET E 146 -28.28 -63.90 6.00
CA MET E 146 -28.43 -62.50 6.34
C MET E 146 -27.61 -61.58 5.45
N ALA E 147 -26.42 -62.03 5.04
CA ALA E 147 -25.59 -61.22 4.16
C ALA E 147 -26.32 -61.03 2.85
N ASN E 148 -26.77 -62.12 2.24
CA ASN E 148 -27.50 -62.06 0.98
C ASN E 148 -28.80 -61.25 1.11
N LEU E 149 -29.56 -61.51 2.17
CA LEU E 149 -30.80 -60.79 2.34
C LEU E 149 -30.51 -59.29 2.47
N ASN E 150 -29.38 -58.98 3.09
CA ASN E 150 -29.00 -57.60 3.33
C ASN E 150 -28.74 -56.80 2.08
N ARG E 151 -28.55 -57.48 0.96
CA ARG E 151 -28.33 -56.78 -0.30
C ARG E 151 -29.64 -56.12 -0.69
N SER E 152 -30.73 -56.80 -0.40
CA SER E 152 -32.07 -56.31 -0.70
C SER E 152 -32.44 -55.05 0.09
N PHE E 153 -31.58 -54.65 1.03
CA PHE E 153 -31.81 -53.47 1.83
C PHE E 153 -30.74 -52.44 1.61
N GLU E 154 -30.97 -51.52 0.68
CA GLU E 154 -29.99 -50.50 0.39
C GLU E 154 -28.74 -51.25 -0.09
N MET F 1 20.61 24.71 -9.39
CA MET F 1 21.17 25.28 -10.67
C MET F 1 22.30 24.39 -11.18
N ASN F 2 22.71 24.63 -12.42
CA ASN F 2 23.79 23.84 -13.04
C ASN F 2 25.01 24.71 -13.28
N ILE F 3 26.12 24.33 -12.66
CA ILE F 3 27.35 25.09 -12.79
C ILE F 3 28.26 24.70 -13.94
N ILE F 4 28.79 25.71 -14.60
CA ILE F 4 29.70 25.54 -15.73
C ILE F 4 30.96 26.31 -15.34
N GLN F 5 32.07 25.60 -15.20
CA GLN F 5 33.33 26.23 -14.82
C GLN F 5 34.44 25.97 -15.82
N GLY F 6 35.66 26.28 -15.38
CA GLY F 6 36.85 26.05 -16.15
C GLY F 6 37.89 25.77 -15.09
N ASN F 7 38.52 24.61 -15.13
CA ASN F 7 39.53 24.30 -14.13
C ASN F 7 40.88 24.90 -14.56
N LEU F 8 41.88 24.81 -13.68
CA LEU F 8 43.18 25.37 -14.00
C LEU F 8 44.23 24.39 -14.52
N VAL F 9 43.80 23.37 -15.26
CA VAL F 9 44.74 22.41 -15.80
C VAL F 9 45.11 22.87 -17.20
N GLY F 10 46.34 23.33 -17.35
CA GLY F 10 46.79 23.80 -18.64
C GLY F 10 47.30 22.76 -19.61
N THR F 11 47.43 21.52 -19.15
CA THR F 11 47.92 20.44 -20.01
C THR F 11 47.18 20.31 -21.34
N GLY F 12 47.96 20.32 -22.43
CA GLY F 12 47.38 20.21 -23.75
C GLY F 12 46.90 21.49 -24.39
N LEU F 13 46.92 22.59 -23.64
CA LEU F 13 46.47 23.86 -24.19
C LEU F 13 47.53 24.54 -25.04
N LYS F 14 47.08 25.29 -26.05
CA LYS F 14 47.97 26.03 -26.93
C LYS F 14 47.66 27.50 -26.70
N ILE F 15 48.65 28.22 -26.19
CA ILE F 15 48.47 29.63 -25.86
C ILE F 15 49.26 30.62 -26.72
N GLY F 16 48.59 31.70 -27.08
CA GLY F 16 49.21 32.75 -27.88
C GLY F 16 49.31 33.98 -27.00
N ILE F 17 50.46 34.66 -27.06
CA ILE F 17 50.66 35.87 -26.27
C ILE F 17 51.14 37.05 -27.12
N VAL F 18 50.55 38.22 -26.89
CA VAL F 18 50.91 39.43 -27.61
C VAL F 18 51.41 40.43 -26.56
N VAL F 19 52.67 40.83 -26.67
CA VAL F 19 53.28 41.76 -25.73
C VAL F 19 53.73 43.05 -26.40
N GLY F 20 53.50 44.18 -25.73
CA GLY F 20 53.91 45.48 -26.27
C GLY F 20 55.36 45.79 -25.87
N ARG F 21 56.15 46.29 -26.82
CA ARG F 21 57.55 46.62 -26.55
C ARG F 21 57.61 47.84 -25.65
N PHE F 22 56.67 48.75 -25.86
CA PHE F 22 56.59 49.97 -25.07
C PHE F 22 56.54 49.61 -23.59
N ASN F 23 57.42 50.25 -22.81
CA ASN F 23 57.50 50.00 -21.37
C ASN F 23 57.91 48.56 -21.09
N ASP F 24 58.73 48.00 -21.98
CA ASP F 24 59.19 46.62 -21.84
C ASP F 24 59.86 46.34 -20.50
N PHE F 25 60.30 47.39 -19.83
CA PHE F 25 60.94 47.25 -18.52
C PHE F 25 59.93 46.52 -17.62
N ILE F 26 58.66 46.82 -17.87
CA ILE F 26 57.57 46.23 -17.11
C ILE F 26 57.00 45.03 -17.87
N THR F 27 56.56 45.25 -19.10
CA THR F 27 55.94 44.16 -19.88
C THR F 27 56.75 42.87 -19.97
N SER F 28 58.07 42.98 -20.02
CA SER F 28 58.88 41.77 -20.07
C SER F 28 58.67 40.93 -18.80
N LYS F 29 58.54 41.58 -17.65
CA LYS F 29 58.32 40.87 -16.38
C LYS F 29 56.90 40.31 -16.40
N LEU F 30 56.02 40.95 -17.14
CA LEU F 30 54.66 40.46 -17.24
C LEU F 30 54.68 39.18 -18.06
N LEU F 31 55.44 39.22 -19.14
CA LEU F 31 55.58 38.08 -20.04
C LEU F 31 56.17 36.88 -19.34
N SER F 32 57.30 37.09 -18.65
CA SER F 32 57.94 35.99 -17.97
C SER F 32 57.06 35.46 -16.87
N GLY F 33 56.24 36.32 -16.29
CA GLY F 33 55.35 35.88 -15.25
C GLY F 33 54.31 34.94 -15.83
N ALA F 34 53.77 35.33 -16.98
CA ALA F 34 52.76 34.54 -17.65
C ALA F 34 53.34 33.19 -18.10
N GLU F 35 54.55 33.23 -18.65
CA GLU F 35 55.21 32.01 -19.09
C GLU F 35 55.32 31.01 -17.95
N ASP F 36 55.98 31.42 -16.87
CA ASP F 36 56.15 30.54 -15.73
C ASP F 36 54.81 30.02 -15.23
N ALA F 37 53.85 30.91 -15.11
CA ALA F 37 52.54 30.52 -14.64
C ALA F 37 51.96 29.42 -15.54
N LEU F 38 52.03 29.62 -16.86
CA LEU F 38 51.50 28.64 -17.81
C LEU F 38 52.22 27.31 -17.65
N LEU F 39 53.54 27.33 -17.61
CA LEU F 39 54.30 26.09 -17.48
C LEU F 39 53.92 25.35 -16.22
N ARG F 40 53.97 26.03 -15.09
CA ARG F 40 53.65 25.39 -13.82
C ARG F 40 52.21 24.87 -13.72
N HIS F 41 51.39 25.21 -14.71
CA HIS F 41 50.02 24.76 -14.74
C HIS F 41 49.84 23.64 -15.76
N GLY F 42 50.96 23.20 -16.36
CA GLY F 42 50.89 22.11 -17.33
C GLY F 42 51.03 22.41 -18.81
N VAL F 43 51.13 23.68 -19.16
CA VAL F 43 51.25 24.06 -20.57
C VAL F 43 52.67 23.80 -21.01
N ASP F 44 52.82 23.25 -22.22
CA ASP F 44 54.15 22.97 -22.73
C ASP F 44 54.76 24.21 -23.37
N THR F 45 55.96 24.55 -22.95
CA THR F 45 56.64 25.73 -23.45
C THR F 45 56.57 25.87 -24.96
N ASN F 46 56.56 24.76 -25.68
CA ASN F 46 56.51 24.81 -27.14
C ASN F 46 55.12 25.14 -27.65
N ASP F 47 54.11 24.95 -26.80
CA ASP F 47 52.73 25.25 -27.17
C ASP F 47 52.41 26.72 -26.90
N ILE F 48 53.45 27.53 -26.70
CA ILE F 48 53.29 28.96 -26.41
C ILE F 48 53.98 29.84 -27.45
N ASP F 49 53.18 30.61 -28.18
CA ASP F 49 53.73 31.53 -29.18
C ASP F 49 53.60 32.96 -28.69
N VAL F 50 54.70 33.69 -28.73
CA VAL F 50 54.71 35.07 -28.28
C VAL F 50 54.98 36.01 -29.45
N ALA F 51 54.13 37.00 -29.62
CA ALA F 51 54.31 37.99 -30.68
C ALA F 51 54.49 39.40 -30.09
N TRP F 52 55.58 40.07 -30.47
CA TRP F 52 55.86 41.43 -29.99
C TRP F 52 55.38 42.50 -30.96
N VAL F 53 54.74 43.54 -30.42
CA VAL F 53 54.28 44.65 -31.23
C VAL F 53 54.80 45.93 -30.58
N PRO F 54 54.92 47.04 -31.34
CA PRO F 54 55.42 48.31 -30.79
C PRO F 54 54.75 48.73 -29.48
N GLY F 55 53.48 49.11 -29.56
CA GLY F 55 52.76 49.52 -28.37
C GLY F 55 51.40 48.84 -28.21
N ALA F 56 50.70 49.20 -27.15
CA ALA F 56 49.41 48.63 -26.83
C ALA F 56 48.35 48.87 -27.91
N PHE F 57 48.50 49.92 -28.68
CA PHE F 57 47.54 50.23 -29.73
C PHE F 57 47.59 49.09 -30.77
N GLU F 58 48.77 48.51 -30.93
CA GLU F 58 48.99 47.42 -31.87
C GLU F 58 48.52 46.07 -31.35
N ILE F 59 48.50 45.91 -30.03
CA ILE F 59 48.10 44.64 -29.44
C ILE F 59 46.82 44.03 -30.03
N PRO F 60 45.73 44.82 -30.14
CA PRO F 60 44.48 44.28 -30.70
C PRO F 60 44.69 43.70 -32.09
N PHE F 61 45.41 44.41 -32.94
CA PHE F 61 45.67 43.95 -34.30
C PHE F 61 46.34 42.58 -34.34
N ALA F 62 47.39 42.41 -33.53
CA ALA F 62 48.09 41.14 -33.48
C ALA F 62 47.25 40.06 -32.79
N ALA F 63 46.55 40.43 -31.71
CA ALA F 63 45.73 39.47 -30.99
C ALA F 63 44.64 38.88 -31.88
N LYS F 64 43.99 39.71 -32.69
CA LYS F 64 42.94 39.21 -33.57
C LYS F 64 43.51 38.28 -34.62
N LYS F 65 44.61 38.67 -35.25
CA LYS F 65 45.20 37.82 -36.27
C LYS F 65 45.65 36.48 -35.70
N MET F 66 46.26 36.48 -34.52
CA MET F 66 46.69 35.23 -33.92
C MET F 66 45.48 34.37 -33.59
N ALA F 67 44.45 34.98 -33.05
CA ALA F 67 43.25 34.25 -32.69
C ALA F 67 42.58 33.64 -33.92
N GLU F 68 42.62 34.38 -35.02
CA GLU F 68 42.00 33.93 -36.27
C GLU F 68 42.62 32.68 -36.87
N THR F 69 43.89 32.43 -36.57
CA THR F 69 44.55 31.25 -37.08
C THR F 69 43.91 30.02 -36.44
N LYS F 70 43.03 30.25 -35.47
CA LYS F 70 42.36 29.16 -34.75
C LYS F 70 43.34 28.14 -34.21
N LYS F 71 44.60 28.51 -34.18
CA LYS F 71 45.67 27.66 -33.68
C LYS F 71 45.79 27.71 -32.15
N TYR F 72 45.08 28.62 -31.50
CA TYR F 72 45.16 28.79 -30.05
C TYR F 72 43.86 28.62 -29.26
N ASP F 73 43.98 28.12 -28.03
CA ASP F 73 42.84 27.90 -27.13
C ASP F 73 42.46 29.20 -26.42
N ALA F 74 43.45 30.06 -26.25
CA ALA F 74 43.25 31.34 -25.61
C ALA F 74 44.42 32.23 -25.97
N ILE F 75 44.21 33.53 -25.88
CA ILE F 75 45.24 34.50 -26.17
C ILE F 75 45.40 35.49 -25.02
N ILE F 76 46.65 35.68 -24.60
CA ILE F 76 46.97 36.59 -23.52
C ILE F 76 47.59 37.86 -24.07
N THR F 77 47.01 39.01 -23.76
CA THR F 77 47.56 40.28 -24.21
C THR F 77 48.27 40.90 -23.02
N LEU F 78 49.53 41.31 -23.23
CA LEU F 78 50.33 41.90 -22.19
C LEU F 78 50.87 43.27 -22.58
N GLY F 79 50.55 44.28 -21.77
CA GLY F 79 51.04 45.61 -22.07
C GLY F 79 51.08 46.49 -20.85
N THR F 80 51.71 47.65 -20.98
CA THR F 80 51.82 48.60 -19.90
C THR F 80 51.77 50.01 -20.45
N VAL F 81 50.66 50.68 -20.18
CA VAL F 81 50.49 52.05 -20.59
C VAL F 81 50.55 52.87 -19.32
N ILE F 82 51.53 53.76 -19.24
CA ILE F 82 51.68 54.61 -18.07
C ILE F 82 51.30 56.02 -18.50
N ARG F 83 50.42 56.66 -17.74
CA ARG F 83 49.96 58.00 -18.08
C ARG F 83 51.07 59.02 -18.19
N GLY F 84 50.88 59.95 -19.13
CA GLY F 84 51.86 60.99 -19.35
C GLY F 84 51.27 62.38 -19.15
N ALA F 85 51.75 63.33 -19.93
CA ALA F 85 51.29 64.70 -19.79
C ALA F 85 50.06 65.02 -20.61
N THR F 86 49.78 64.19 -21.60
CA THR F 86 48.64 64.44 -22.48
C THR F 86 47.58 63.37 -22.33
N THR F 87 46.52 63.47 -23.12
CA THR F 87 45.44 62.49 -23.05
C THR F 87 45.77 61.28 -23.93
N HIS F 88 46.96 61.27 -24.52
CA HIS F 88 47.38 60.15 -25.35
C HIS F 88 47.04 58.84 -24.66
N TYR F 89 47.41 58.75 -23.38
CA TYR F 89 47.16 57.60 -22.53
C TYR F 89 45.73 57.09 -22.72
N ASP F 90 44.77 58.00 -22.66
CA ASP F 90 43.37 57.65 -22.81
C ASP F 90 43.07 56.85 -24.08
N TYR F 91 43.45 57.38 -25.24
CA TYR F 91 43.18 56.73 -26.52
C TYR F 91 43.86 55.38 -26.62
N VAL F 92 45.13 55.32 -26.25
CA VAL F 92 45.85 54.05 -26.30
C VAL F 92 45.14 52.99 -25.44
N CYS F 93 44.80 53.36 -24.21
CA CYS F 93 44.14 52.43 -23.32
C CYS F 93 42.77 52.02 -23.81
N ASN F 94 41.97 52.99 -24.23
CA ASN F 94 40.64 52.68 -24.74
C ASN F 94 40.68 51.80 -25.95
N GLU F 95 41.40 52.23 -26.99
CA GLU F 95 41.46 51.41 -28.19
C GLU F 95 42.00 50.01 -27.91
N ALA F 96 43.00 49.91 -27.05
CA ALA F 96 43.55 48.60 -26.73
C ALA F 96 42.49 47.72 -26.12
N ALA F 97 41.89 48.18 -25.03
CA ALA F 97 40.85 47.42 -24.36
C ALA F 97 39.66 47.14 -25.25
N LYS F 98 39.32 48.11 -26.10
CA LYS F 98 38.20 48.01 -27.04
C LYS F 98 38.49 46.89 -28.03
N GLY F 99 39.67 46.93 -28.64
CA GLY F 99 40.06 45.93 -29.61
C GLY F 99 40.31 44.55 -29.04
N ILE F 100 40.95 44.48 -27.88
CA ILE F 100 41.23 43.19 -27.26
C ILE F 100 39.91 42.50 -26.95
N ALA F 101 38.87 43.29 -26.70
CA ALA F 101 37.58 42.73 -26.38
C ALA F 101 36.87 42.27 -27.64
N GLN F 102 36.95 43.07 -28.69
CA GLN F 102 36.28 42.70 -29.91
C GLN F 102 37.03 41.57 -30.63
N ALA F 103 38.31 41.40 -30.35
CA ALA F 103 39.08 40.33 -30.97
C ALA F 103 38.45 39.02 -30.54
N ALA F 104 38.32 38.83 -29.22
CA ALA F 104 37.72 37.61 -28.67
C ALA F 104 36.29 37.43 -29.19
N ASN F 105 35.57 38.54 -29.25
CA ASN F 105 34.19 38.53 -29.70
C ASN F 105 34.04 37.96 -31.11
N THR F 106 34.70 38.62 -32.07
CA THR F 106 34.64 38.21 -33.46
C THR F 106 35.37 36.90 -33.77
N THR F 107 36.32 36.55 -32.91
CA THR F 107 37.11 35.35 -33.10
C THR F 107 36.59 34.10 -32.38
N GLY F 108 35.82 34.28 -31.31
CA GLY F 108 35.29 33.16 -30.57
C GLY F 108 36.32 32.58 -29.63
N VAL F 109 37.57 33.00 -29.79
CA VAL F 109 38.68 32.54 -28.96
C VAL F 109 38.82 33.50 -27.78
N PRO F 110 39.00 32.96 -26.56
CA PRO F 110 39.14 33.87 -25.42
C PRO F 110 40.40 34.72 -25.55
N VAL F 111 40.26 36.03 -25.36
CA VAL F 111 41.43 36.92 -25.40
C VAL F 111 41.48 37.65 -24.06
N ILE F 112 42.43 37.25 -23.23
CA ILE F 112 42.62 37.80 -21.90
C ILE F 112 43.25 39.20 -21.89
N PHE F 113 42.56 40.12 -21.20
CA PHE F 113 43.00 41.52 -21.09
C PHE F 113 44.05 41.69 -19.98
N GLY F 114 45.31 41.76 -20.39
CA GLY F 114 46.38 41.89 -19.44
C GLY F 114 47.18 43.15 -19.63
N ILE F 115 46.49 44.24 -19.95
CA ILE F 115 47.19 45.49 -20.12
C ILE F 115 47.12 46.32 -18.83
N VAL F 116 48.29 46.55 -18.26
CA VAL F 116 48.46 47.31 -17.04
C VAL F 116 48.41 48.79 -17.41
N THR F 117 47.43 49.50 -16.84
CA THR F 117 47.28 50.92 -17.11
C THR F 117 47.45 51.66 -15.79
N THR F 118 48.59 52.34 -15.62
CA THR F 118 48.83 53.05 -14.36
C THR F 118 49.08 54.55 -14.50
N GLU F 119 49.15 55.22 -13.35
CA GLU F 119 49.38 56.66 -13.31
C GLU F 119 50.86 56.94 -13.28
N ASN F 120 51.63 55.98 -12.82
CA ASN F 120 53.07 56.14 -12.72
C ASN F 120 53.82 54.81 -12.75
N ILE F 121 55.14 54.90 -12.84
CA ILE F 121 56.00 53.74 -12.88
C ILE F 121 55.83 52.86 -11.65
N GLU F 122 55.66 53.48 -10.49
CA GLU F 122 55.52 52.69 -9.26
C GLU F 122 54.32 51.74 -9.28
N GLN F 123 53.18 52.23 -9.74
CA GLN F 123 51.99 51.38 -9.79
C GLN F 123 52.18 50.27 -10.82
N ALA F 124 53.02 50.54 -11.81
CA ALA F 124 53.30 49.54 -12.84
C ALA F 124 54.12 48.41 -12.21
N ILE F 125 55.22 48.77 -11.54
CA ILE F 125 56.07 47.78 -10.89
C ILE F 125 55.24 47.04 -9.83
N GLU F 126 54.31 47.75 -9.23
CA GLU F 126 53.42 47.23 -8.21
C GLU F 126 52.63 46.03 -8.72
N ARG F 127 52.23 46.11 -9.97
CA ARG F 127 51.41 45.08 -10.62
C ARG F 127 52.16 44.14 -11.59
N ALA F 128 53.49 44.24 -11.59
CA ALA F 128 54.29 43.40 -12.47
C ALA F 128 55.22 42.49 -11.69
N GLY F 129 54.75 42.04 -10.52
CA GLY F 129 55.54 41.15 -9.72
C GLY F 129 56.02 41.73 -8.40
N THR F 130 55.16 42.51 -7.74
CA THR F 130 55.51 43.11 -6.45
C THR F 130 54.30 43.06 -5.54
N LYS F 131 54.02 44.18 -4.88
CA LYS F 131 52.92 44.29 -3.93
C LYS F 131 51.61 43.68 -4.42
N ALA F 132 51.19 44.05 -5.61
CA ALA F 132 49.92 43.59 -6.16
C ALA F 132 50.00 42.30 -6.97
N GLY F 133 51.13 41.62 -6.91
CA GLY F 133 51.27 40.40 -7.67
C GLY F 133 51.80 40.69 -9.07
N ASN F 134 51.59 39.76 -9.98
CA ASN F 134 52.03 39.93 -11.35
C ASN F 134 50.83 39.75 -12.26
N LYS F 135 50.37 40.83 -12.89
CA LYS F 135 49.20 40.74 -13.76
C LYS F 135 49.38 39.68 -14.84
N GLY F 136 50.64 39.44 -15.22
CA GLY F 136 50.92 38.42 -16.24
C GLY F 136 50.52 37.03 -15.75
N VAL F 137 50.85 36.74 -14.50
CA VAL F 137 50.51 35.47 -13.89
C VAL F 137 48.98 35.35 -13.80
N ASP F 138 48.34 36.42 -13.40
CA ASP F 138 46.90 36.39 -13.27
C ASP F 138 46.27 36.16 -14.63
N CYS F 139 46.88 36.72 -15.68
CA CYS F 139 46.32 36.55 -17.01
C CYS F 139 46.54 35.15 -17.53
N ALA F 140 47.67 34.57 -17.20
CA ALA F 140 47.95 33.22 -17.65
C ALA F 140 46.86 32.33 -17.06
N VAL F 141 46.64 32.43 -15.76
CA VAL F 141 45.63 31.63 -15.10
C VAL F 141 44.25 31.83 -15.71
N SER F 142 43.91 33.08 -16.01
CA SER F 142 42.61 33.37 -16.60
C SER F 142 42.52 32.78 -18.01
N ALA F 143 43.64 32.78 -18.72
CA ALA F 143 43.69 32.24 -20.06
C ALA F 143 43.35 30.76 -19.99
N ILE F 144 44.01 30.06 -19.07
CA ILE F 144 43.75 28.66 -18.90
C ILE F 144 42.28 28.43 -18.54
N GLU F 145 41.76 29.15 -17.55
CA GLU F 145 40.37 28.97 -17.16
C GLU F 145 39.44 29.17 -18.35
N MET F 146 39.57 30.29 -19.05
CA MET F 146 38.72 30.57 -20.20
C MET F 146 38.83 29.53 -21.32
N ALA F 147 40.02 28.98 -21.51
CA ALA F 147 40.21 27.97 -22.54
C ALA F 147 39.37 26.75 -22.16
N ASN F 148 39.53 26.29 -20.93
CA ASN F 148 38.78 25.14 -20.45
C ASN F 148 37.30 25.40 -20.44
N LEU F 149 36.89 26.55 -19.95
CA LEU F 149 35.46 26.88 -19.93
C LEU F 149 34.90 26.93 -21.36
N ASN F 150 35.74 27.34 -22.29
CA ASN F 150 35.32 27.46 -23.68
C ASN F 150 35.01 26.13 -24.35
N ARG F 151 35.44 25.03 -23.74
CA ARG F 151 35.14 23.73 -24.30
C ARG F 151 33.66 23.49 -24.12
N SER F 152 33.13 23.96 -23.00
CA SER F 152 31.71 23.82 -22.67
C SER F 152 30.79 24.60 -23.62
N PHE F 153 31.38 25.36 -24.52
CA PHE F 153 30.60 26.14 -25.48
C PHE F 153 30.94 25.72 -26.88
N GLU F 154 30.16 24.78 -27.41
CA GLU F 154 30.41 24.31 -28.77
C GLU F 154 31.81 23.70 -28.76
N MET G 1 -3.90 54.37 -25.98
CA MET G 1 -2.65 53.68 -26.41
C MET G 1 -2.73 52.20 -26.07
N ASN G 2 -1.81 51.41 -26.63
CA ASN G 2 -1.79 49.98 -26.39
C ASN G 2 -0.55 49.59 -25.61
N ILE G 3 -0.76 49.02 -24.43
CA ILE G 3 0.36 48.62 -23.57
C ILE G 3 0.90 47.22 -23.78
N ILE G 4 2.22 47.11 -23.77
CA ILE G 4 2.93 45.86 -23.95
C ILE G 4 3.80 45.73 -22.72
N GLN G 5 3.57 44.71 -21.90
CA GLN G 5 4.35 44.49 -20.69
C GLN G 5 4.98 43.11 -20.62
N GLY G 6 5.47 42.80 -19.43
CA GLY G 6 6.08 41.52 -19.15
C GLY G 6 5.72 41.28 -17.70
N ASN G 7 5.03 40.19 -17.39
CA ASN G 7 4.65 39.91 -16.01
C ASN G 7 5.78 39.20 -15.32
N LEU G 8 5.68 39.04 -14.00
CA LEU G 8 6.74 38.39 -13.24
C LEU G 8 6.55 36.90 -12.97
N VAL G 9 5.91 36.19 -13.89
CA VAL G 9 5.72 34.75 -13.71
C VAL G 9 6.87 34.03 -14.38
N GLY G 10 7.74 33.45 -13.56
CA GLY G 10 8.90 32.76 -14.10
C GLY G 10 8.68 31.33 -14.54
N THR G 11 7.51 30.78 -14.26
CA THR G 11 7.20 29.41 -14.62
C THR G 11 7.48 29.06 -16.09
N GLY G 12 8.25 28.00 -16.30
CA GLY G 12 8.57 27.57 -17.64
C GLY G 12 9.74 28.27 -18.30
N LEU G 13 10.30 29.29 -17.65
CA LEU G 13 11.43 30.01 -18.23
C LEU G 13 12.75 29.30 -18.01
N LYS G 14 13.67 29.46 -18.96
CA LYS G 14 14.98 28.86 -18.88
C LYS G 14 15.97 30.02 -18.82
N ILE G 15 16.66 30.12 -17.68
CA ILE G 15 17.59 31.21 -17.45
C ILE G 15 19.06 30.83 -17.40
N GLY G 16 19.88 31.67 -18.03
CA GLY G 16 21.32 31.46 -18.03
C GLY G 16 21.96 32.59 -17.24
N ILE G 17 22.94 32.25 -16.41
CA ILE G 17 23.61 33.25 -15.59
C ILE G 17 25.13 33.18 -15.75
N VAL G 18 25.76 34.34 -15.90
CA VAL G 18 27.22 34.42 -16.03
C VAL G 18 27.72 35.26 -14.84
N VAL G 19 28.55 34.66 -13.99
CA VAL G 19 29.07 35.32 -12.80
C VAL G 19 30.59 35.43 -12.83
N GLY G 20 31.13 36.57 -12.40
CA GLY G 20 32.57 36.73 -12.38
C GLY G 20 33.14 36.25 -11.06
N ARG G 21 34.28 35.55 -11.11
CA ARG G 21 34.89 35.03 -9.90
C ARG G 21 35.49 36.18 -9.12
N PHE G 22 35.99 37.17 -9.85
CA PHE G 22 36.59 38.35 -9.22
C PHE G 22 35.59 38.99 -8.27
N ASN G 23 36.04 39.22 -7.02
CA ASN G 23 35.20 39.80 -5.97
C ASN G 23 34.05 38.87 -5.62
N ASP G 24 34.30 37.56 -5.71
CA ASP G 24 33.29 36.55 -5.42
C ASP G 24 32.67 36.69 -4.03
N PHE G 25 33.37 37.39 -3.15
CA PHE G 25 32.87 37.63 -1.80
C PHE G 25 31.52 38.30 -1.93
N ILE G 26 31.42 39.13 -2.97
CA ILE G 26 30.20 39.87 -3.28
C ILE G 26 29.36 39.14 -4.33
N THR G 27 29.95 38.86 -5.49
CA THR G 27 29.23 38.20 -6.58
C THR G 27 28.51 36.92 -6.20
N SER G 28 29.08 36.14 -5.29
CA SER G 28 28.41 34.92 -4.87
C SER G 28 27.08 35.24 -4.18
N LYS G 29 27.03 36.33 -3.44
CA LYS G 29 25.79 36.73 -2.76
C LYS G 29 24.83 37.26 -3.81
N LEU G 30 25.39 37.76 -4.90
CA LEU G 30 24.56 38.27 -5.98
C LEU G 30 23.90 37.08 -6.67
N LEU G 31 24.69 36.04 -6.89
CA LEU G 31 24.23 34.82 -7.54
C LEU G 31 23.16 34.14 -6.74
N SER G 32 23.41 33.95 -5.45
CA SER G 32 22.43 33.29 -4.60
C SER G 32 21.15 34.11 -4.51
N GLY G 33 21.29 35.43 -4.59
CA GLY G 33 20.14 36.28 -4.54
C GLY G 33 19.30 36.08 -5.77
N ALA G 34 19.96 35.99 -6.92
CA ALA G 34 19.25 35.80 -8.18
C ALA G 34 18.57 34.44 -8.21
N GLU G 35 19.28 33.42 -7.73
CA GLU G 35 18.73 32.08 -7.71
C GLU G 35 17.43 32.04 -6.92
N ASP G 36 17.50 32.46 -5.67
CA ASP G 36 16.32 32.46 -4.81
C ASP G 36 15.21 33.25 -5.45
N ALA G 37 15.54 34.41 -6.01
CA ALA G 37 14.53 35.26 -6.62
C ALA G 37 13.84 34.51 -7.77
N LEU G 38 14.65 33.87 -8.62
CA LEU G 38 14.12 33.11 -9.74
C LEU G 38 13.21 31.98 -9.26
N LEU G 39 13.68 31.20 -8.30
CA LEU G 39 12.89 30.09 -7.77
C LEU G 39 11.55 30.56 -7.22
N ARG G 40 11.58 31.54 -6.34
CA ARG G 40 10.35 32.05 -5.73
C ARG G 40 9.40 32.71 -6.73
N HIS G 41 9.85 32.84 -7.98
CA HIS G 41 9.03 33.42 -9.02
C HIS G 41 8.52 32.34 -9.98
N GLY G 42 8.82 31.09 -9.66
CA GLY G 42 8.35 29.98 -10.49
C GLY G 42 9.35 29.28 -11.40
N VAL G 43 10.57 29.77 -11.46
CA VAL G 43 11.58 29.14 -12.31
C VAL G 43 12.08 27.87 -11.63
N ASP G 44 12.26 26.81 -12.43
CA ASP G 44 12.74 25.56 -11.88
C ASP G 44 14.24 25.58 -11.78
N THR G 45 14.75 25.25 -10.61
CA THR G 45 16.18 25.24 -10.37
C THR G 45 16.97 24.54 -11.47
N ASN G 46 16.40 23.51 -12.08
CA ASN G 46 17.10 22.80 -13.13
C ASN G 46 17.11 23.56 -14.44
N ASP G 47 16.20 24.53 -14.57
CA ASP G 47 16.14 25.35 -15.77
C ASP G 47 17.11 26.54 -15.68
N ILE G 48 18.03 26.48 -14.72
CA ILE G 48 18.99 27.54 -14.50
C ILE G 48 20.44 27.07 -14.66
N ASP G 49 21.13 27.61 -15.65
CA ASP G 49 22.54 27.26 -15.89
C ASP G 49 23.42 28.44 -15.50
N VAL G 50 24.41 28.16 -14.68
CA VAL G 50 25.34 29.19 -14.22
C VAL G 50 26.75 28.94 -14.75
N ALA G 51 27.34 29.94 -15.36
CA ALA G 51 28.69 29.81 -15.88
C ALA G 51 29.60 30.83 -15.21
N TRP G 52 30.71 30.37 -14.68
CA TRP G 52 31.69 31.21 -14.01
C TRP G 52 32.86 31.61 -14.92
N VAL G 53 33.23 32.88 -14.90
CA VAL G 53 34.34 33.37 -15.69
C VAL G 53 35.25 34.15 -14.73
N PRO G 54 36.54 34.30 -15.07
CA PRO G 54 37.50 35.02 -14.23
C PRO G 54 37.00 36.39 -13.74
N GLY G 55 36.90 37.34 -14.66
CA GLY G 55 36.43 38.66 -14.28
C GLY G 55 35.31 39.17 -15.16
N ALA G 56 34.88 40.41 -14.90
CA ALA G 56 33.80 41.05 -15.63
C ALA G 56 34.11 41.25 -17.11
N PHE G 57 35.40 41.37 -17.46
CA PHE G 57 35.78 41.55 -18.85
C PHE G 57 35.36 40.32 -19.64
N GLU G 58 35.37 39.16 -18.97
CA GLU G 58 35.01 37.90 -19.57
C GLU G 58 33.50 37.71 -19.67
N ILE G 59 32.76 38.34 -18.79
CA ILE G 59 31.33 38.16 -18.78
C ILE G 59 30.67 38.25 -20.15
N PRO G 60 30.96 39.33 -20.91
CA PRO G 60 30.34 39.48 -22.24
C PRO G 60 30.57 38.26 -23.13
N PHE G 61 31.80 37.77 -23.14
CA PHE G 61 32.16 36.62 -23.97
C PHE G 61 31.29 35.41 -23.66
N ALA G 62 31.15 35.08 -22.37
CA ALA G 62 30.34 33.96 -21.96
C ALA G 62 28.85 34.24 -22.17
N ALA G 63 28.41 35.46 -21.89
CA ALA G 63 27.00 35.80 -22.05
C ALA G 63 26.54 35.63 -23.49
N LYS G 64 27.37 36.07 -24.43
CA LYS G 64 27.00 35.96 -25.83
C LYS G 64 26.92 34.51 -26.25
N LYS G 65 27.92 33.73 -25.90
CA LYS G 65 27.91 32.32 -26.27
C LYS G 65 26.72 31.57 -25.70
N MET G 66 26.39 31.84 -24.43
CA MET G 66 25.25 31.18 -23.83
C MET G 66 23.97 31.60 -24.53
N ALA G 67 23.86 32.88 -24.84
CA ALA G 67 22.66 33.38 -25.50
C ALA G 67 22.51 32.79 -26.88
N GLU G 68 23.64 32.58 -27.55
CA GLU G 68 23.65 32.05 -28.90
C GLU G 68 23.12 30.64 -29.01
N THR G 69 23.25 29.87 -27.93
CA THR G 69 22.74 28.51 -27.93
C THR G 69 21.20 28.55 -28.05
N LYS G 70 20.64 29.74 -27.96
CA LYS G 70 19.18 29.92 -28.04
C LYS G 70 18.43 29.02 -27.06
N LYS G 71 19.20 28.47 -26.12
CA LYS G 71 18.66 27.58 -25.10
C LYS G 71 18.01 28.36 -23.92
N TYR G 72 18.19 29.67 -23.88
CA TYR G 72 17.67 30.48 -22.79
C TYR G 72 16.72 31.60 -23.16
N ASP G 73 15.79 31.91 -22.25
CA ASP G 73 14.79 32.97 -22.45
C ASP G 73 15.37 34.34 -22.11
N ALA G 74 16.35 34.33 -21.21
CA ALA G 74 17.02 35.53 -20.76
C ALA G 74 18.32 35.13 -20.13
N ILE G 75 19.26 36.07 -20.06
CA ILE G 75 20.55 35.80 -19.45
C ILE G 75 20.88 36.89 -18.46
N ILE G 76 21.28 36.46 -17.27
CA ILE G 76 21.62 37.36 -16.20
C ILE G 76 23.13 37.42 -16.04
N THR G 77 23.70 38.62 -16.09
CA THR G 77 25.13 38.79 -15.90
C THR G 77 25.34 39.33 -14.48
N LEU G 78 26.23 38.71 -13.72
CA LEU G 78 26.49 39.12 -12.35
C LEU G 78 27.97 39.36 -12.12
N GLY G 79 28.30 40.57 -11.69
CA GLY G 79 29.69 40.89 -11.44
C GLY G 79 29.86 42.02 -10.46
N THR G 80 31.09 42.21 -10.01
CA THR G 80 31.41 43.26 -9.08
C THR G 80 32.79 43.82 -9.38
N VAL G 81 32.81 45.04 -9.89
CA VAL G 81 34.05 45.70 -10.18
C VAL G 81 34.16 46.83 -9.15
N ILE G 82 35.18 46.76 -8.32
CA ILE G 82 35.38 47.80 -7.32
C ILE G 82 36.59 48.61 -7.76
N ARG G 83 36.44 49.93 -7.76
CA ARG G 83 37.54 50.80 -8.20
C ARG G 83 38.82 50.64 -7.39
N GLY G 84 39.93 50.78 -8.08
CA GLY G 84 41.23 50.67 -7.45
C GLY G 84 42.03 51.95 -7.61
N ALA G 85 43.36 51.80 -7.70
CA ALA G 85 44.24 52.94 -7.82
C ALA G 85 44.46 53.43 -9.24
N THR G 86 44.16 52.59 -10.22
CA THR G 86 44.37 52.95 -11.60
C THR G 86 43.05 53.07 -12.36
N THR G 87 43.15 53.34 -13.66
CA THR G 87 41.94 53.48 -14.47
C THR G 87 41.45 52.13 -14.96
N HIS G 88 42.15 51.06 -14.56
CA HIS G 88 41.75 49.71 -14.94
C HIS G 88 40.23 49.55 -14.79
N TYR G 89 39.72 49.95 -13.63
CA TYR G 89 38.30 49.91 -13.33
C TYR G 89 37.45 50.38 -14.53
N ASP G 90 37.84 51.52 -15.08
CA ASP G 90 37.14 52.10 -16.22
C ASP G 90 36.96 51.16 -17.40
N TYR G 91 38.06 50.61 -17.90
CA TYR G 91 38.01 49.71 -19.04
C TYR G 91 37.20 48.46 -18.76
N VAL G 92 37.45 47.82 -17.62
CA VAL G 92 36.70 46.63 -17.28
C VAL G 92 35.20 46.92 -17.27
N CYS G 93 34.80 47.99 -16.59
CA CYS G 93 33.39 48.34 -16.53
C CYS G 93 32.80 48.68 -17.90
N ASN G 94 33.51 49.50 -18.65
CA ASN G 94 33.03 49.88 -19.97
C ASN G 94 32.89 48.69 -20.88
N GLU G 95 33.97 47.94 -21.07
CA GLU G 95 33.89 46.79 -21.93
C GLU G 95 32.82 45.81 -21.50
N ALA G 96 32.69 45.59 -20.18
CA ALA G 96 31.67 44.67 -19.68
C ALA G 96 30.29 45.16 -20.09
N ALA G 97 29.96 46.39 -19.72
CA ALA G 97 28.67 46.96 -20.05
C ALA G 97 28.42 47.02 -21.55
N LYS G 98 29.48 47.34 -22.29
CA LYS G 98 29.43 47.46 -23.75
C LYS G 98 29.08 46.11 -24.36
N GLY G 99 29.83 45.09 -23.95
CA GLY G 99 29.61 43.73 -24.44
C GLY G 99 28.32 43.08 -24.00
N ILE G 100 27.92 43.30 -22.74
CA ILE G 100 26.70 42.72 -22.23
C ILE G 100 25.53 43.29 -23.02
N ALA G 101 25.68 44.52 -23.46
CA ALA G 101 24.61 45.15 -24.21
C ALA G 101 24.57 44.62 -25.63
N GLN G 102 25.73 44.49 -26.26
CA GLN G 102 25.78 44.02 -27.63
C GLN G 102 25.46 42.54 -27.72
N ALA G 103 25.66 41.81 -26.63
CA ALA G 103 25.35 40.38 -26.63
C ALA G 103 23.84 40.24 -26.88
N ALA G 104 23.03 40.92 -26.08
CA ALA G 104 21.58 40.88 -26.23
C ALA G 104 21.17 41.39 -27.61
N ASN G 105 21.85 42.44 -28.06
CA ASN G 105 21.55 43.03 -29.36
C ASN G 105 21.69 42.04 -30.50
N THR G 106 22.89 41.49 -30.65
CA THR G 106 23.20 40.54 -31.71
C THR G 106 22.55 39.18 -31.53
N THR G 107 22.16 38.87 -30.31
CA THR G 107 21.58 37.58 -30.01
C THR G 107 20.04 37.58 -30.01
N GLY G 108 19.43 38.73 -29.75
CA GLY G 108 17.99 38.80 -29.72
C GLY G 108 17.45 38.34 -28.37
N VAL G 109 18.31 37.72 -27.57
CA VAL G 109 17.92 37.23 -26.25
C VAL G 109 18.20 38.33 -25.23
N PRO G 110 17.26 38.58 -24.31
CA PRO G 110 17.51 39.63 -23.31
C PRO G 110 18.72 39.27 -22.42
N VAL G 111 19.65 40.21 -22.25
CA VAL G 111 20.80 39.97 -21.38
C VAL G 111 20.80 41.06 -20.33
N ILE G 112 20.40 40.69 -19.12
CA ILE G 112 20.32 41.62 -18.00
C ILE G 112 21.67 42.05 -17.41
N PHE G 113 21.86 43.38 -17.29
CA PHE G 113 23.09 43.96 -16.78
C PHE G 113 23.09 44.02 -15.26
N GLY G 114 23.75 43.06 -14.63
CA GLY G 114 23.80 43.01 -13.19
C GLY G 114 25.21 43.13 -12.64
N ILE G 115 25.99 44.01 -13.25
CA ILE G 115 27.34 44.21 -12.78
C ILE G 115 27.39 45.42 -11.86
N VAL G 116 27.74 45.15 -10.61
CA VAL G 116 27.86 46.14 -9.57
C VAL G 116 29.20 46.82 -9.71
N THR G 117 29.17 48.13 -9.92
CA THR G 117 30.38 48.92 -10.09
C THR G 117 30.43 49.96 -9.00
N THR G 118 31.29 49.75 -8.00
CA THR G 118 31.39 50.68 -6.87
C THR G 118 32.76 51.30 -6.64
N GLU G 119 32.80 52.27 -5.72
CA GLU G 119 34.03 52.97 -5.38
C GLU G 119 34.77 52.23 -4.29
N ASN G 120 34.03 51.48 -3.49
CA ASN G 120 34.61 50.72 -2.39
C ASN G 120 33.80 49.47 -2.04
N ILE G 121 34.39 48.65 -1.18
CA ILE G 121 33.77 47.43 -0.71
C ILE G 121 32.43 47.71 -0.05
N GLU G 122 32.32 48.80 0.69
CA GLU G 122 31.07 49.09 1.39
C GLU G 122 29.89 49.25 0.46
N GLN G 123 30.09 49.99 -0.62
CA GLN G 123 29.00 50.21 -1.56
C GLN G 123 28.65 48.89 -2.25
N ALA G 124 29.63 47.99 -2.34
CA ALA G 124 29.41 46.70 -2.97
C ALA G 124 28.49 45.88 -2.07
N ILE G 125 28.84 45.80 -0.78
CA ILE G 125 28.04 45.06 0.19
C ILE G 125 26.66 45.68 0.30
N GLU G 126 26.63 46.99 0.10
CA GLU G 126 25.42 47.79 0.15
C GLU G 126 24.41 47.31 -0.87
N ARG G 127 24.90 46.92 -2.05
CA ARG G 127 24.06 46.48 -3.16
C ARG G 127 24.01 44.98 -3.39
N ALA G 128 24.60 44.22 -2.47
CA ALA G 128 24.60 42.77 -2.60
C ALA G 128 23.81 42.09 -1.48
N GLY G 129 22.73 42.74 -1.05
CA GLY G 129 21.92 42.17 0.02
C GLY G 129 21.93 42.93 1.33
N THR G 130 21.97 44.26 1.25
CA THR G 130 21.98 45.09 2.45
C THR G 130 21.08 46.30 2.26
N LYS G 131 21.60 47.47 2.60
CA LYS G 131 20.85 48.72 2.51
C LYS G 131 20.12 48.90 1.19
N ALA G 132 20.85 48.76 0.09
CA ALA G 132 20.27 48.96 -1.24
C ALA G 132 19.63 47.73 -1.89
N GLY G 133 19.44 46.67 -1.10
CA GLY G 133 18.84 45.46 -1.64
C GLY G 133 19.93 44.57 -2.23
N ASN G 134 19.52 43.66 -3.11
CA ASN G 134 20.45 42.75 -3.74
C ASN G 134 20.31 42.91 -5.24
N LYS G 135 21.32 43.47 -5.90
CA LYS G 135 21.22 43.67 -7.35
C LYS G 135 20.92 42.36 -8.08
N GLY G 136 21.37 41.24 -7.52
CA GLY G 136 21.10 39.95 -8.12
C GLY G 136 19.61 39.66 -8.18
N VAL G 137 18.90 39.97 -7.11
CA VAL G 137 17.47 39.77 -7.05
C VAL G 137 16.77 40.68 -8.05
N ASP G 138 17.25 41.91 -8.13
CA ASP G 138 16.64 42.85 -9.05
C ASP G 138 16.86 42.37 -10.48
N CYS G 139 18.01 41.76 -10.74
CA CYS G 139 18.31 41.28 -12.08
C CYS G 139 17.48 40.07 -12.43
N ALA G 140 17.27 39.20 -11.45
CA ALA G 140 16.48 38.01 -11.69
C ALA G 140 15.11 38.46 -12.12
N VAL G 141 14.52 39.37 -11.35
CA VAL G 141 13.20 39.88 -11.69
C VAL G 141 13.19 40.52 -13.08
N SER G 142 14.20 41.31 -13.40
CA SER G 142 14.25 41.94 -14.71
C SER G 142 14.37 40.90 -15.81
N ALA G 143 15.12 39.84 -15.53
CA ALA G 143 15.32 38.76 -16.49
C ALA G 143 13.96 38.15 -16.84
N ILE G 144 13.18 37.84 -15.80
CA ILE G 144 11.88 37.28 -15.99
C ILE G 144 11.03 38.24 -16.80
N GLU G 145 10.96 39.51 -16.39
CA GLU G 145 10.14 40.49 -17.11
C GLU G 145 10.52 40.54 -18.58
N MET G 146 11.81 40.72 -18.86
CA MET G 146 12.28 40.79 -20.24
C MET G 146 11.98 39.53 -21.05
N ALA G 147 12.04 38.36 -20.40
CA ALA G 147 11.77 37.11 -21.10
C ALA G 147 10.31 37.12 -21.52
N ASN G 148 9.43 37.43 -20.60
CA ASN G 148 8.00 37.49 -20.90
C ASN G 148 7.67 38.55 -21.93
N LEU G 149 8.23 39.75 -21.76
CA LEU G 149 7.98 40.81 -22.71
C LEU G 149 8.50 40.42 -24.10
N ASN G 150 9.57 39.63 -24.13
CA ASN G 150 10.17 39.20 -25.38
C ASN G 150 9.29 38.28 -26.20
N ARG G 151 8.26 37.72 -25.58
CA ARG G 151 7.37 36.85 -26.31
C ARG G 151 6.55 37.72 -27.26
N SER G 152 6.22 38.92 -26.80
CA SER G 152 5.45 39.87 -27.59
C SER G 152 6.20 40.37 -28.82
N PHE G 153 7.46 39.98 -28.97
CA PHE G 153 8.26 40.39 -30.11
C PHE G 153 8.69 39.18 -30.90
N GLU G 154 7.91 38.83 -31.91
CA GLU G 154 8.26 37.68 -32.74
C GLU G 154 8.24 36.47 -31.80
N MET H 1 19.70 77.14 -52.26
CA MET H 1 19.76 75.76 -51.71
C MET H 1 18.35 75.17 -51.66
N ASN H 2 18.28 73.85 -51.47
CA ASN H 2 16.99 73.15 -51.41
C ASN H 2 16.74 72.60 -50.01
N ILE H 3 15.68 73.07 -49.38
CA ILE H 3 15.35 72.64 -48.03
C ILE H 3 14.47 71.40 -47.91
N ILE H 4 14.83 70.54 -46.99
CA ILE H 4 14.13 69.30 -46.71
C ILE H 4 13.77 69.37 -45.23
N GLN H 5 12.48 69.40 -44.91
CA GLN H 5 12.04 69.48 -43.52
C GLN H 5 11.10 68.36 -43.16
N GLY H 6 10.45 68.55 -42.01
CA GLY H 6 9.48 67.61 -41.50
C GLY H 6 8.51 68.51 -40.77
N ASN H 7 7.23 68.47 -41.14
CA ASN H 7 6.25 69.32 -40.46
C ASN H 7 5.74 68.59 -39.21
N LEU H 8 4.97 69.29 -38.39
CA LEU H 8 4.45 68.71 -37.17
C LEU H 8 3.04 68.14 -37.26
N VAL H 9 2.65 67.60 -38.40
CA VAL H 9 1.31 67.02 -38.54
C VAL H 9 1.43 65.54 -38.26
N GLY H 10 0.88 65.12 -37.12
CA GLY H 10 0.96 63.72 -36.74
C GLY H 10 -0.09 62.80 -37.31
N THR H 11 -1.10 63.37 -37.97
CA THR H 11 -2.16 62.58 -38.55
C THR H 11 -1.67 61.41 -39.41
N GLY H 12 -2.19 60.22 -39.11
CA GLY H 12 -1.80 59.05 -39.88
C GLY H 12 -0.52 58.35 -39.44
N LEU H 13 0.20 58.94 -38.50
CA LEU H 13 1.45 58.35 -38.03
C LEU H 13 1.22 57.24 -37.02
N LYS H 14 2.11 56.25 -37.02
CA LYS H 14 2.04 55.15 -36.09
C LYS H 14 3.31 55.23 -35.24
N ILE H 15 3.12 55.52 -33.96
CA ILE H 15 4.21 55.69 -33.02
C ILE H 15 4.39 54.59 -31.96
N GLY H 16 5.64 54.21 -31.75
CA GLY H 16 5.96 53.21 -30.77
C GLY H 16 6.73 53.89 -29.64
N ILE H 17 6.42 53.55 -28.40
CA ILE H 17 7.09 54.15 -27.26
C ILE H 17 7.64 53.09 -26.29
N VAL H 18 8.88 53.27 -25.85
CA VAL H 18 9.49 52.37 -24.89
C VAL H 18 9.82 53.19 -23.64
N VAL H 19 9.21 52.82 -22.51
CA VAL H 19 9.41 53.53 -21.24
C VAL H 19 10.02 52.64 -20.19
N GLY H 20 10.96 53.19 -19.41
CA GLY H 20 11.60 52.42 -18.34
C GLY H 20 10.81 52.53 -17.06
N ARG H 21 10.63 51.41 -16.36
CA ARG H 21 9.87 51.41 -15.10
C ARG H 21 10.68 52.12 -14.03
N PHE H 22 11.99 51.97 -14.10
CA PHE H 22 12.87 52.62 -13.14
C PHE H 22 12.61 54.12 -13.12
N ASN H 23 12.41 54.68 -11.93
CA ASN H 23 12.12 56.09 -11.75
C ASN H 23 10.81 56.47 -12.41
N ASP H 24 9.87 55.52 -12.41
CA ASP H 24 8.55 55.74 -13.01
C ASP H 24 7.84 56.96 -12.47
N PHE H 25 8.23 57.41 -11.29
CA PHE H 25 7.62 58.60 -10.67
C PHE H 25 7.77 59.72 -11.68
N ILE H 26 8.90 59.69 -12.40
CA ILE H 26 9.24 60.68 -13.41
C ILE H 26 8.83 60.19 -14.81
N THR H 27 9.34 59.03 -15.22
CA THR H 27 9.04 58.52 -16.54
C THR H 27 7.55 58.44 -16.89
N SER H 28 6.70 58.15 -15.94
CA SER H 28 5.28 58.10 -16.23
C SER H 28 4.78 59.48 -16.69
N LYS H 29 5.29 60.55 -16.08
CA LYS H 29 4.88 61.90 -16.47
C LYS H 29 5.48 62.21 -17.83
N LEU H 30 6.59 61.55 -18.16
CA LEU H 30 7.22 61.74 -19.44
C LEU H 30 6.32 61.10 -20.50
N LEU H 31 5.85 59.88 -20.18
CA LEU H 31 4.97 59.12 -21.06
C LEU H 31 3.66 59.85 -21.33
N SER H 32 3.01 60.30 -20.27
CA SER H 32 1.74 60.99 -20.45
C SER H 32 1.96 62.28 -21.23
N GLY H 33 3.12 62.89 -21.05
CA GLY H 33 3.40 64.12 -21.76
C GLY H 33 3.48 63.84 -23.23
N ALA H 34 4.18 62.76 -23.57
CA ALA H 34 4.33 62.37 -24.97
C ALA H 34 3.00 62.00 -25.59
N GLU H 35 2.20 61.24 -24.84
CA GLU H 35 0.89 60.83 -25.34
C GLU H 35 0.06 62.04 -25.71
N ASP H 36 -0.15 62.94 -24.75
CA ASP H 36 -0.94 64.14 -25.00
C ASP H 36 -0.39 64.93 -26.18
N ALA H 37 0.94 65.07 -26.24
CA ALA H 37 1.57 65.82 -27.30
C ALA H 37 1.24 65.18 -28.63
N LEU H 38 1.37 63.86 -28.72
CA LEU H 38 1.07 63.14 -29.95
C LEU H 38 -0.38 63.32 -30.38
N LEU H 39 -1.31 63.13 -29.43
CA LEU H 39 -2.73 63.27 -29.74
C LEU H 39 -3.06 64.67 -30.25
N ARG H 40 -2.64 65.69 -29.52
CA ARG H 40 -2.93 67.06 -29.92
C ARG H 40 -2.26 67.46 -31.24
N HIS H 41 -1.42 66.58 -31.77
CA HIS H 41 -0.75 66.83 -33.04
C HIS H 41 -1.40 66.01 -34.16
N GLY H 42 -2.47 65.30 -33.82
CA GLY H 42 -3.16 64.51 -34.83
C GLY H 42 -2.97 63.00 -34.81
N VAL H 43 -2.11 62.49 -33.95
CA VAL H 43 -1.89 61.05 -33.90
C VAL H 43 -3.07 60.39 -33.20
N ASP H 44 -3.51 59.24 -33.71
CA ASP H 44 -4.64 58.54 -33.10
C ASP H 44 -4.15 57.67 -31.96
N THR H 45 -4.77 57.84 -30.79
CA THR H 45 -4.40 57.09 -29.61
C THR H 45 -4.19 55.59 -29.87
N ASN H 46 -4.96 55.02 -30.80
CA ASN H 46 -4.83 53.60 -31.10
C ASN H 46 -3.60 53.31 -31.94
N ASP H 47 -3.06 54.34 -32.58
CA ASP H 47 -1.86 54.17 -33.39
C ASP H 47 -0.61 54.30 -32.54
N ILE H 48 -0.78 54.25 -31.22
CA ILE H 48 0.34 54.39 -30.27
C ILE H 48 0.53 53.14 -29.41
N ASP H 49 1.67 52.47 -29.57
CA ASP H 49 1.97 51.29 -28.75
C ASP H 49 3.06 51.61 -27.76
N VAL H 50 2.81 51.31 -26.50
CA VAL H 50 3.76 51.58 -25.43
C VAL H 50 4.28 50.29 -24.83
N ALA H 51 5.59 50.15 -24.75
CA ALA H 51 6.19 48.95 -24.17
C ALA H 51 7.05 49.32 -22.95
N TRP H 52 6.78 48.68 -21.82
CA TRP H 52 7.51 48.94 -20.59
C TRP H 52 8.64 47.96 -20.37
N VAL H 53 9.80 48.47 -19.97
CA VAL H 53 10.96 47.63 -19.68
C VAL H 53 11.49 48.02 -18.29
N PRO H 54 12.21 47.13 -17.60
CA PRO H 54 12.75 47.42 -16.27
C PRO H 54 13.45 48.78 -16.18
N GLY H 55 14.63 48.86 -16.80
CA GLY H 55 15.39 50.09 -16.76
C GLY H 55 15.84 50.58 -18.12
N ALA H 56 16.57 51.69 -18.14
CA ALA H 56 17.04 52.30 -19.38
C ALA H 56 17.99 51.40 -20.15
N PHE H 57 18.68 50.50 -19.47
CA PHE H 57 19.60 49.60 -20.14
C PHE H 57 18.82 48.72 -21.11
N GLU H 58 17.57 48.44 -20.74
CA GLU H 58 16.67 47.61 -21.53
C GLU H 58 16.03 48.36 -22.68
N ILE H 59 15.88 49.67 -22.53
CA ILE H 59 15.25 50.46 -23.58
C ILE H 59 15.74 50.18 -25.00
N PRO H 60 17.07 50.14 -25.23
CA PRO H 60 17.58 49.89 -26.57
C PRO H 60 17.07 48.57 -27.14
N PHE H 61 17.10 47.52 -26.32
CA PHE H 61 16.65 46.20 -26.74
C PHE H 61 15.22 46.22 -27.24
N ALA H 62 14.32 46.84 -26.48
CA ALA H 62 12.93 46.92 -26.86
C ALA H 62 12.72 47.87 -28.05
N ALA H 63 13.43 48.98 -28.05
CA ALA H 63 13.30 49.96 -29.14
C ALA H 63 13.67 49.35 -30.49
N LYS H 64 14.74 48.57 -30.52
CA LYS H 64 15.17 47.94 -31.76
C LYS H 64 14.15 46.93 -32.24
N LYS H 65 13.68 46.08 -31.35
CA LYS H 65 12.70 45.08 -31.72
C LYS H 65 11.42 45.71 -32.23
N MET H 66 10.96 46.75 -31.56
CA MET H 66 9.73 47.42 -32.01
C MET H 66 9.95 48.05 -33.40
N ALA H 67 11.10 48.68 -33.58
CA ALA H 67 11.40 49.33 -34.82
C ALA H 67 11.49 48.31 -35.95
N GLU H 68 12.02 47.15 -35.63
CA GLU H 68 12.19 46.09 -36.62
C GLU H 68 10.90 45.56 -37.19
N THR H 69 9.82 45.67 -36.42
CA THR H 69 8.53 45.20 -36.90
C THR H 69 8.08 46.09 -38.06
N LYS H 70 8.83 47.16 -38.31
CA LYS H 70 8.51 48.10 -39.39
C LYS H 70 7.07 48.59 -39.32
N LYS H 71 6.45 48.35 -38.17
CA LYS H 71 5.08 48.75 -37.93
C LYS H 71 4.96 50.21 -37.49
N TYR H 72 6.10 50.87 -37.23
CA TYR H 72 6.09 52.26 -36.75
C TYR H 72 6.85 53.27 -37.58
N ASP H 73 6.35 54.51 -37.60
CA ASP H 73 6.97 55.61 -38.34
C ASP H 73 8.14 56.21 -37.58
N ALA H 74 8.05 56.12 -36.26
CA ALA H 74 9.06 56.63 -35.36
C ALA H 74 8.89 55.96 -34.01
N ILE H 75 9.96 55.94 -33.23
CA ILE H 75 9.92 55.34 -31.91
C ILE H 75 10.48 56.31 -30.89
N ILE H 76 9.72 56.49 -29.81
CA ILE H 76 10.10 57.39 -28.74
C ILE H 76 10.59 56.58 -27.55
N THR H 77 11.81 56.86 -27.09
CA THR H 77 12.35 56.17 -25.91
C THR H 77 12.23 57.13 -24.74
N LEU H 78 11.66 56.67 -23.64
CA LEU H 78 11.46 57.50 -22.46
C LEU H 78 12.06 56.86 -21.22
N GLY H 79 12.98 57.58 -20.58
CA GLY H 79 13.62 57.04 -19.39
C GLY H 79 14.14 58.12 -18.48
N THR H 80 14.52 57.72 -17.27
CA THR H 80 15.06 58.66 -16.31
C THR H 80 16.14 57.97 -15.49
N VAL H 81 17.38 58.35 -15.73
CA VAL H 81 18.47 57.80 -14.97
C VAL H 81 18.97 58.93 -14.08
N ILE H 82 18.90 58.73 -12.77
CA ILE H 82 19.37 59.75 -11.84
C ILE H 82 20.65 59.23 -11.22
N ARG H 83 21.69 60.05 -11.24
CA ARG H 83 22.97 59.63 -10.69
C ARG H 83 22.92 59.21 -9.22
N GLY H 84 23.74 58.22 -8.89
CA GLY H 84 23.80 57.72 -7.53
C GLY H 84 25.20 57.86 -6.94
N ALA H 85 25.57 56.91 -6.09
CA ALA H 85 26.86 56.95 -5.43
C ALA H 85 27.99 56.32 -6.22
N THR H 86 27.63 55.49 -7.19
CA THR H 86 28.61 54.78 -8.00
C THR H 86 28.61 55.24 -9.44
N THR H 87 29.47 54.64 -10.27
CA THR H 87 29.53 55.02 -11.68
C THR H 87 28.47 54.27 -12.49
N HIS H 88 27.65 53.48 -11.80
CA HIS H 88 26.59 52.72 -12.46
C HIS H 88 25.88 53.63 -13.47
N TYR H 89 25.51 54.81 -13.00
CA TYR H 89 24.83 55.82 -13.80
C TYR H 89 25.47 55.96 -15.18
N ASP H 90 26.80 56.05 -15.19
CA ASP H 90 27.54 56.18 -16.43
C ASP H 90 27.27 55.09 -17.47
N TYR H 91 27.42 53.83 -17.08
CA TYR H 91 27.18 52.73 -18.00
C TYR H 91 25.73 52.66 -18.47
N VAL H 92 24.79 52.83 -17.56
CA VAL H 92 23.38 52.78 -17.93
C VAL H 92 23.10 53.86 -18.98
N CYS H 93 23.53 55.09 -18.71
CA CYS H 93 23.31 56.18 -19.64
C CYS H 93 24.02 55.98 -20.97
N ASN H 94 25.28 55.60 -20.94
CA ASN H 94 26.02 55.37 -22.16
C ASN H 94 25.41 54.29 -23.01
N GLU H 95 25.26 53.09 -22.45
CA GLU H 95 24.68 52.00 -23.21
C GLU H 95 23.29 52.36 -23.76
N ALA H 96 22.48 53.04 -22.95
CA ALA H 96 21.15 53.43 -23.40
C ALA H 96 21.25 54.30 -24.64
N ALA H 97 21.96 55.42 -24.50
CA ALA H 97 22.12 56.35 -25.60
C ALA H 97 22.80 55.69 -26.81
N LYS H 98 23.76 54.82 -26.53
CA LYS H 98 24.51 54.11 -27.56
C LYS H 98 23.56 53.21 -28.36
N GLY H 99 22.77 52.41 -27.63
CA GLY H 99 21.82 51.50 -28.25
C GLY H 99 20.62 52.17 -28.90
N ILE H 100 20.11 53.24 -28.29
CA ILE H 100 18.98 53.95 -28.86
C ILE H 100 19.38 54.55 -30.19
N ALA H 101 20.65 54.91 -30.31
CA ALA H 101 21.15 55.50 -31.53
C ALA H 101 21.36 54.45 -32.59
N GLN H 102 21.96 53.32 -32.21
CA GLN H 102 22.20 52.27 -33.19
C GLN H 102 20.91 51.58 -33.61
N ALA H 103 19.87 51.64 -32.77
CA ALA H 103 18.60 51.03 -33.10
C ALA H 103 18.08 51.71 -34.36
N ALA H 104 18.00 53.04 -34.32
CA ALA H 104 17.53 53.82 -35.46
C ALA H 104 18.42 53.59 -36.67
N ASN H 105 19.72 53.51 -36.42
CA ASN H 105 20.70 53.31 -37.47
C ASN H 105 20.45 52.04 -38.25
N THR H 106 20.49 50.92 -37.55
CA THR H 106 20.31 49.60 -38.16
C THR H 106 18.88 49.34 -38.62
N THR H 107 17.94 50.07 -38.06
CA THR H 107 16.54 49.88 -38.40
C THR H 107 16.01 50.82 -39.47
N GLY H 108 16.64 51.98 -39.63
CA GLY H 108 16.16 52.93 -40.62
C GLY H 108 14.97 53.74 -40.11
N VAL H 109 14.39 53.30 -38.99
CA VAL H 109 13.27 53.99 -38.38
C VAL H 109 13.80 54.99 -37.37
N PRO H 110 13.27 56.22 -37.37
CA PRO H 110 13.76 57.22 -36.41
C PRO H 110 13.47 56.78 -34.98
N VAL H 111 14.48 56.81 -34.11
CA VAL H 111 14.31 56.46 -32.71
C VAL H 111 14.76 57.67 -31.89
N ILE H 112 13.77 58.38 -31.35
CA ILE H 112 13.99 59.58 -30.55
C ILE H 112 14.54 59.30 -29.16
N PHE H 113 15.62 60.01 -28.83
CA PHE H 113 16.29 59.86 -27.54
C PHE H 113 15.64 60.73 -26.48
N GLY H 114 14.81 60.11 -25.66
CA GLY H 114 14.12 60.85 -24.61
C GLY H 114 14.46 60.37 -23.22
N ILE H 115 15.72 60.05 -23.00
CA ILE H 115 16.13 59.62 -21.69
C ILE H 115 16.72 60.79 -20.90
N VAL H 116 16.03 61.12 -19.81
CA VAL H 116 16.41 62.18 -18.90
C VAL H 116 17.51 61.67 -17.99
N THR H 117 18.67 62.31 -18.05
CA THR H 117 19.80 61.91 -17.23
C THR H 117 20.20 63.09 -16.34
N THR H 118 19.85 63.00 -15.06
CA THR H 118 20.14 64.08 -14.14
C THR H 118 21.04 63.69 -12.96
N GLU H 119 21.41 64.71 -12.19
CA GLU H 119 22.27 64.56 -11.02
C GLU H 119 21.42 64.28 -9.79
N ASN H 120 20.17 64.73 -9.84
CA ASN H 120 19.26 64.57 -8.73
C ASN H 120 17.80 64.55 -9.15
N ILE H 121 16.94 64.21 -8.19
CA ILE H 121 15.51 64.17 -8.42
C ILE H 121 14.96 65.53 -8.89
N GLU H 122 15.50 66.62 -8.36
CA GLU H 122 14.98 67.94 -8.74
C GLU H 122 15.13 68.23 -10.21
N GLN H 123 16.29 67.94 -10.75
CA GLN H 123 16.53 68.20 -12.17
C GLN H 123 15.65 67.28 -13.01
N ALA H 124 15.27 66.14 -12.45
CA ALA H 124 14.42 65.21 -13.17
C ALA H 124 13.03 65.82 -13.25
N ILE H 125 12.50 66.26 -12.12
CA ILE H 125 11.16 66.86 -12.08
C ILE H 125 11.15 68.11 -12.94
N GLU H 126 12.29 68.78 -12.96
CA GLU H 126 12.51 69.99 -13.73
C GLU H 126 12.23 69.77 -15.24
N ARG H 127 12.64 68.60 -15.72
CA ARG H 127 12.49 68.22 -17.11
C ARG H 127 11.35 67.27 -17.42
N ALA H 128 10.50 67.01 -16.44
CA ALA H 128 9.38 66.11 -16.67
C ALA H 128 8.05 66.83 -16.50
N GLY H 129 8.01 68.11 -16.88
CA GLY H 129 6.80 68.87 -16.79
C GLY H 129 6.81 70.01 -15.80
N THR H 130 7.94 70.70 -15.71
CA THR H 130 8.06 71.83 -14.79
C THR H 130 8.83 72.95 -15.45
N LYS H 131 9.82 73.48 -14.75
CA LYS H 131 10.63 74.58 -15.23
C LYS H 131 11.14 74.41 -16.66
N ALA H 132 11.80 73.29 -16.93
CA ALA H 132 12.35 73.03 -18.26
C ALA H 132 11.40 72.35 -19.27
N GLY H 133 10.11 72.31 -18.95
CA GLY H 133 9.18 71.68 -19.85
C GLY H 133 9.08 70.20 -19.58
N ASN H 134 8.59 69.45 -20.56
CA ASN H 134 8.45 68.02 -20.43
C ASN H 134 9.20 67.36 -21.57
N LYS H 135 10.31 66.69 -21.25
CA LYS H 135 11.10 66.07 -22.29
C LYS H 135 10.26 65.12 -23.15
N GLY H 136 9.23 64.54 -22.54
CA GLY H 136 8.36 63.62 -23.26
C GLY H 136 7.65 64.34 -24.38
N VAL H 137 7.15 65.53 -24.09
CA VAL H 137 6.47 66.33 -25.09
C VAL H 137 7.44 66.71 -26.20
N ASP H 138 8.65 67.08 -25.82
CA ASP H 138 9.63 67.45 -26.81
C ASP H 138 9.96 66.28 -27.68
N CYS H 139 9.99 65.08 -27.11
CA CYS H 139 10.31 63.89 -27.89
C CYS H 139 9.17 63.49 -28.82
N ALA H 140 7.94 63.70 -28.37
CA ALA H 140 6.80 63.37 -29.21
C ALA H 140 6.92 64.25 -30.47
N VAL H 141 7.10 65.54 -30.26
CA VAL H 141 7.21 66.45 -31.38
C VAL H 141 8.37 66.05 -32.29
N SER H 142 9.51 65.70 -31.73
CA SER H 142 10.63 65.29 -32.56
C SER H 142 10.32 64.02 -33.33
N ALA H 143 9.58 63.12 -32.70
CA ALA H 143 9.21 61.85 -33.32
C ALA H 143 8.40 62.14 -34.57
N ILE H 144 7.41 63.03 -34.42
CA ILE H 144 6.58 63.42 -35.53
C ILE H 144 7.45 64.03 -36.62
N GLU H 145 8.26 65.01 -36.26
CA GLU H 145 9.11 65.65 -37.26
C GLU H 145 9.93 64.62 -38.01
N MET H 146 10.68 63.78 -37.29
CA MET H 146 11.51 62.76 -37.90
C MET H 146 10.76 61.78 -38.78
N ALA H 147 9.52 61.46 -38.39
CA ALA H 147 8.70 60.55 -39.17
C ALA H 147 8.41 61.20 -40.53
N ASN H 148 7.93 62.43 -40.48
CA ASN H 148 7.62 63.17 -41.69
C ASN H 148 8.86 63.39 -42.54
N LEU H 149 9.95 63.82 -41.92
CA LEU H 149 11.18 64.04 -42.66
C LEU H 149 11.64 62.74 -43.31
N ASN H 150 11.38 61.63 -42.64
CA ASN H 150 11.83 60.34 -43.13
C ASN H 150 11.14 59.90 -44.41
N ARG H 151 10.03 60.55 -44.75
CA ARG H 151 9.34 60.20 -45.99
C ARG H 151 10.19 60.66 -47.15
N SER H 152 10.87 61.79 -46.97
CA SER H 152 11.74 62.37 -47.98
C SER H 152 12.97 61.52 -48.26
N PHE H 153 13.15 60.45 -47.49
CA PHE H 153 14.29 59.55 -47.67
C PHE H 153 13.83 58.14 -48.01
N GLU H 154 13.71 57.88 -49.31
CA GLU H 154 13.26 56.57 -49.76
C GLU H 154 11.83 56.42 -49.22
N MET I 1 58.51 61.33 -52.10
CA MET I 1 57.16 60.79 -51.79
C MET I 1 56.15 61.34 -52.79
N ASN I 2 54.95 60.75 -52.82
CA ASN I 2 53.92 61.17 -53.74
C ASN I 2 52.73 61.76 -52.99
N ILE I 3 52.44 63.03 -53.26
CA ILE I 3 51.36 63.72 -52.58
C ILE I 3 49.99 63.61 -53.25
N ILE I 4 48.99 63.41 -52.41
CA ILE I 4 47.60 63.28 -52.82
C ILE I 4 46.87 64.36 -52.04
N GLN I 5 46.27 65.33 -52.74
CA GLN I 5 45.56 66.40 -52.09
C GLN I 5 44.14 66.54 -52.59
N GLY I 6 43.55 67.67 -52.23
CA GLY I 6 42.20 68.02 -52.64
C GLY I 6 42.23 69.53 -52.73
N ASN I 7 41.94 70.07 -53.89
CA ASN I 7 41.97 71.53 -54.06
C ASN I 7 40.64 72.11 -53.61
N LEU I 8 40.55 73.43 -53.53
CA LEU I 8 39.33 74.08 -53.09
C LEU I 8 38.39 74.56 -54.21
N VAL I 9 38.35 73.84 -55.32
CA VAL I 9 37.47 74.23 -56.41
C VAL I 9 36.15 73.48 -56.27
N GLY I 10 35.12 74.21 -55.89
CA GLY I 10 33.83 73.59 -55.69
C GLY I 10 32.98 73.38 -56.92
N THR I 11 33.40 73.94 -58.04
CA THR I 11 32.64 73.82 -59.27
C THR I 11 32.24 72.39 -59.62
N GLY I 12 30.95 72.19 -59.87
CA GLY I 12 30.46 70.87 -60.23
C GLY I 12 30.13 69.93 -59.08
N LEU I 13 30.48 70.33 -57.86
CA LEU I 13 30.21 69.48 -56.72
C LEU I 13 28.76 69.56 -56.27
N LYS I 14 28.28 68.45 -55.71
CA LYS I 14 26.92 68.38 -55.18
C LYS I 14 27.04 68.14 -53.68
N ILE I 15 26.60 69.13 -52.90
CA ILE I 15 26.72 69.06 -51.46
C ILE I 15 25.42 68.91 -50.70
N GLY I 16 25.44 68.05 -49.69
CA GLY I 16 24.29 67.82 -48.85
C GLY I 16 24.61 68.37 -47.47
N ILE I 17 23.65 69.04 -46.84
CA ILE I 17 23.84 69.60 -45.52
C ILE I 17 22.74 69.21 -44.52
N VAL I 18 23.12 68.78 -43.33
CA VAL I 18 22.17 68.41 -42.29
C VAL I 18 22.39 69.38 -41.12
N VAL I 19 21.36 70.16 -40.79
CA VAL I 19 21.44 71.13 -39.71
C VAL I 19 20.43 70.83 -38.58
N GLY I 20 20.86 71.00 -37.33
CA GLY I 20 19.97 70.75 -36.21
C GLY I 20 19.16 72.00 -35.88
N ARG I 21 17.87 71.85 -35.58
CA ARG I 21 17.04 73.00 -35.27
C ARG I 21 17.41 73.52 -33.90
N PHE I 22 17.80 72.60 -33.02
CA PHE I 22 18.19 72.97 -31.67
C PHE I 22 19.30 74.00 -31.71
N ASN I 23 19.12 75.09 -30.97
CA ASN I 23 20.09 76.19 -30.92
C ASN I 23 20.24 76.84 -32.29
N ASP I 24 19.15 76.87 -33.03
CA ASP I 24 19.14 77.46 -34.38
C ASP I 24 19.66 78.89 -34.40
N PHE I 25 19.62 79.56 -33.24
CA PHE I 25 20.10 80.93 -33.13
C PHE I 25 21.53 80.93 -33.65
N ILE I 26 22.22 79.84 -33.37
CA ILE I 26 23.60 79.65 -33.77
C ILE I 26 23.68 78.88 -35.09
N THR I 27 23.12 77.66 -35.11
CA THR I 27 23.19 76.80 -36.28
C THR I 27 22.77 77.46 -37.58
N SER I 28 21.81 78.37 -37.52
CA SER I 28 21.39 79.05 -38.74
C SER I 28 22.54 79.88 -39.32
N LYS I 29 23.32 80.51 -38.45
CA LYS I 29 24.46 81.32 -38.89
C LYS I 29 25.55 80.38 -39.40
N LEU I 30 25.54 79.15 -38.89
CA LEU I 30 26.52 78.17 -39.35
C LEU I 30 26.15 77.78 -40.77
N LEU I 31 24.86 77.53 -40.97
CA LEU I 31 24.33 77.15 -42.26
C LEU I 31 24.60 78.20 -43.30
N SER I 32 24.22 79.44 -43.00
CA SER I 32 24.43 80.51 -43.97
C SER I 32 25.91 80.70 -44.26
N GLY I 33 26.74 80.45 -43.27
CA GLY I 33 28.16 80.59 -43.48
C GLY I 33 28.63 79.56 -44.46
N ALA I 34 28.15 78.32 -44.29
CA ALA I 34 28.52 77.24 -45.18
C ALA I 34 28.04 77.50 -46.59
N GLU I 35 26.80 77.98 -46.70
CA GLU I 35 26.23 78.27 -48.01
C GLU I 35 27.09 79.27 -48.77
N ASP I 36 27.31 80.43 -48.17
CA ASP I 36 28.12 81.45 -48.80
C ASP I 36 29.50 80.91 -49.18
N ALA I 37 30.12 80.18 -48.24
CA ALA I 37 31.45 79.61 -48.48
C ALA I 37 31.42 78.72 -49.71
N LEU I 38 30.44 77.83 -49.77
CA LEU I 38 30.31 76.92 -50.91
C LEU I 38 30.13 77.68 -52.21
N LEU I 39 29.20 78.65 -52.23
CA LEU I 39 28.96 79.42 -53.43
C LEU I 39 30.21 80.13 -53.92
N ARG I 40 30.87 80.86 -53.02
CA ARG I 40 32.06 81.60 -53.39
C ARG I 40 33.22 80.70 -53.81
N HIS I 41 33.04 79.40 -53.65
CA HIS I 41 34.07 78.44 -54.07
C HIS I 41 33.67 77.75 -55.37
N GLY I 42 32.56 78.17 -55.96
CA GLY I 42 32.13 77.59 -57.22
C GLY I 42 30.96 76.61 -57.21
N VAL I 43 30.44 76.30 -56.03
CA VAL I 43 29.33 75.38 -55.95
C VAL I 43 28.05 76.11 -56.36
N ASP I 44 27.20 75.44 -57.14
CA ASP I 44 25.96 76.06 -57.55
C ASP I 44 24.90 75.89 -56.48
N THR I 45 24.28 77.01 -56.11
CA THR I 45 23.25 76.99 -55.08
C THR I 45 22.24 75.87 -55.24
N ASN I 46 21.94 75.48 -56.48
CA ASN I 46 20.95 74.42 -56.69
C ASN I 46 21.52 73.05 -56.45
N ASP I 47 22.84 72.95 -56.43
CA ASP I 47 23.50 71.68 -56.16
C ASP I 47 23.66 71.45 -54.65
N ILE I 48 22.96 72.25 -53.86
CA ILE I 48 23.03 72.17 -52.40
C ILE I 48 21.69 71.82 -51.76
N ASP I 49 21.61 70.65 -51.13
CA ASP I 49 20.38 70.24 -50.45
C ASP I 49 20.58 70.32 -48.92
N VAL I 50 19.66 71.01 -48.26
CA VAL I 50 19.74 71.16 -46.82
C VAL I 50 18.59 70.43 -46.14
N ALA I 51 18.91 69.58 -45.16
CA ALA I 51 17.88 68.86 -44.43
C ALA I 51 17.94 69.24 -42.94
N TRP I 52 16.80 69.65 -42.40
CA TRP I 52 16.70 70.03 -40.99
C TRP I 52 16.19 68.89 -40.10
N VAL I 53 16.84 68.68 -38.96
CA VAL I 53 16.44 67.66 -38.01
C VAL I 53 16.32 68.33 -36.64
N PRO I 54 15.52 67.77 -35.72
CA PRO I 54 15.34 68.34 -34.38
C PRO I 54 16.63 68.74 -33.68
N GLY I 55 17.42 67.74 -33.28
CA GLY I 55 18.67 68.00 -32.61
C GLY I 55 19.85 67.27 -33.20
N ALA I 56 21.02 67.45 -32.59
CA ALA I 56 22.25 66.82 -33.05
C ALA I 56 22.23 65.29 -33.03
N PHE I 57 21.41 64.73 -32.14
CA PHE I 57 21.29 63.28 -32.02
C PHE I 57 20.72 62.73 -33.34
N GLU I 58 19.87 63.52 -33.99
CA GLU I 58 19.25 63.16 -35.25
C GLU I 58 20.18 63.37 -36.45
N ILE I 59 21.15 64.26 -36.32
CA ILE I 59 22.04 64.54 -37.42
C ILE I 59 22.61 63.30 -38.10
N PRO I 60 23.19 62.37 -37.34
CA PRO I 60 23.76 61.16 -37.93
C PRO I 60 22.76 60.39 -38.81
N PHE I 61 21.54 60.24 -38.31
CA PHE I 61 20.49 59.53 -39.02
C PHE I 61 20.24 60.13 -40.40
N ALA I 62 20.07 61.44 -40.44
CA ALA I 62 19.83 62.13 -41.71
C ALA I 62 21.08 62.14 -42.59
N ALA I 63 22.24 62.35 -42.00
CA ALA I 63 23.47 62.39 -42.77
C ALA I 63 23.72 61.07 -43.49
N LYS I 64 23.48 59.96 -42.79
CA LYS I 64 23.70 58.66 -43.41
C LYS I 64 22.74 58.46 -44.58
N LYS I 65 21.46 58.74 -44.36
CA LYS I 65 20.48 58.56 -45.41
C LYS I 65 20.78 59.43 -46.62
N MET I 66 21.17 60.67 -46.40
CA MET I 66 21.50 61.54 -47.53
C MET I 66 22.71 61.01 -48.26
N ALA I 67 23.71 60.56 -47.52
CA ALA I 67 24.91 60.05 -48.13
C ALA I 67 24.63 58.79 -48.94
N GLU I 68 23.72 57.97 -48.43
CA GLU I 68 23.37 56.72 -49.09
C GLU I 68 22.74 56.91 -50.47
N THR I 69 22.09 58.03 -50.68
CA THR I 69 21.46 58.30 -51.97
C THR I 69 22.57 58.43 -53.03
N LYS I 70 23.81 58.45 -52.59
CA LYS I 70 24.96 58.60 -53.49
C LYS I 70 24.81 59.80 -54.42
N LYS I 71 23.87 60.67 -54.09
CA LYS I 71 23.59 61.86 -54.85
C LYS I 71 24.57 63.00 -54.51
N TYR I 72 25.38 62.84 -53.46
CA TYR I 72 26.28 63.91 -53.02
C TYR I 72 27.77 63.56 -52.99
N ASP I 73 28.61 64.57 -53.23
CA ASP I 73 30.06 64.39 -53.22
C ASP I 73 30.62 64.45 -51.80
N ALA I 74 29.90 65.18 -50.95
CA ALA I 74 30.28 65.34 -49.56
C ALA I 74 29.06 65.81 -48.80
N ILE I 75 29.06 65.57 -47.50
CA ILE I 75 27.95 66.00 -46.64
C ILE I 75 28.48 66.78 -45.48
N ILE I 76 27.84 67.92 -45.23
CA ILE I 76 28.23 68.80 -44.15
C ILE I 76 27.20 68.70 -43.03
N THR I 77 27.65 68.38 -41.82
CA THR I 77 26.75 68.31 -40.68
C THR I 77 26.97 69.59 -39.87
N LEU I 78 25.87 70.26 -39.53
CA LEU I 78 25.94 71.50 -38.77
C LEU I 78 25.05 71.45 -37.53
N GLY I 79 25.66 71.64 -36.36
CA GLY I 79 24.90 71.62 -35.13
C GLY I 79 25.57 72.42 -34.03
N THR I 80 24.84 72.61 -32.96
CA THR I 80 25.36 73.34 -31.82
C THR I 80 24.78 72.74 -30.54
N VAL I 81 25.64 72.07 -29.78
CA VAL I 81 25.23 71.51 -28.52
C VAL I 81 25.93 72.34 -27.45
N ILE I 82 25.14 73.01 -26.62
CA ILE I 82 25.70 73.82 -25.55
C ILE I 82 25.43 73.09 -24.24
N ARG I 83 26.48 72.89 -23.43
CA ARG I 83 26.34 72.19 -22.17
C ARG I 83 25.33 72.78 -21.23
N GLY I 84 24.65 71.90 -20.49
CA GLY I 84 23.64 72.33 -19.55
C GLY I 84 23.97 71.90 -18.14
N ALA I 85 22.95 71.59 -17.36
CA ALA I 85 23.14 71.18 -15.98
C ALA I 85 23.38 69.69 -15.78
N THR I 86 23.02 68.89 -16.78
CA THR I 86 23.18 67.44 -16.70
C THR I 86 24.21 66.91 -17.66
N THR I 87 24.38 65.59 -17.70
CA THR I 87 25.35 65.00 -18.61
C THR I 87 24.73 64.77 -19.99
N HIS I 88 23.48 65.19 -20.15
CA HIS I 88 22.79 65.06 -21.43
C HIS I 88 23.76 65.45 -22.56
N TYR I 89 24.37 66.61 -22.40
CA TYR I 89 25.34 67.16 -23.36
C TYR I 89 26.28 66.06 -23.86
N ASP I 90 26.85 65.32 -22.93
CA ASP I 90 27.79 64.26 -23.25
C ASP I 90 27.26 63.25 -24.25
N TYR I 91 26.10 62.67 -23.98
CA TYR I 91 25.54 61.68 -24.88
C TYR I 91 25.20 62.25 -26.24
N VAL I 92 24.56 63.41 -26.27
CA VAL I 92 24.22 64.03 -27.54
C VAL I 92 25.47 64.25 -28.39
N CYS I 93 26.51 64.80 -27.78
CA CYS I 93 27.76 65.07 -28.49
C CYS I 93 28.45 63.81 -28.94
N ASN I 94 28.55 62.84 -28.05
CA ASN I 94 29.21 61.59 -28.40
C ASN I 94 28.48 60.88 -29.53
N GLU I 95 27.19 60.62 -29.35
CA GLU I 95 26.45 59.92 -30.37
C GLU I 95 26.49 60.65 -31.69
N ALA I 96 26.41 61.98 -31.65
CA ALA I 96 26.45 62.76 -32.88
C ALA I 96 27.77 62.53 -33.59
N ALA I 97 28.87 62.77 -32.89
CA ALA I 97 30.21 62.60 -33.45
C ALA I 97 30.48 61.16 -33.88
N LYS I 98 29.95 60.23 -33.09
CA LYS I 98 30.11 58.81 -33.35
C LYS I 98 29.42 58.46 -34.67
N GLY I 99 28.16 58.88 -34.77
CA GLY I 99 27.37 58.60 -35.96
C GLY I 99 27.80 59.32 -37.21
N ILE I 100 28.17 60.58 -37.07
CA ILE I 100 28.62 61.36 -38.21
C ILE I 100 29.87 60.73 -38.79
N ALA I 101 30.64 60.09 -37.93
CA ALA I 101 31.87 59.46 -38.37
C ALA I 101 31.56 58.15 -39.07
N GLN I 102 30.68 57.34 -38.49
CA GLN I 102 30.36 56.06 -39.09
C GLN I 102 29.53 56.23 -40.37
N ALA I 103 28.83 57.35 -40.50
CA ALA I 103 28.03 57.60 -41.69
C ALA I 103 28.98 57.61 -42.88
N ALA I 104 30.02 58.43 -42.79
CA ALA I 104 31.01 58.53 -43.86
C ALA I 104 31.68 57.19 -44.08
N ASN I 105 31.97 56.51 -42.99
CA ASN I 105 32.64 55.21 -43.04
C ASN I 105 31.88 54.20 -43.88
N THR I 106 30.65 53.93 -43.47
CA THR I 106 29.79 52.96 -44.13
C THR I 106 29.28 53.42 -45.48
N THR I 107 29.30 54.73 -45.69
CA THR I 107 28.80 55.29 -46.93
C THR I 107 29.87 55.57 -47.98
N GLY I 108 31.12 55.75 -47.56
CA GLY I 108 32.20 56.03 -48.51
C GLY I 108 32.20 57.49 -48.92
N VAL I 109 31.14 58.21 -48.59
CA VAL I 109 31.02 59.63 -48.91
C VAL I 109 31.56 60.43 -47.75
N PRO I 110 32.37 61.46 -48.03
CA PRO I 110 32.90 62.26 -46.92
C PRO I 110 31.78 62.96 -46.14
N VAL I 111 31.80 62.84 -44.83
CA VAL I 111 30.81 63.52 -44.00
C VAL I 111 31.55 64.41 -43.02
N ILE I 112 31.52 65.71 -43.28
CA ILE I 112 32.22 66.70 -42.46
C ILE I 112 31.55 66.98 -41.12
N PHE I 113 32.35 66.89 -40.05
CA PHE I 113 31.89 67.11 -38.68
C PHE I 113 31.91 68.59 -38.34
N GLY I 114 30.71 69.19 -38.38
CA GLY I 114 30.61 70.61 -38.09
C GLY I 114 29.71 70.90 -36.93
N ILE I 115 29.78 70.06 -35.91
CA ILE I 115 28.96 70.29 -34.74
C ILE I 115 29.76 71.04 -33.68
N VAL I 116 29.30 72.25 -33.39
CA VAL I 116 29.89 73.12 -32.38
C VAL I 116 29.43 72.65 -31.00
N THR I 117 30.39 72.27 -30.16
CA THR I 117 30.08 71.80 -28.82
C THR I 117 30.76 72.72 -27.81
N THR I 118 29.99 73.61 -27.19
CA THR I 118 30.55 74.55 -26.24
C THR I 118 30.03 74.46 -24.82
N GLU I 119 30.66 75.22 -23.93
CA GLU I 119 30.29 75.25 -22.53
C GLU I 119 29.22 76.28 -22.29
N ASN I 120 29.18 77.28 -23.16
CA ASN I 120 28.20 78.36 -23.05
C ASN I 120 27.85 78.99 -24.38
N ILE I 121 26.86 79.86 -24.35
CA ILE I 121 26.40 80.58 -25.52
C ILE I 121 27.52 81.42 -26.14
N GLU I 122 28.34 82.04 -25.29
CA GLU I 122 29.40 82.89 -25.81
C GLU I 122 30.39 82.15 -26.69
N GLN I 123 30.81 80.97 -26.27
CA GLN I 123 31.75 80.19 -27.08
C GLN I 123 31.08 79.73 -28.36
N ALA I 124 29.75 79.62 -28.34
CA ALA I 124 29.00 79.21 -29.52
C ALA I 124 29.03 80.34 -30.54
N ILE I 125 28.68 81.56 -30.09
CA ILE I 125 28.69 82.73 -30.95
C ILE I 125 30.11 82.97 -31.46
N GLU I 126 31.09 82.65 -30.61
CA GLU I 126 32.51 82.80 -30.88
C GLU I 126 32.91 82.02 -32.13
N ARG I 127 32.32 80.84 -32.29
CA ARG I 127 32.61 79.95 -33.41
C ARG I 127 31.58 79.93 -34.53
N ALA I 128 30.60 80.83 -34.46
CA ALA I 128 29.58 80.89 -35.48
C ALA I 128 29.62 82.21 -36.24
N GLY I 129 30.83 82.73 -36.46
CA GLY I 129 30.98 83.96 -37.20
C GLY I 129 31.47 85.13 -36.38
N THR I 130 32.38 84.89 -35.44
CA THR I 130 32.92 85.95 -34.62
C THR I 130 34.42 85.75 -34.45
N LYS I 131 34.89 85.86 -33.21
CA LYS I 131 36.29 85.73 -32.87
C LYS I 131 36.99 84.54 -33.53
N ALA I 132 36.39 83.36 -33.38
CA ALA I 132 36.98 82.15 -33.90
C ALA I 132 36.58 81.80 -35.32
N GLY I 133 35.92 82.72 -36.01
CA GLY I 133 35.50 82.44 -37.36
C GLY I 133 34.13 81.79 -37.38
N ASN I 134 33.80 81.10 -38.45
CA ASN I 134 32.50 80.45 -38.59
C ASN I 134 32.76 79.00 -38.93
N LYS I 135 32.47 78.10 -37.98
CA LYS I 135 32.72 76.68 -38.20
C LYS I 135 32.03 76.18 -39.46
N GLY I 136 30.91 76.82 -39.82
CA GLY I 136 30.18 76.44 -41.03
C GLY I 136 31.03 76.67 -42.28
N VAL I 137 31.72 77.81 -42.31
CA VAL I 137 32.57 78.13 -43.43
C VAL I 137 33.72 77.15 -43.47
N ASP I 138 34.27 76.84 -42.32
CA ASP I 138 35.38 75.91 -42.28
C ASP I 138 34.96 74.53 -42.76
N CYS I 139 33.72 74.16 -42.43
CA CYS I 139 33.22 72.86 -42.85
C CYS I 139 32.92 72.82 -44.34
N ALA I 140 32.44 73.92 -44.87
CA ALA I 140 32.17 73.99 -46.29
C ALA I 140 33.47 73.73 -47.03
N VAL I 141 34.51 74.46 -46.65
CA VAL I 141 35.81 74.29 -47.28
C VAL I 141 36.32 72.86 -47.14
N SER I 142 36.16 72.26 -45.96
CA SER I 142 36.61 70.88 -45.77
C SER I 142 35.81 69.92 -46.63
N ALA I 143 34.52 70.22 -46.79
CA ALA I 143 33.65 69.39 -47.60
C ALA I 143 34.18 69.37 -49.03
N ILE I 144 34.46 70.56 -49.56
CA ILE I 144 35.00 70.66 -50.90
C ILE I 144 36.31 69.90 -51.00
N GLU I 145 37.24 70.15 -50.09
CA GLU I 145 38.53 69.45 -50.12
C GLU I 145 38.33 67.93 -50.14
N MET I 146 37.56 67.41 -49.17
CA MET I 146 37.31 65.98 -49.09
C MET I 146 36.66 65.41 -50.33
N ALA I 147 35.76 66.19 -50.95
CA ALA I 147 35.10 65.74 -52.17
C ALA I 147 36.13 65.52 -53.26
N ASN I 148 36.95 66.54 -53.49
CA ASN I 148 38.00 66.48 -54.50
C ASN I 148 39.02 65.39 -54.18
N LEU I 149 39.46 65.32 -52.93
CA LEU I 149 40.42 64.29 -52.56
C LEU I 149 39.84 62.90 -52.79
N ASN I 150 38.53 62.79 -52.58
CA ASN I 150 37.83 61.52 -52.72
C ASN I 150 37.83 60.98 -54.13
N ARG I 151 38.12 61.84 -55.11
CA ARG I 151 38.17 61.39 -56.49
C ARG I 151 39.37 60.49 -56.64
N SER I 152 40.44 60.84 -55.93
CA SER I 152 41.68 60.08 -55.98
C SER I 152 41.54 58.67 -55.39
N PHE I 153 40.38 58.38 -54.80
CA PHE I 153 40.13 57.07 -54.21
C PHE I 153 39.00 56.37 -54.91
N GLU I 154 39.33 55.56 -55.91
CA GLU I 154 38.30 54.85 -56.65
C GLU I 154 37.42 55.93 -57.30
N MET J 1 59.19 28.94 -25.40
CA MET J 1 58.13 29.61 -26.21
C MET J 1 58.69 29.98 -27.59
N ASN J 2 57.79 30.33 -28.51
CA ASN J 2 58.21 30.69 -29.86
C ASN J 2 57.93 32.16 -30.14
N ILE J 3 58.99 32.91 -30.43
CA ILE J 3 58.87 34.34 -30.67
C ILE J 3 58.59 34.74 -32.11
N ILE J 4 57.69 35.70 -32.25
CA ILE J 4 57.28 36.23 -33.54
C ILE J 4 57.55 37.73 -33.45
N GLN J 5 58.46 38.24 -34.27
CA GLN J 5 58.77 39.66 -34.25
C GLN J 5 58.62 40.33 -35.59
N GLY J 6 59.16 41.54 -35.68
CA GLY J 6 59.15 42.31 -36.90
C GLY J 6 60.45 43.10 -36.81
N ASN J 7 61.34 42.95 -37.78
CA ASN J 7 62.61 43.68 -37.74
C ASN J 7 62.41 45.07 -38.34
N LEU J 8 63.44 45.90 -38.22
CA LEU J 8 63.32 47.27 -38.75
C LEU J 8 63.92 47.49 -40.13
N VAL J 9 63.82 46.49 -41.00
CA VAL J 9 64.33 46.64 -42.36
C VAL J 9 63.17 47.08 -43.26
N GLY J 10 63.21 48.33 -43.68
CA GLY J 10 62.16 48.87 -44.52
C GLY J 10 62.27 48.59 -46.00
N THR J 11 63.40 48.03 -46.43
CA THR J 11 63.61 47.74 -47.85
C THR J 11 62.46 46.97 -48.49
N GLY J 12 61.96 47.48 -49.60
CA GLY J 12 60.88 46.83 -50.31
C GLY J 12 59.49 47.13 -49.80
N LEU J 13 59.37 47.83 -48.68
CA LEU J 13 58.05 48.14 -48.16
C LEU J 13 57.39 49.30 -48.88
N LYS J 14 56.07 49.28 -48.94
CA LYS J 14 55.30 50.34 -49.56
C LYS J 14 54.45 50.95 -48.44
N ILE J 15 54.73 52.21 -48.13
CA ILE J 15 54.05 52.91 -47.05
C ILE J 15 53.12 54.03 -47.46
N GLY J 16 51.96 54.09 -46.81
CA GLY J 16 50.98 55.12 -47.09
C GLY J 16 50.90 56.01 -45.87
N ILE J 17 50.83 57.32 -46.07
CA ILE J 17 50.75 58.26 -44.96
C ILE J 17 49.58 59.23 -45.12
N VAL J 18 48.83 59.43 -44.03
CA VAL J 18 47.71 60.36 -44.02
C VAL J 18 48.02 61.44 -42.98
N VAL J 19 48.13 62.69 -43.42
CA VAL J 19 48.46 63.81 -42.54
C VAL J 19 47.36 64.85 -42.51
N GLY J 20 47.08 65.39 -41.32
CA GLY J 20 46.05 66.42 -41.19
C GLY J 20 46.65 67.80 -41.41
N ARG J 21 45.94 68.66 -42.14
CA ARG J 21 46.43 70.00 -42.42
C ARG J 21 46.34 70.83 -41.14
N PHE J 22 45.32 70.54 -40.34
CA PHE J 22 45.12 71.27 -39.10
C PHE J 22 46.37 71.17 -38.26
N ASN J 23 46.83 72.30 -37.74
CA ASN J 23 48.06 72.36 -36.95
C ASN J 23 49.28 71.89 -37.75
N ASP J 24 49.27 72.17 -39.05
CA ASP J 24 50.37 71.77 -39.93
C ASP J 24 51.72 72.28 -39.48
N PHE J 25 51.72 73.31 -38.64
CA PHE J 25 52.96 73.86 -38.11
C PHE J 25 53.71 72.72 -37.43
N ILE J 26 52.92 71.83 -36.82
CA ILE J 26 53.43 70.66 -36.12
C ILE J 26 53.43 69.43 -37.03
N THR J 27 52.26 69.08 -37.58
CA THR J 27 52.13 67.88 -38.40
C THR J 27 53.14 67.80 -39.54
N SER J 28 53.49 68.92 -40.13
CA SER J 28 54.46 68.89 -41.22
C SER J 28 55.82 68.37 -40.72
N LYS J 29 56.19 68.74 -39.50
CA LYS J 29 57.45 68.27 -38.92
C LYS J 29 57.29 66.80 -38.57
N LEU J 30 56.05 66.37 -38.35
CA LEU J 30 55.81 64.97 -38.04
C LEU J 30 56.02 64.17 -39.32
N LEU J 31 55.48 64.71 -40.41
CA LEU J 31 55.57 64.08 -41.73
C LEU J 31 57.00 63.95 -42.17
N SER J 32 57.75 65.04 -42.10
CA SER J 32 59.14 65.01 -42.53
C SER J 32 59.94 64.06 -41.65
N GLY J 33 59.55 63.95 -40.39
CA GLY J 33 60.26 63.06 -39.49
C GLY J 33 60.05 61.63 -39.92
N ALA J 34 58.81 61.32 -40.28
CA ALA J 34 58.45 59.97 -40.71
C ALA J 34 59.15 59.63 -42.02
N GLU J 35 59.16 60.59 -42.94
CA GLU J 35 59.79 60.39 -44.24
C GLU J 35 61.25 60.03 -44.05
N ASP J 36 62.00 60.89 -43.37
CA ASP J 36 63.41 60.64 -43.15
C ASP J 36 63.64 59.29 -42.48
N ALA J 37 62.83 59.01 -41.45
CA ALA J 37 62.95 57.75 -40.72
C ALA J 37 62.79 56.56 -41.67
N LEU J 38 61.74 56.62 -42.49
CA LEU J 38 61.46 55.56 -43.45
C LEU J 38 62.63 55.39 -44.42
N LEU J 39 63.10 56.49 -45.00
CA LEU J 39 64.20 56.41 -45.94
C LEU J 39 65.42 55.79 -45.32
N ARG J 40 65.85 56.32 -44.17
CA ARG J 40 67.05 55.81 -43.51
C ARG J 40 66.93 54.35 -43.06
N HIS J 41 65.72 53.80 -43.19
CA HIS J 41 65.48 52.41 -42.82
C HIS J 41 65.38 51.53 -44.05
N GLY J 42 65.61 52.12 -45.22
CA GLY J 42 65.57 51.34 -46.45
C GLY J 42 64.36 51.49 -47.37
N VAL J 43 63.36 52.26 -46.95
CA VAL J 43 62.18 52.47 -47.77
C VAL J 43 62.51 53.43 -48.91
N ASP J 44 62.03 53.13 -50.12
CA ASP J 44 62.30 54.01 -51.23
C ASP J 44 61.29 55.14 -51.28
N THR J 45 61.80 56.36 -51.38
CA THR J 45 60.96 57.54 -51.39
C THR J 45 59.77 57.43 -52.33
N ASN J 46 59.93 56.70 -53.43
CA ASN J 46 58.83 56.57 -54.37
C ASN J 46 57.80 55.57 -53.89
N ASP J 47 58.18 54.74 -52.94
CA ASP J 47 57.25 53.77 -52.39
C ASP J 47 56.43 54.37 -51.25
N ILE J 48 56.46 55.71 -51.16
CA ILE J 48 55.74 56.40 -50.10
C ILE J 48 54.68 57.35 -50.63
N ASP J 49 53.41 57.11 -50.32
CA ASP J 49 52.33 57.99 -50.79
C ASP J 49 51.78 58.75 -49.59
N VAL J 50 51.67 60.06 -49.74
CA VAL J 50 51.17 60.90 -48.67
C VAL J 50 49.87 61.56 -49.08
N ALA J 51 48.84 61.45 -48.26
CA ALA J 51 47.55 62.07 -48.55
C ALA J 51 47.20 63.07 -47.45
N TRP J 52 46.87 64.29 -47.85
CA TRP J 52 46.51 65.33 -46.90
C TRP J 52 45.01 65.47 -46.73
N VAL J 53 44.55 65.60 -45.49
CA VAL J 53 43.13 65.78 -45.20
C VAL J 53 42.98 67.00 -44.29
N PRO J 54 41.82 67.65 -44.28
CA PRO J 54 41.61 68.83 -43.43
C PRO J 54 42.06 68.65 -41.98
N GLY J 55 41.32 67.82 -41.23
CA GLY J 55 41.66 67.61 -39.84
C GLY J 55 41.74 66.13 -39.48
N ALA J 56 42.04 65.87 -38.21
CA ALA J 56 42.18 64.52 -37.70
C ALA J 56 40.90 63.70 -37.82
N PHE J 57 39.74 64.36 -37.84
CA PHE J 57 38.48 63.65 -37.96
C PHE J 57 38.45 62.94 -39.32
N GLU J 58 39.11 63.57 -40.30
CA GLU J 58 39.17 63.03 -41.66
C GLU J 58 40.20 61.92 -41.81
N ILE J 59 41.21 61.91 -40.94
CA ILE J 59 42.25 60.92 -41.07
C ILE J 59 41.77 59.49 -41.23
N PRO J 60 40.86 59.02 -40.37
CA PRO J 60 40.35 57.65 -40.48
C PRO J 60 39.78 57.34 -41.88
N PHE J 61 38.99 58.26 -42.40
CA PHE J 61 38.38 58.10 -43.70
C PHE J 61 39.42 57.85 -44.77
N ALA J 62 40.44 58.69 -44.82
CA ALA J 62 41.49 58.51 -45.82
C ALA J 62 42.35 57.28 -45.54
N ALA J 63 42.64 57.01 -44.28
CA ALA J 63 43.47 55.88 -43.92
C ALA J 63 42.82 54.57 -44.35
N LYS J 64 41.51 54.46 -44.15
CA LYS J 64 40.81 53.24 -44.52
C LYS J 64 40.84 53.05 -46.05
N LYS J 65 40.51 54.10 -46.78
CA LYS J 65 40.51 54.02 -48.23
C LYS J 65 41.87 53.65 -48.79
N MET J 66 42.92 54.26 -48.25
CA MET J 66 44.27 53.95 -48.73
C MET J 66 44.62 52.50 -48.42
N ALA J 67 44.27 52.05 -47.22
CA ALA J 67 44.56 50.68 -46.81
C ALA J 67 43.81 49.68 -47.68
N GLU J 68 42.59 50.05 -48.07
CA GLU J 68 41.75 49.18 -48.88
C GLU J 68 42.30 48.90 -50.26
N THR J 69 43.09 49.82 -50.79
CA THR J 69 43.69 49.62 -52.11
C THR J 69 44.67 48.45 -52.05
N LYS J 70 44.93 47.97 -50.84
CA LYS J 70 45.85 46.86 -50.61
C LYS J 70 47.20 47.11 -51.28
N LYS J 71 47.43 48.36 -51.64
CA LYS J 71 48.67 48.80 -52.26
C LYS J 71 49.79 49.05 -51.23
N TYR J 72 49.45 49.05 -49.95
CA TYR J 72 50.43 49.36 -48.90
C TYR J 72 50.65 48.29 -47.84
N ASP J 73 51.88 48.21 -47.33
CA ASP J 73 52.26 47.26 -46.29
C ASP J 73 51.85 47.73 -44.90
N ALA J 74 51.78 49.06 -44.76
CA ALA J 74 51.40 49.69 -43.52
C ALA J 74 51.00 51.12 -43.82
N ILE J 75 50.20 51.70 -42.94
CA ILE J 75 49.77 53.07 -43.11
C ILE J 75 50.05 53.86 -41.85
N ILE J 76 50.65 55.03 -42.02
CA ILE J 76 51.00 55.91 -40.91
C ILE J 76 50.05 57.10 -40.89
N THR J 77 49.39 57.31 -39.76
CA THR J 77 48.48 58.45 -39.62
C THR J 77 49.20 59.50 -38.79
N LEU J 78 49.23 60.73 -39.29
CA LEU J 78 49.91 61.83 -38.61
C LEU J 78 48.98 63.00 -38.39
N GLY J 79 48.84 63.40 -37.13
CA GLY J 79 47.97 64.51 -36.82
C GLY J 79 48.33 65.18 -35.52
N THR J 80 47.74 66.34 -35.28
CA THR J 80 48.00 67.08 -34.07
C THR J 80 46.73 67.79 -33.64
N VAL J 81 46.16 67.33 -32.54
CA VAL J 81 44.96 67.93 -32.01
C VAL J 81 45.39 68.56 -30.70
N ILE J 82 45.26 69.87 -30.61
CA ILE J 82 45.64 70.59 -29.39
C ILE J 82 44.35 71.04 -28.75
N ARG J 83 44.19 70.75 -27.47
CA ARG J 83 42.97 71.13 -26.76
C ARG J 83 42.66 72.62 -26.78
N GLY J 84 41.36 72.93 -26.80
CA GLY J 84 40.93 74.31 -26.83
C GLY J 84 40.03 74.63 -25.66
N ALA J 85 39.05 75.50 -25.90
CA ALA J 85 38.15 75.92 -24.84
C ALA J 85 36.95 75.03 -24.65
N THR J 86 36.62 74.23 -25.67
CA THR J 86 35.45 73.37 -25.62
C THR J 86 35.84 71.89 -25.61
N THR J 87 34.83 71.01 -25.62
CA THR J 87 35.10 69.58 -25.62
C THR J 87 35.31 69.06 -27.04
N HIS J 88 35.30 69.98 -28.01
CA HIS J 88 35.55 69.60 -29.39
C HIS J 88 36.75 68.64 -29.46
N TYR J 89 37.83 69.03 -28.79
CA TYR J 89 39.05 68.23 -28.72
C TYR J 89 38.74 66.74 -28.49
N ASP J 90 37.88 66.50 -27.51
CA ASP J 90 37.50 65.14 -27.15
C ASP J 90 36.95 64.31 -28.31
N TYR J 91 35.95 64.82 -28.99
CA TYR J 91 35.35 64.09 -30.10
C TYR J 91 36.34 63.88 -31.24
N VAL J 92 37.08 64.92 -31.61
CA VAL J 92 38.04 64.76 -32.69
C VAL J 92 39.04 63.68 -32.35
N CYS J 93 39.57 63.71 -31.14
CA CYS J 93 40.56 62.71 -30.74
C CYS J 93 39.97 61.30 -30.67
N ASN J 94 38.81 61.18 -30.04
CA ASN J 94 38.19 59.88 -29.92
C ASN J 94 37.88 59.29 -31.29
N GLU J 95 37.11 60.01 -32.10
CA GLU J 95 36.76 59.50 -33.41
C GLU J 95 38.00 59.17 -34.23
N ALA J 96 39.03 60.00 -34.15
CA ALA J 96 40.26 59.75 -34.90
C ALA J 96 40.87 58.41 -34.49
N ALA J 97 41.14 58.28 -33.20
CA ALA J 97 41.73 57.06 -32.65
C ALA J 97 40.84 55.83 -32.88
N LYS J 98 39.53 56.05 -32.77
CA LYS J 98 38.53 55.01 -32.95
C LYS J 98 38.61 54.51 -34.40
N GLY J 99 38.54 55.45 -35.34
CA GLY J 99 38.59 55.11 -36.74
C GLY J 99 39.92 54.59 -37.25
N ILE J 100 41.01 55.13 -36.74
CA ILE J 100 42.34 54.68 -37.16
C ILE J 100 42.54 53.24 -36.73
N ALA J 101 41.88 52.89 -35.63
CA ALA J 101 41.99 51.54 -35.12
C ALA J 101 41.14 50.59 -35.93
N GLN J 102 39.91 50.99 -36.23
CA GLN J 102 39.03 50.13 -37.00
C GLN J 102 39.45 50.02 -38.45
N ALA J 103 40.20 51.00 -38.96
CA ALA J 103 40.66 50.95 -40.34
C ALA J 103 41.56 49.73 -40.47
N ALA J 104 42.55 49.63 -39.60
CA ALA J 104 43.48 48.50 -39.61
C ALA J 104 42.74 47.17 -39.39
N ASN J 105 41.77 47.22 -38.49
CA ASN J 105 40.98 46.06 -38.16
C ASN J 105 40.27 45.47 -39.39
N THR J 106 39.41 46.29 -39.99
CA THR J 106 38.63 45.88 -41.15
C THR J 106 39.44 45.70 -42.40
N THR J 107 40.61 46.32 -42.45
CA THR J 107 41.46 46.27 -43.62
C THR J 107 42.57 45.20 -43.56
N GLY J 108 42.94 44.77 -42.36
CA GLY J 108 43.98 43.77 -42.24
C GLY J 108 45.38 44.37 -42.39
N VAL J 109 45.43 45.61 -42.86
CA VAL J 109 46.69 46.32 -43.05
C VAL J 109 47.00 47.11 -41.79
N PRO J 110 48.25 47.05 -41.30
CA PRO J 110 48.59 47.80 -40.08
C PRO J 110 48.40 49.31 -40.28
N VAL J 111 47.70 49.97 -39.37
CA VAL J 111 47.53 51.42 -39.45
C VAL J 111 48.05 52.00 -38.15
N ILE J 112 49.23 52.62 -38.24
CA ILE J 112 49.91 53.21 -37.09
C ILE J 112 49.28 54.53 -36.61
N PHE J 113 49.00 54.58 -35.31
CA PHE J 113 48.38 55.74 -34.67
C PHE J 113 49.42 56.78 -34.31
N GLY J 114 49.52 57.81 -35.14
CA GLY J 114 50.50 58.85 -34.91
C GLY J 114 49.88 60.22 -34.72
N ILE J 115 48.77 60.24 -34.01
CA ILE J 115 48.12 61.51 -33.74
C ILE J 115 48.51 62.04 -32.38
N VAL J 116 49.17 63.18 -32.40
CA VAL J 116 49.64 63.89 -31.21
C VAL J 116 48.47 64.65 -30.61
N THR J 117 48.12 64.32 -29.39
CA THR J 117 47.02 64.98 -28.72
C THR J 117 47.54 65.65 -27.47
N THR J 118 47.68 66.97 -27.52
CA THR J 118 48.21 67.73 -26.38
C THR J 118 47.30 68.78 -25.77
N GLU J 119 47.74 69.32 -24.64
CA GLU J 119 46.98 70.33 -23.92
C GLU J 119 47.34 71.71 -24.45
N ASN J 120 48.55 71.83 -24.98
CA ASN J 120 49.03 73.10 -25.51
C ASN J 120 50.06 72.92 -26.61
N ILE J 121 50.40 74.03 -27.25
CA ILE J 121 51.37 74.07 -28.34
C ILE J 121 52.72 73.54 -27.87
N GLU J 122 53.11 73.85 -26.65
CA GLU J 122 54.41 73.41 -26.16
C GLU J 122 54.56 71.91 -26.15
N GLN J 123 53.55 71.20 -25.64
CA GLN J 123 53.62 69.75 -25.60
C GLN J 123 53.61 69.19 -27.02
N ALA J 124 53.03 69.93 -27.96
CA ALA J 124 52.99 69.48 -29.32
C ALA J 124 54.41 69.56 -29.91
N ILE J 125 55.07 70.72 -29.75
CA ILE J 125 56.43 70.91 -30.26
C ILE J 125 57.36 69.92 -29.58
N GLU J 126 57.04 69.61 -28.33
CA GLU J 126 57.78 68.69 -27.49
C GLU J 126 57.87 67.30 -28.14
N ARG J 127 56.77 66.89 -28.78
CA ARG J 127 56.65 65.59 -29.41
C ARG J 127 56.80 65.57 -30.93
N ALA J 128 57.18 66.71 -31.50
CA ALA J 128 57.33 66.80 -32.94
C ALA J 128 58.77 67.08 -33.33
N GLY J 129 59.71 66.55 -32.55
CA GLY J 129 61.11 66.76 -32.87
C GLY J 129 61.87 67.60 -31.86
N THR J 130 61.54 67.43 -30.58
CA THR J 130 62.22 68.16 -29.51
C THR J 130 62.51 67.24 -28.34
N LYS J 131 62.20 67.71 -27.13
CA LYS J 131 62.43 66.97 -25.89
C LYS J 131 61.99 65.51 -25.95
N ALA J 132 60.76 65.28 -26.39
CA ALA J 132 60.21 63.93 -26.46
C ALA J 132 60.44 63.18 -27.76
N GLY J 133 61.32 63.69 -28.62
CA GLY J 133 61.55 63.05 -29.88
C GLY J 133 60.54 63.51 -30.92
N ASN J 134 60.37 62.73 -31.97
CA ASN J 134 59.43 63.07 -33.03
C ASN J 134 58.48 61.91 -33.19
N LYS J 135 57.22 62.11 -32.83
CA LYS J 135 56.26 61.01 -32.93
C LYS J 135 56.19 60.44 -34.36
N GLY J 136 56.49 61.29 -35.34
CA GLY J 136 56.47 60.84 -36.72
C GLY J 136 57.52 59.77 -36.96
N VAL J 137 58.70 59.97 -36.39
CA VAL J 137 59.79 59.01 -36.53
C VAL J 137 59.43 57.72 -35.82
N ASP J 138 58.81 57.85 -34.66
CA ASP J 138 58.43 56.67 -33.91
C ASP J 138 57.39 55.90 -34.66
N CYS J 139 56.51 56.61 -35.36
CA CYS J 139 55.46 55.94 -36.11
C CYS J 139 56.01 55.27 -37.35
N ALA J 140 56.99 55.89 -37.98
CA ALA J 140 57.59 55.32 -39.17
C ALA J 140 58.17 53.96 -38.76
N VAL J 141 58.97 53.97 -37.71
CA VAL J 141 59.59 52.74 -37.23
C VAL J 141 58.53 51.68 -36.89
N SER J 142 57.44 52.09 -36.22
CA SER J 142 56.39 51.14 -35.89
C SER J 142 55.72 50.59 -37.15
N ALA J 143 55.57 51.45 -38.16
CA ALA J 143 54.96 51.05 -39.41
C ALA J 143 55.78 49.94 -40.02
N ILE J 144 57.09 50.14 -40.08
CA ILE J 144 58.00 49.14 -40.60
C ILE J 144 57.88 47.85 -39.82
N GLU J 145 57.99 47.93 -38.49
CA GLU J 145 57.89 46.73 -37.66
C GLU J 145 56.59 46.00 -37.94
N MET J 146 55.46 46.69 -37.86
CA MET J 146 54.18 46.06 -38.09
C MET J 146 54.05 45.44 -39.48
N ALA J 147 54.65 46.06 -40.48
CA ALA J 147 54.60 45.53 -41.84
C ALA J 147 55.32 44.20 -41.88
N ASN J 148 56.52 44.17 -41.33
CA ASN J 148 57.30 42.95 -41.30
C ASN J 148 56.62 41.88 -40.46
N LEU J 149 56.14 42.27 -39.28
CA LEU J 149 55.47 41.30 -38.42
C LEU J 149 54.24 40.74 -39.13
N ASN J 150 53.58 41.58 -39.91
CA ASN J 150 52.38 41.19 -40.62
C ASN J 150 52.60 40.10 -41.68
N ARG J 151 53.85 39.86 -42.04
CA ARG J 151 54.13 38.82 -43.02
C ARG J 151 53.89 37.48 -42.34
N SER J 152 54.22 37.43 -41.05
CA SER J 152 54.06 36.22 -40.26
C SER J 152 52.60 35.85 -40.07
N PHE J 153 51.69 36.69 -40.51
CA PHE J 153 50.26 36.42 -40.39
C PHE J 153 49.60 36.31 -41.75
N GLU J 154 49.53 35.10 -42.28
CA GLU J 154 48.93 34.90 -43.59
C GLU J 154 49.80 35.69 -44.58
P PO4 K . -32.21 -75.25 23.63
O1 PO4 K . -33.32 -76.12 23.20
O2 PO4 K . -31.38 -75.98 24.58
O3 PO4 K . -32.75 -74.03 24.28
O4 PO4 K . -31.40 -74.87 22.44
N1 INI L . -35.14 -68.44 16.48
C2 INI L . -36.54 -68.48 16.51
O2 INI L . -37.14 -67.70 15.72
N3 INI L . -37.10 -69.34 17.38
C4 INI L . -36.41 -70.19 18.23
O4 INI L . -37.14 -70.93 18.98
C5 INI L . -34.89 -70.14 18.17
N5 INI L . -34.17 -71.02 19.04
O51 INI L . -34.80 -71.80 19.81
O52 INI L . -32.93 -71.00 19.00
C6 INI L . -34.27 -69.24 17.22
N7 INI L . -32.90 -69.12 16.97
C8 INI L . -32.29 -67.96 17.68
C9 INI L . -31.89 -66.78 16.69
O9 INI L . -33.12 -66.35 16.13
C10 INI L . -30.93 -67.00 15.41
O10 INI L . -31.47 -67.98 14.56
C11 INI L . -29.31 -67.35 15.62
O11 INI L . -29.30 -67.26 17.09
C12 INI L . -28.04 -66.45 15.25
O12 INI L . -28.53 -65.13 15.17
P PO4 M . -50.47 -66.42 26.66
O1 PO4 M . -50.19 -66.06 25.25
O2 PO4 M . -51.74 -65.78 27.09
O3 PO4 M . -49.37 -65.94 27.54
O4 PO4 M . -50.59 -67.89 26.78
N1 INI N . -51.43 -56.24 25.48
C2 INI N . -52.01 -55.76 26.67
O2 INI N . -52.12 -54.52 26.81
N3 INI N . -52.37 -56.67 27.58
C4 INI N . -52.23 -58.03 27.44
O4 INI N . -52.63 -58.67 28.44
C5 INI N . -51.63 -58.55 26.12
N5 INI N . -51.52 -60.00 25.94
O51 INI N . -51.91 -60.81 26.83
O52 INI N . -51.00 -60.41 24.86
C6 INI N . -51.33 -57.58 25.11
N7 INI N . -51.00 -57.88 23.78
C8 INI N . -49.54 -57.79 23.51
C9 INI N . -49.15 -56.42 22.75
O9 INI N . -49.60 -55.36 23.59
C10 INI N . -49.72 -56.08 21.31
O10 INI N . -51.12 -56.12 21.40
C11 INI N . -49.30 -57.00 19.99
O11 INI N . -48.37 -57.90 20.67
C12 INI N . -48.40 -56.53 18.72
O12 INI N . -47.31 -55.77 19.30
P PO4 O . -49.37 -55.01 43.89
O1 PO4 O . -50.37 -54.65 42.86
O2 PO4 O . -48.90 -53.79 44.55
O3 PO4 O . -48.23 -55.71 43.25
O4 PO4 O . -50.00 -55.90 44.89
N1 INI P . -43.47 -46.32 43.96
C2 INI P . -42.54 -46.46 45.01
O2 INI P . -41.71 -45.53 45.14
N3 INI P . -42.64 -47.56 45.79
C4 INI P . -43.56 -48.56 45.62
O4 INI P . -43.48 -49.51 46.45
C5 INI P . -44.57 -48.39 44.49
N5 INI P . -45.55 -49.41 44.37
O51 INI P . -45.55 -50.39 45.16
O52 INI P . -46.39 -49.30 43.44
C6 INI P . -44.52 -47.21 43.70
N7 INI P . -45.44 -46.83 42.70
C8 INI P . -44.95 -47.14 41.33
C9 INI P . -44.53 -45.83 40.52
O9 INI P . -43.42 -45.29 41.26
C10 INI P . -45.56 -44.58 40.30
O10 INI P . -46.03 -44.15 41.53
C11 INI P . -46.89 -44.74 39.30
O11 INI P . -46.62 -46.09 38.85
C12 INI P . -47.18 -44.04 37.91
O12 INI P . -45.89 -43.68 37.45
P PO4 Q . -29.87 -56.57 51.34
O1 PO4 Q . -30.90 -55.52 51.37
O2 PO4 Q . -28.52 -55.94 51.34
O3 PO4 Q . -30.03 -57.38 50.11
O4 PO4 Q . -29.99 -57.45 52.54
P PO4 R . -19.39 -69.03 38.73
O1 PO4 R . -18.54 -68.09 39.47
O2 PO4 R . -19.38 -70.34 39.42
O3 PO4 R . -18.87 -69.20 37.36
O4 PO4 R . -20.78 -68.53 38.65
N1 INI S . -22.30 -52.31 46.12
C2 INI S . -21.41 -53.39 45.87
O2 INI S . -20.41 -53.15 45.16
N3 INI S . -21.72 -54.57 46.43
C4 INI S . -22.83 -54.81 47.21
O4 INI S . -22.94 -55.98 47.63
C5 INI S . -23.77 -53.67 47.47
N5 INI S . -24.88 -53.94 48.29
O51 INI S . -25.07 -55.07 48.77
O52 INI S . -25.68 -53.00 48.52
C6 INI S . -23.44 -52.39 46.93
N7 INI S . -24.14 -51.19 47.17
C8 INI S . -25.07 -50.81 46.06
C9 INI S . -24.53 -49.60 45.19
O9 INI S . -23.32 -50.08 44.63
C10 INI S . -24.18 -48.15 45.87
O10 INI S . -23.19 -48.30 46.85
C11 INI S . -25.40 -47.18 46.53
O11 INI S . -26.54 -48.02 46.19
C12 INI S . -25.95 -45.75 46.01
O12 INI S . -25.52 -45.69 44.65
N1 INI T . -17.08 -65.88 29.19
C2 INI T . -17.61 -66.85 28.31
O2 INI T . -17.45 -66.64 27.07
N3 INI T . -18.24 -67.91 28.87
C4 INI T . -18.38 -68.12 30.23
O4 INI T . -19.00 -69.17 30.55
C5 INI T . -17.76 -67.08 31.16
N5 INI T . -17.88 -67.33 32.56
O51 INI T . -18.47 -68.35 32.97
O52 INI T . -17.40 -66.50 33.35
C6 INI T . -17.07 -65.96 30.59
N7 INI T . -16.39 -64.96 31.29
C8 INI T . -17.21 -63.70 31.45
C9 INI T . -16.67 -62.52 30.55
O9 INI T . -16.85 -62.97 29.23
C10 INI T . -15.15 -61.98 30.62
O10 INI T . -14.26 -63.03 30.37
C11 INI T . -14.56 -61.19 31.98
O11 INI T . -15.79 -61.17 32.77
C12 INI T . -14.09 -59.68 32.09
O12 INI T . -14.76 -59.04 31.02
P PO4 U . 52.77 61.63 -22.99
O1 PO4 U . 53.53 62.52 -22.05
O2 PO4 U . 52.83 60.22 -22.51
O3 PO4 U . 53.37 61.72 -24.36
O4 PO4 U . 51.34 62.07 -23.04
N1 INI V . 52.01 51.87 -25.86
C2 INI V . 51.95 51.12 -24.67
O2 INI V . 51.83 49.86 -24.75
N3 INI V . 52.03 51.84 -23.52
C4 INI V . 52.18 53.20 -23.44
O4 INI V . 52.23 53.63 -22.25
C5 INI V . 52.29 53.99 -24.74
N5 INI V . 52.50 55.44 -24.60
O51 INI V . 52.55 55.96 -23.43
O52 INI V . 52.63 56.18 -25.66
C6 INI V . 52.24 53.24 -25.97
N7 INI V . 52.42 53.75 -27.27
C8 INI V . 51.11 54.01 -27.98
C9 INI V . 50.77 52.92 -29.10
O9 INI V . 50.69 51.68 -28.41
C10 INI V . 51.73 52.64 -30.38
O10 INI V . 53.01 52.16 -29.99
C11 INI V . 52.01 53.84 -31.51
O11 INI V . 51.18 54.86 -30.86
C12 INI V . 51.46 53.88 -33.03
O12 INI V . 50.28 53.06 -33.06
P PO4 W . 43.84 48.54 -9.41
O1 PO4 W . 42.71 49.26 -10.08
O2 PO4 W . 43.79 48.76 -7.95
O3 PO4 W . 45.14 49.04 -9.94
O4 PO4 W . 43.74 47.08 -9.69
N1 INI X . 36.92 41.78 -12.97
C2 INI X . 35.75 41.94 -12.17
O2 INI X . 34.78 41.16 -12.41
N3 INI X . 35.80 42.90 -11.21
C4 INI X . 36.88 43.71 -10.94
O4 INI X . 36.72 44.54 -10.00
C5 INI X . 38.13 43.49 -11.78
N5 INI X . 39.25 44.30 -11.46
O51 INI X . 39.16 45.10 -10.53
O52 INI X . 40.30 44.16 -12.15
C6 INI X . 38.13 42.46 -12.78
N7 INI X . 39.23 42.07 -13.54
C8 INI X . 39.20 42.59 -14.94
C9 INI X . 38.86 41.46 -16.00
O9 INI X . 37.56 41.04 -15.65
C10 INI X . 39.72 40.10 -16.16
O10 INI X . 39.71 39.37 -14.96
C11 INI X . 41.30 40.13 -16.71
O11 INI X . 41.36 41.56 -16.97
C12 INI X . 41.90 39.54 -18.07
O12 INI X . 40.79 39.43 -18.96
P PO4 Y . 24.13 53.76 -7.24
O1 PO4 Y . 22.68 53.71 -7.59
O2 PO4 Y . 24.28 54.52 -5.95
O3 PO4 Y . 24.91 54.45 -8.33
O4 PO4 Y . 24.65 52.37 -7.06
N1 INI Z . 17.39 52.26 -15.21
C2 INI Z . 16.72 53.48 -15.47
O2 INI Z . 15.86 53.47 -16.37
N3 INI Z . 17.06 54.55 -14.69
C4 INI Z . 17.99 54.53 -13.67
O4 INI Z . 18.16 55.63 -13.07
C5 INI Z . 18.69 53.20 -13.38
N5 INI Z . 19.62 53.20 -12.31
O51 INI Z . 19.86 54.25 -11.68
O52 INI Z . 20.22 52.13 -12.04
C6 INI Z . 18.32 52.04 -14.16
N7 INI Z . 18.78 50.73 -13.95
C8 INI Z . 19.86 50.34 -14.88
C9 INI Z . 19.34 49.30 -15.96
O9 INI Z . 18.31 50.00 -16.64
C10 INI Z . 18.67 47.90 -15.57
O10 INI Z . 17.55 48.12 -14.78
C11 INI Z . 19.57 46.68 -14.85
O11 INI Z . 20.87 47.34 -14.86
C12 INI Z . 19.95 45.23 -15.45
O12 INI Z . 19.89 45.34 -16.90
P PO4 AA . 20.24 70.12 -19.60
O1 PO4 AA . 20.24 71.41 -18.84
O2 PO4 AA . 20.07 69.00 -18.65
O3 PO4 AA . 21.53 69.97 -20.35
O4 PO4 AA . 19.10 70.12 -20.56
N1 INI BA . 20.48 68.95 -29.98
C2 INI BA . 21.48 69.82 -30.45
O2 INI BA . 21.73 69.86 -31.72
N3 INI BA . 22.09 70.56 -29.48
C4 INI BA . 21.81 70.53 -28.14
O4 INI BA . 22.50 71.30 -27.44
C5 INI BA . 20.74 69.61 -27.69
N5 INI BA . 20.48 69.63 -26.30
O51 INI BA . 21.12 70.40 -25.57
O52 INI BA . 19.60 68.88 -25.85
C6 INI BA . 20.05 68.84 -28.66
N7 INI BA . 18.96 68.01 -28.39
C8 INI BA . 19.41 66.59 -28.19
C9 INI BA . 18.99 65.64 -29.39
O9 INI BA . 19.69 66.15 -30.52
C10 INI BA . 17.46 65.51 -29.83
O10 INI BA . 16.94 66.79 -30.02
C11 INI BA . 16.37 64.71 -28.84
O11 INI BA . 17.34 64.29 -27.84
C12 INI BA . 15.62 63.31 -29.12
O12 INI BA . 15.42 63.29 -30.56
P PO4 CA . 37.95 75.10 -29.26
O1 PO4 CA . 36.77 75.51 -28.45
O2 PO4 CA . 37.59 75.15 -30.71
O3 PO4 CA . 38.35 73.71 -28.88
O4 PO4 CA . 39.09 76.04 -29.00
N1 INI DA . 41.77 68.55 -36.49
C2 INI DA . 43.08 68.24 -36.05
O2 INI DA . 43.73 67.43 -36.76
N3 INI DA . 43.52 68.84 -34.91
C4 INI DA . 42.78 69.73 -34.15
O4 INI DA . 43.35 70.17 -33.13
C5 INI DA . 41.38 70.07 -34.66
N5 INI DA . 40.64 71.02 -33.90
O51 INI DA . 41.13 71.52 -32.88
O52 INI DA . 39.48 71.32 -34.29
C6 INI DA . 40.92 69.48 -35.89
N7 INI DA . 39.71 69.77 -36.52
C8 INI DA . 38.65 68.74 -36.28
C9 INI DA . 38.39 67.81 -37.55
O9 INI DA . 39.64 67.18 -37.78
C10 INI DA . 37.97 68.41 -39.00
O10 INI DA . 38.95 69.28 -39.49
C11 INI DA . 36.47 69.15 -39.20
O11 INI DA . 35.95 68.92 -37.86
C12 INI DA . 35.23 68.67 -40.11
O12 INI DA . 35.43 67.27 -40.30
#